data_6DCA
#
_entry.id   6DCA
#
_cell.length_a   54.010
_cell.length_b   59.704
_cell.length_c   143.846
_cell.angle_alpha   89.43
_cell.angle_beta   92.69
_cell.angle_gamma   97.35
#
_symmetry.space_group_name_H-M   'P 1'
#
loop_
_entity.id
_entity.type
_entity.pdbx_description
1 polymer 'Fab light chain'
2 polymer 'Fab heavy chain'
3 polymer 'Microtubule-associated protein tau'
4 non-polymer 'PHOSPHATE ION'
5 water water
#
loop_
_entity_poly.entity_id
_entity_poly.type
_entity_poly.pdbx_seq_one_letter_code
_entity_poly.pdbx_strand_id
1 'polypeptide(L)'
;DVQMTQTPLTLSVTIGQPASISCKSSQSLLYSNGKTYLNWLLQRPGQSPKRLIYLVSKLDSGVPDRFTGSGSGTDFTLKI
SRVEAEDLGVYYCVQGTHSPLTFGAGTKLELKRADAAPTVSIFPPSSEQLTSGGASVVCFLNNFYPKDINVKWKIDGSER
QNGVLNSWTDQDSKDSTYSMSSTLTLTKDEYERHNSYTCEATHKTSTSPIVKSFNRNE
;
L,M,N,O
2 'polypeptide(L)'
;VQLQQSGPELVKPGASVKISCKTSEYTFTEYTKHWVKQSHGKSLEWIGSINPNNGDTYYNQKFTDKATLTVDKSSTTASM
ELRSLTFEDSAVYYCAMGDSAWFAYWGQGTLVTVSSAKTTPPSVYPLAPGSAAQTNSMVTLGCLVKGYFPEPVTVTWNSG
SLSSGVHTFPAVLQSDLYTLSSSVTVPSSTWPSETVTCNVAHPASSTKVDKKIVPRDCGCK
;
H,I,J,K
3 'polypeptide(L)' RENAKAKTDHGAEIVYKSPVVSGDTSPRHL(NH2) P,Q,R,S
#
loop_
_chem_comp.id
_chem_comp.type
_chem_comp.name
_chem_comp.formula
NH2 non-polymer 'AMINO GROUP' 'H2 N'
PO4 non-polymer 'PHOSPHATE ION' 'O4 P -3'
#
# COMPACT_ATOMS: atom_id res chain seq x y z
N ASP A 1 25.67 -45.20 4.31
CA ASP A 1 24.48 -44.91 5.12
C ASP A 1 23.35 -45.85 4.73
N VAL A 2 22.68 -46.45 5.71
CA VAL A 2 21.62 -47.40 5.37
C VAL A 2 20.44 -46.64 4.79
N GLN A 3 20.08 -47.00 3.58
CA GLN A 3 18.92 -46.40 2.95
C GLN A 3 17.67 -47.12 3.45
N MET A 4 16.64 -46.34 3.83
CA MET A 4 15.40 -46.84 4.42
C MET A 4 14.25 -46.43 3.50
N THR A 5 13.71 -47.37 2.73
CA THR A 5 12.68 -47.08 1.74
C THR A 5 11.30 -47.44 2.30
N GLN A 6 10.52 -46.42 2.61
CA GLN A 6 9.21 -46.60 3.20
C GLN A 6 8.14 -46.52 2.12
N THR A 7 7.10 -47.36 2.24
CA THR A 7 6.08 -47.46 1.21
C THR A 7 4.74 -47.91 1.80
N PRO A 8 3.62 -47.29 1.41
CA PRO A 8 3.50 -46.14 0.50
C PRO A 8 3.91 -44.84 1.17
N LEU A 9 4.03 -43.77 0.39
CA LEU A 9 4.32 -42.45 0.94
C LEU A 9 3.09 -41.79 1.53
N THR A 10 1.91 -42.04 0.97
CA THR A 10 0.64 -41.59 1.51
C THR A 10 -0.30 -42.78 1.61
N LEU A 11 -1.31 -42.64 2.46
CA LEU A 11 -2.28 -43.68 2.74
C LEU A 11 -3.60 -43.00 3.04
N SER A 12 -4.67 -43.61 2.57
CA SER A 12 -5.99 -43.07 2.85
C SER A 12 -6.90 -44.25 3.14
N VAL A 13 -7.54 -44.21 4.30
CA VAL A 13 -8.14 -45.38 4.92
C VAL A 13 -9.49 -44.97 5.51
N THR A 14 -10.54 -45.70 5.15
CA THR A 14 -11.80 -45.49 5.84
C THR A 14 -11.69 -46.07 7.25
N ILE A 15 -12.21 -45.33 8.23
CA ILE A 15 -12.08 -45.74 9.61
C ILE A 15 -12.68 -47.14 9.78
N GLY A 16 -11.98 -47.99 10.55
CA GLY A 16 -12.33 -49.38 10.74
C GLY A 16 -11.59 -50.31 9.79
N GLN A 17 -11.28 -49.84 8.60
CA GLN A 17 -10.42 -50.59 7.70
C GLN A 17 -8.98 -50.62 8.23
N PRO A 18 -8.18 -51.58 7.76
CA PRO A 18 -6.78 -51.67 8.17
C PRO A 18 -5.85 -50.80 7.33
N ALA A 19 -4.63 -50.61 7.85
CA ALA A 19 -3.56 -49.95 7.13
C ALA A 19 -2.30 -50.81 7.17
N SER A 20 -1.36 -50.52 6.26
CA SER A 20 -0.09 -51.24 6.22
C SER A 20 1.00 -50.35 5.64
N ILE A 21 2.16 -50.36 6.27
CA ILE A 21 3.31 -49.58 5.84
C ILE A 21 4.52 -50.49 5.85
N SER A 22 5.29 -50.45 4.76
CA SER A 22 6.44 -51.31 4.58
C SER A 22 7.71 -50.48 4.66
N CYS A 23 8.76 -51.10 5.18
CA CYS A 23 10.07 -50.47 5.30
C CYS A 23 11.11 -51.47 4.80
N LYS A 24 11.85 -51.09 3.75
CA LYS A 24 12.91 -51.92 3.21
C LYS A 24 14.25 -51.21 3.36
N SER A 25 15.29 -51.97 3.69
CA SER A 25 16.61 -51.40 3.98
C SER A 25 17.68 -51.94 3.03
N SER A 26 18.63 -51.09 2.69
CA SER A 26 19.74 -51.50 1.84
C SER A 26 20.66 -52.49 2.54
N GLN A 27 20.85 -52.37 3.85
CA GLN A 27 21.63 -53.29 4.67
C GLN A 27 20.72 -54.07 5.61
N SER A 28 21.26 -55.15 6.15
CA SER A 28 20.59 -55.86 7.24
C SER A 28 20.62 -55.04 8.52
N LEU A 29 19.59 -55.18 9.32
CA LEU A 29 19.57 -54.44 10.57
C LEU A 29 19.88 -55.33 11.78
N LEU A 30 20.02 -56.63 11.56
CA LEU A 30 20.45 -57.55 12.61
C LEU A 30 21.80 -57.14 13.19
N TYR A 31 21.85 -56.95 14.50
CA TYR A 31 23.08 -56.59 15.20
C TYR A 31 23.72 -57.84 15.78
N SER A 32 25.04 -57.78 15.97
CA SER A 32 25.78 -58.98 16.36
C SER A 32 25.33 -59.56 17.70
N ASN A 33 24.53 -58.85 18.49
CA ASN A 33 23.97 -59.42 19.71
C ASN A 33 22.60 -60.05 19.48
N GLY A 34 22.23 -60.29 18.22
CA GLY A 34 20.95 -60.92 17.92
C GLY A 34 19.73 -60.02 17.96
N LYS A 35 19.88 -58.73 18.28
CA LYS A 35 18.77 -57.80 18.33
C LYS A 35 18.80 -56.87 17.12
N THR A 36 17.62 -56.55 16.61
CA THR A 36 17.49 -55.69 15.42
C THR A 36 16.91 -54.36 15.86
N TYR A 37 17.67 -53.28 15.66
CA TYR A 37 17.31 -51.96 16.19
C TYR A 37 16.55 -51.18 15.12
N LEU A 38 15.26 -51.48 15.02
CA LEU A 38 14.32 -50.85 14.10
C LEU A 38 13.10 -50.40 14.91
N ASN A 39 12.80 -49.11 14.85
CA ASN A 39 11.66 -48.52 15.53
C ASN A 39 10.61 -48.04 14.55
N TRP A 40 9.37 -48.00 15.03
CA TRP A 40 8.27 -47.33 14.34
C TRP A 40 7.80 -46.17 15.19
N LEU A 41 7.77 -44.98 14.58
CA LEU A 41 7.42 -43.72 15.22
C LEU A 41 6.16 -43.16 14.57
N LEU A 42 5.39 -42.41 15.35
CA LEU A 42 4.28 -41.62 14.81
C LEU A 42 4.48 -40.15 15.13
N GLN A 43 4.18 -39.28 14.15
CA GLN A 43 4.22 -37.84 14.37
C GLN A 43 2.95 -37.20 13.86
N ARG A 44 2.21 -36.54 14.76
CA ARG A 44 1.13 -35.63 14.38
C ARG A 44 1.71 -34.24 14.14
N PRO A 45 1.18 -33.48 13.17
CA PRO A 45 1.88 -32.26 12.73
C PRO A 45 2.07 -31.28 13.87
N GLY A 46 3.18 -30.55 13.82
CA GLY A 46 3.50 -29.59 14.87
C GLY A 46 4.07 -30.20 16.13
N GLN A 47 3.57 -31.38 16.50
CA GLN A 47 4.02 -32.13 17.66
C GLN A 47 5.33 -32.86 17.39
N SER A 48 5.77 -33.63 18.35
CA SER A 48 7.03 -34.34 18.27
C SER A 48 6.80 -35.84 18.11
N PRO A 49 7.80 -36.58 17.67
CA PRO A 49 7.60 -38.02 17.46
C PRO A 49 7.25 -38.76 18.74
N LYS A 50 6.41 -39.78 18.58
CA LYS A 50 6.06 -40.73 19.64
C LYS A 50 6.44 -42.12 19.14
N ARG A 51 6.94 -42.97 20.05
CA ARG A 51 7.39 -44.31 19.67
C ARG A 51 6.22 -45.29 19.77
N LEU A 52 6.15 -46.21 18.82
CA LEU A 52 5.06 -47.18 18.79
C LEU A 52 5.55 -48.61 18.86
N ILE A 53 6.61 -48.92 18.14
CA ILE A 53 7.17 -50.27 18.07
C ILE A 53 8.67 -50.12 18.19
N TYR A 54 9.28 -50.98 19.00
CA TYR A 54 10.72 -51.04 19.09
C TYR A 54 11.14 -52.49 18.95
N LEU A 55 12.40 -52.69 18.53
CA LEU A 55 12.93 -54.03 18.29
C LEU A 55 12.00 -54.81 17.38
N VAL A 56 11.48 -54.13 16.35
CA VAL A 56 10.71 -54.72 15.25
C VAL A 56 9.27 -55.05 15.61
N SER A 57 9.04 -55.55 16.83
CA SER A 57 7.68 -56.00 17.14
C SER A 57 7.13 -55.61 18.50
N LYS A 58 7.93 -55.07 19.43
CA LYS A 58 7.45 -54.84 20.79
C LYS A 58 6.67 -53.52 20.86
N LEU A 59 5.45 -53.58 21.38
CA LEU A 59 4.70 -52.35 21.61
C LEU A 59 5.29 -51.58 22.78
N ASP A 60 5.37 -50.25 22.61
CA ASP A 60 5.76 -49.36 23.69
C ASP A 60 4.63 -49.26 24.71
N SER A 61 4.93 -48.66 25.87
CA SER A 61 4.11 -48.91 27.06
C SER A 61 2.65 -48.54 26.84
N GLY A 62 2.38 -47.44 26.16
CA GLY A 62 1.01 -46.95 26.06
C GLY A 62 0.26 -47.26 24.79
N VAL A 63 0.83 -48.03 23.87
CA VAL A 63 0.36 -48.03 22.48
C VAL A 63 -0.79 -49.00 22.27
N PRO A 64 -1.82 -48.64 21.52
CA PRO A 64 -2.93 -49.57 21.27
C PRO A 64 -2.44 -50.84 20.59
N ASP A 65 -3.28 -51.87 20.64
CA ASP A 65 -2.89 -53.20 20.18
C ASP A 65 -3.25 -53.47 18.72
N ARG A 66 -4.08 -52.63 18.09
CA ARG A 66 -4.25 -52.82 16.66
C ARG A 66 -2.96 -52.54 15.90
N PHE A 67 -1.95 -51.99 16.59
CA PHE A 67 -0.61 -51.85 16.03
C PHE A 67 0.17 -53.15 16.20
N THR A 68 0.75 -53.64 15.11
CA THR A 68 1.70 -54.75 15.17
C THR A 68 2.86 -54.45 14.23
N GLY A 69 4.00 -55.02 14.56
CA GLY A 69 5.18 -54.90 13.72
C GLY A 69 5.82 -56.25 13.49
N SER A 70 6.27 -56.48 12.27
CA SER A 70 6.88 -57.74 11.90
C SER A 70 8.02 -57.49 10.92
N GLY A 71 8.68 -58.56 10.52
CA GLY A 71 9.80 -58.50 9.61
C GLY A 71 11.07 -59.05 10.23
N SER A 72 12.13 -59.01 9.42
CA SER A 72 13.45 -59.47 9.81
C SER A 72 14.42 -59.06 8.70
N GLY A 73 15.69 -58.97 9.06
CA GLY A 73 16.73 -58.65 8.09
C GLY A 73 16.55 -57.32 7.40
N THR A 74 15.83 -57.31 6.28
CA THR A 74 15.71 -56.12 5.44
C THR A 74 14.29 -55.72 5.06
N ASP A 75 13.27 -56.49 5.44
CA ASP A 75 11.88 -56.14 5.17
C ASP A 75 11.13 -56.10 6.49
N PHE A 76 10.49 -54.98 6.77
CA PHE A 76 9.71 -54.81 8.00
C PHE A 76 8.36 -54.22 7.63
N THR A 77 7.34 -54.55 8.41
CA THR A 77 6.00 -54.02 8.18
C THR A 77 5.35 -53.60 9.48
N LEU A 78 4.75 -52.42 9.49
CA LEU A 78 3.83 -51.98 10.53
C LEU A 78 2.40 -52.18 10.06
N LYS A 79 1.56 -52.81 10.90
CA LYS A 79 0.16 -53.06 10.58
C LYS A 79 -0.77 -52.48 11.65
N ILE A 80 -1.83 -51.84 11.18
CA ILE A 80 -2.93 -51.35 12.01
C ILE A 80 -4.19 -52.07 11.55
N SER A 81 -4.83 -52.83 12.44
CA SER A 81 -5.95 -53.64 11.99
C SER A 81 -7.22 -52.81 11.82
N ARG A 82 -7.47 -51.87 12.72
CA ARG A 82 -8.61 -50.97 12.63
C ARG A 82 -8.10 -49.55 12.87
N VAL A 83 -8.09 -48.76 11.86
CA VAL A 83 -7.57 -47.41 12.01
C VAL A 83 -8.66 -46.51 12.57
N GLU A 84 -8.25 -45.52 13.34
CA GLU A 84 -9.17 -44.58 13.97
C GLU A 84 -8.63 -43.17 13.76
N ALA A 85 -9.42 -42.16 14.16
CA ALA A 85 -9.03 -40.78 13.91
C ALA A 85 -7.72 -40.41 14.58
N GLU A 86 -7.45 -41.01 15.74
CA GLU A 86 -6.26 -40.69 16.53
C GLU A 86 -4.97 -41.06 15.78
N ASP A 87 -5.06 -42.05 14.91
CA ASP A 87 -3.88 -42.59 14.28
C ASP A 87 -3.33 -41.71 13.18
N LEU A 88 -3.86 -40.51 12.99
CA LEU A 88 -3.44 -39.68 11.86
C LEU A 88 -2.02 -39.16 12.08
N GLY A 89 -1.37 -38.75 10.99
CA GLY A 89 -0.03 -38.22 11.12
C GLY A 89 0.95 -38.92 10.19
N VAL A 90 2.23 -38.82 10.54
CA VAL A 90 3.33 -39.30 9.71
C VAL A 90 4.07 -40.39 10.46
N TYR A 91 4.12 -41.57 9.86
CA TYR A 91 4.78 -42.75 10.41
C TYR A 91 6.17 -42.87 9.79
N TYR A 92 7.19 -43.04 10.61
CA TYR A 92 8.52 -43.28 10.09
C TYR A 92 9.06 -44.60 10.60
N CYS A 93 9.85 -45.27 9.77
CA CYS A 93 10.76 -46.25 10.33
C CYS A 93 12.09 -45.56 10.62
N VAL A 94 12.81 -46.07 11.62
CA VAL A 94 14.17 -45.61 11.89
C VAL A 94 14.98 -46.83 12.30
N GLN A 95 16.21 -46.93 11.79
CA GLN A 95 17.13 -47.99 12.14
C GLN A 95 18.26 -47.39 12.96
N GLY A 96 18.76 -48.18 13.93
CA GLY A 96 19.86 -47.74 14.77
C GLY A 96 20.93 -48.80 14.97
N THR A 97 20.78 -49.95 14.32
CA THR A 97 21.88 -50.91 14.26
C THR A 97 23.13 -50.24 13.68
N HIS A 98 22.99 -49.64 12.50
CA HIS A 98 24.12 -49.06 11.78
C HIS A 98 24.26 -47.58 12.06
N SER A 99 25.44 -47.10 11.89
CA SER A 99 25.55 -45.68 12.06
C SER A 99 25.90 -45.07 10.71
N PRO A 100 25.36 -43.88 10.36
CA PRO A 100 24.42 -43.02 11.07
C PRO A 100 23.01 -43.60 11.16
N LEU A 101 22.29 -43.24 12.21
CA LEU A 101 20.87 -43.55 12.26
C LEU A 101 20.18 -42.92 11.07
N THR A 102 19.27 -43.67 10.45
CA THR A 102 18.59 -43.17 9.27
C THR A 102 17.11 -43.48 9.37
N PHE A 103 16.28 -42.52 8.94
CA PHE A 103 14.83 -42.63 8.94
C PHE A 103 14.29 -42.83 7.53
N GLY A 104 13.16 -43.52 7.44
CA GLY A 104 12.38 -43.49 6.23
C GLY A 104 11.93 -42.08 5.90
N ALA A 105 11.40 -41.92 4.68
CA ALA A 105 10.90 -40.61 4.28
C ALA A 105 9.66 -40.24 5.08
N GLY A 106 8.84 -41.21 5.42
CA GLY A 106 7.62 -40.98 6.17
C GLY A 106 6.44 -41.58 5.43
N THR A 107 5.34 -41.66 6.16
CA THR A 107 4.08 -42.08 5.58
C THR A 107 2.97 -41.27 6.23
N LYS A 108 2.35 -40.37 5.46
CA LYS A 108 1.19 -39.63 5.94
C LYS A 108 -0.02 -40.54 5.85
N LEU A 109 -0.68 -40.76 6.99
CA LEU A 109 -1.89 -41.56 7.01
C LEU A 109 -3.07 -40.62 7.08
N GLU A 110 -3.98 -40.74 6.12
CA GLU A 110 -5.14 -39.86 6.01
C GLU A 110 -6.42 -40.65 6.21
N LEU A 111 -7.29 -40.16 7.07
CA LEU A 111 -8.54 -40.81 7.36
C LEU A 111 -9.61 -40.38 6.37
N LYS A 112 -10.44 -41.34 5.96
CA LYS A 112 -11.56 -41.07 5.09
C LYS A 112 -12.85 -41.10 5.90
N ARG A 113 -13.78 -40.21 5.55
CA ARG A 113 -15.05 -40.06 6.24
C ARG A 113 -16.07 -39.59 5.23
N ALA A 114 -17.30 -39.38 5.69
CA ALA A 114 -18.33 -38.88 4.80
C ALA A 114 -18.11 -37.40 4.48
N ASP A 115 -18.46 -37.01 3.25
CA ASP A 115 -18.41 -35.61 2.84
C ASP A 115 -18.94 -34.67 3.93
N ALA A 116 -18.37 -33.46 4.01
CA ALA A 116 -18.82 -32.46 4.95
C ALA A 116 -18.70 -31.08 4.31
N ALA A 117 -19.68 -30.23 4.55
CA ALA A 117 -19.55 -28.90 3.99
C ALA A 117 -18.71 -28.02 4.92
N PRO A 118 -18.06 -26.99 4.40
CA PRO A 118 -17.48 -25.98 5.28
C PRO A 118 -18.57 -25.16 5.89
N THR A 119 -18.40 -24.82 7.16
CA THR A 119 -19.12 -23.71 7.74
C THR A 119 -18.26 -22.49 7.46
N VAL A 120 -18.76 -21.63 6.57
CA VAL A 120 -18.01 -20.48 6.05
C VAL A 120 -18.42 -19.23 6.83
N SER A 121 -17.46 -18.36 7.09
CA SER A 121 -17.65 -17.13 7.85
C SER A 121 -16.86 -16.03 7.16
N ILE A 122 -17.45 -14.86 7.06
CA ILE A 122 -16.75 -13.73 6.46
C ILE A 122 -16.65 -12.66 7.52
N PHE A 123 -15.55 -11.92 7.50
CA PHE A 123 -15.33 -10.87 8.47
C PHE A 123 -14.83 -9.59 7.81
N PRO A 124 -15.58 -8.51 7.89
CA PRO A 124 -15.12 -7.23 7.31
C PRO A 124 -13.87 -6.76 8.03
N PRO A 125 -13.10 -5.85 7.43
CA PRO A 125 -11.92 -5.34 8.12
C PRO A 125 -12.31 -4.72 9.45
N SER A 126 -11.43 -4.89 10.42
CA SER A 126 -11.69 -4.28 11.70
C SER A 126 -11.51 -2.76 11.60
N SER A 127 -12.11 -2.06 12.54
CA SER A 127 -11.90 -0.62 12.59
C SER A 127 -10.49 -0.30 13.04
N GLU A 128 -9.88 -1.18 13.84
CA GLU A 128 -8.51 -0.97 14.30
C GLU A 128 -7.54 -0.97 13.13
N GLN A 129 -7.71 -1.90 12.19
CA GLN A 129 -6.84 -1.97 11.04
C GLN A 129 -7.17 -0.89 10.01
N LEU A 130 -8.44 -0.51 9.89
CA LEU A 130 -8.78 0.59 8.98
C LEU A 130 -8.11 1.87 9.43
N THR A 131 -8.03 2.10 10.74
CA THR A 131 -7.31 3.26 11.26
C THR A 131 -5.89 3.33 10.74
N SER A 132 -5.27 2.19 10.45
CA SER A 132 -3.90 2.12 9.96
C SER A 132 -3.80 2.19 8.43
N GLY A 133 -4.91 2.18 7.71
CA GLY A 133 -4.81 2.41 6.28
C GLY A 133 -4.77 1.16 5.45
N GLY A 134 -5.17 0.01 6.01
CA GLY A 134 -5.28 -1.22 5.27
C GLY A 134 -6.59 -1.91 5.62
N ALA A 135 -6.95 -2.89 4.80
CA ALA A 135 -8.19 -3.61 4.99
C ALA A 135 -7.99 -5.06 4.57
N SER A 136 -8.22 -5.97 5.50
CA SER A 136 -8.13 -7.39 5.24
C SER A 136 -9.49 -8.01 5.52
N VAL A 137 -10.10 -8.54 4.45
CA VAL A 137 -11.33 -9.33 4.53
C VAL A 137 -10.92 -10.79 4.73
N VAL A 138 -11.27 -11.36 5.89
CA VAL A 138 -10.86 -12.72 6.27
C VAL A 138 -12.03 -13.65 6.03
N CYS A 139 -11.77 -14.82 5.44
CA CYS A 139 -12.79 -15.84 5.27
C CYS A 139 -12.32 -17.17 5.86
N PHE A 140 -13.22 -17.85 6.56
CA PHE A 140 -12.94 -19.11 7.23
C PHE A 140 -13.82 -20.19 6.62
N LEU A 141 -13.22 -21.31 6.23
CA LEU A 141 -13.93 -22.49 5.71
C LEU A 141 -13.58 -23.63 6.66
N ASN A 142 -14.44 -23.91 7.63
CA ASN A 142 -14.04 -24.75 8.77
C ASN A 142 -14.72 -26.11 8.74
N ASN A 143 -13.92 -27.14 8.95
CA ASN A 143 -14.41 -28.50 9.21
C ASN A 143 -15.19 -29.03 8.00
N PHE A 144 -14.42 -29.32 6.96
CA PHE A 144 -14.99 -29.84 5.73
C PHE A 144 -14.24 -31.11 5.31
N TYR A 145 -14.85 -31.86 4.38
CA TYR A 145 -14.26 -33.09 3.86
C TYR A 145 -14.94 -33.47 2.55
N PRO A 146 -14.20 -33.80 1.48
CA PRO A 146 -12.77 -34.09 1.31
C PRO A 146 -11.85 -32.85 1.25
N LYS A 147 -10.54 -33.09 1.34
CA LYS A 147 -9.61 -31.99 1.55
C LYS A 147 -9.61 -31.00 0.41
N ASP A 148 -10.01 -31.39 -0.78
CA ASP A 148 -9.93 -30.46 -1.91
C ASP A 148 -11.07 -29.46 -1.85
N ILE A 149 -10.74 -28.18 -1.72
CA ILE A 149 -11.71 -27.10 -1.69
C ILE A 149 -11.01 -25.83 -2.15
N ASN A 150 -11.79 -24.91 -2.73
CA ASN A 150 -11.29 -23.66 -3.28
C ASN A 150 -12.13 -22.50 -2.75
N VAL A 151 -11.50 -21.34 -2.65
CA VAL A 151 -12.18 -20.09 -2.36
C VAL A 151 -12.07 -19.20 -3.59
N LYS A 152 -13.15 -18.50 -3.90
CA LYS A 152 -13.11 -17.43 -4.89
C LYS A 152 -13.56 -16.14 -4.21
N TRP A 153 -13.00 -15.02 -4.63
CA TRP A 153 -13.35 -13.73 -4.07
C TRP A 153 -14.00 -12.87 -5.14
N LYS A 154 -15.18 -12.32 -4.81
CA LYS A 154 -15.96 -11.44 -5.70
C LYS A 154 -16.09 -10.09 -5.02
N ILE A 155 -15.40 -9.07 -5.53
CA ILE A 155 -15.64 -7.68 -5.11
C ILE A 155 -16.67 -7.07 -6.04
N ASP A 156 -17.81 -6.64 -5.49
CA ASP A 156 -18.90 -5.99 -6.27
C ASP A 156 -19.37 -6.85 -7.45
N GLY A 157 -19.46 -8.16 -7.26
CA GLY A 157 -19.97 -9.05 -8.28
C GLY A 157 -18.92 -9.77 -9.12
N SER A 158 -17.67 -9.32 -9.15
CA SER A 158 -16.71 -9.87 -10.07
C SER A 158 -15.48 -10.43 -9.36
N GLU A 159 -14.83 -11.39 -10.01
CA GLU A 159 -13.75 -12.10 -9.36
C GLU A 159 -12.53 -11.21 -9.20
N ARG A 160 -12.00 -11.16 -7.98
CA ARG A 160 -10.72 -10.49 -7.70
C ARG A 160 -9.70 -11.56 -7.38
N GLN A 161 -8.51 -11.45 -7.98
CA GLN A 161 -7.44 -12.41 -7.74
C GLN A 161 -6.23 -11.83 -7.04
N ASN A 162 -5.90 -10.55 -7.26
CA ASN A 162 -4.78 -9.94 -6.55
C ASN A 162 -5.18 -9.61 -5.13
N GLY A 163 -4.35 -10.00 -4.18
CA GLY A 163 -4.50 -9.65 -2.78
C GLY A 163 -4.88 -10.77 -1.87
N VAL A 164 -4.93 -11.99 -2.38
CA VAL A 164 -5.40 -13.15 -1.63
C VAL A 164 -4.22 -13.77 -0.91
N LEU A 165 -4.47 -14.36 0.24
CA LEU A 165 -3.49 -15.24 0.89
C LEU A 165 -4.22 -16.42 1.51
N ASN A 166 -3.73 -17.64 1.26
CA ASN A 166 -4.44 -18.87 1.62
C ASN A 166 -3.61 -19.77 2.53
N SER A 167 -4.27 -20.31 3.55
CA SER A 167 -3.60 -21.25 4.45
C SER A 167 -4.52 -22.41 4.79
N TRP A 168 -4.02 -23.63 4.59
CA TRP A 168 -4.70 -24.88 4.88
C TRP A 168 -4.19 -25.50 6.17
N THR A 169 -5.08 -26.17 6.91
CA THR A 169 -4.69 -26.94 8.08
C THR A 169 -4.50 -28.40 7.70
N ASP A 170 -3.95 -29.16 8.64
CA ASP A 170 -3.94 -30.60 8.44
C ASP A 170 -5.25 -31.19 8.93
N GLN A 171 -5.35 -32.51 8.79
CA GLN A 171 -6.59 -33.18 9.14
C GLN A 171 -6.81 -33.09 10.66
N ASP A 172 -8.08 -33.14 11.06
CA ASP A 172 -8.39 -33.03 12.46
C ASP A 172 -8.32 -34.40 13.12
N SER A 173 -7.83 -34.45 14.37
CA SER A 173 -7.53 -35.71 15.03
C SER A 173 -8.75 -36.35 15.66
N LYS A 174 -9.89 -35.66 15.68
CA LYS A 174 -11.13 -36.15 16.26
C LYS A 174 -12.22 -36.39 15.23
N ASP A 175 -12.56 -35.38 14.42
CA ASP A 175 -13.56 -35.56 13.38
C ASP A 175 -12.96 -35.79 12.00
N SER A 176 -11.63 -35.70 11.88
CA SER A 176 -10.95 -36.06 10.64
C SER A 176 -11.34 -35.14 9.48
N THR A 177 -11.63 -33.87 9.79
CA THR A 177 -11.97 -32.90 8.75
C THR A 177 -10.82 -31.91 8.55
N TYR A 178 -11.09 -30.93 7.70
CA TYR A 178 -10.09 -30.01 7.22
C TYR A 178 -10.64 -28.60 7.35
N SER A 179 -9.73 -27.62 7.35
CA SER A 179 -10.14 -26.24 7.53
C SER A 179 -9.19 -25.35 6.77
N MET A 180 -9.66 -24.14 6.50
CA MET A 180 -8.94 -23.28 5.59
C MET A 180 -9.23 -21.84 5.96
N SER A 181 -8.26 -20.98 5.70
CA SER A 181 -8.35 -19.54 5.91
C SER A 181 -7.96 -18.83 4.63
N SER A 182 -8.71 -17.78 4.26
CA SER A 182 -8.38 -17.02 3.06
C SER A 182 -8.53 -15.52 3.33
N THR A 183 -7.49 -14.77 3.00
CA THR A 183 -7.43 -13.36 3.36
C THR A 183 -7.20 -12.53 2.11
N LEU A 184 -8.17 -11.68 1.78
CA LEU A 184 -8.06 -10.65 0.77
C LEU A 184 -7.63 -9.36 1.44
N THR A 185 -6.46 -8.83 1.08
CA THR A 185 -5.95 -7.62 1.73
C THR A 185 -5.89 -6.48 0.72
N LEU A 186 -6.77 -5.49 0.89
CA LEU A 186 -6.77 -4.28 0.08
C LEU A 186 -6.15 -3.14 0.88
N THR A 187 -5.81 -2.08 0.17
CA THR A 187 -5.58 -0.80 0.83
C THR A 187 -6.90 -0.23 1.31
N LYS A 188 -6.84 0.62 2.34
CA LYS A 188 -8.04 1.28 2.83
C LYS A 188 -8.79 1.98 1.71
N ASP A 189 -8.06 2.65 0.82
CA ASP A 189 -8.69 3.41 -0.25
C ASP A 189 -9.41 2.47 -1.22
N GLU A 190 -8.72 1.43 -1.70
CA GLU A 190 -9.35 0.49 -2.61
C GLU A 190 -10.58 -0.16 -1.95
N TYR A 191 -10.47 -0.49 -0.66
CA TYR A 191 -11.56 -1.14 0.05
C TYR A 191 -12.80 -0.26 0.19
N GLU A 192 -12.60 1.04 0.52
CA GLU A 192 -13.69 2.01 0.61
C GLU A 192 -14.20 2.44 -0.76
N ARG A 193 -13.66 1.87 -1.83
CA ARG A 193 -14.04 2.17 -3.18
C ARG A 193 -15.10 1.21 -3.72
N HIS A 194 -15.43 0.15 -2.97
CA HIS A 194 -16.44 -0.82 -3.41
C HIS A 194 -17.36 -1.14 -2.26
N ASN A 195 -18.52 -1.70 -2.57
CA ASN A 195 -19.48 -1.98 -1.52
C ASN A 195 -19.66 -3.47 -1.18
N SER A 196 -19.76 -4.37 -2.16
CA SER A 196 -20.14 -5.76 -1.85
C SER A 196 -18.93 -6.69 -1.99
N TYR A 197 -18.73 -7.56 -0.97
CA TYR A 197 -17.58 -8.46 -0.84
C TYR A 197 -18.06 -9.86 -0.54
N THR A 198 -17.67 -10.82 -1.37
CA THR A 198 -18.22 -12.17 -1.35
C THR A 198 -17.08 -13.18 -1.24
N CYS A 199 -17.37 -14.29 -0.55
CA CYS A 199 -16.42 -15.37 -0.35
C CYS A 199 -17.14 -16.66 -0.69
N GLU A 200 -16.64 -17.36 -1.71
CA GLU A 200 -17.38 -18.43 -2.39
C GLU A 200 -16.51 -19.69 -2.40
N ALA A 201 -17.05 -20.78 -1.85
CA ALA A 201 -16.32 -22.02 -1.67
C ALA A 201 -16.75 -23.05 -2.72
N THR A 202 -15.83 -23.45 -3.58
CA THR A 202 -16.08 -24.56 -4.50
C THR A 202 -15.39 -25.82 -4.00
N HIS A 203 -16.17 -26.89 -3.86
CA HIS A 203 -15.75 -28.07 -3.08
C HIS A 203 -15.97 -29.35 -3.86
N THR A 207 -21.68 -30.50 -2.15
CA THR A 207 -22.59 -29.40 -1.80
C THR A 207 -21.92 -28.04 -2.06
N SER A 208 -22.14 -27.52 -3.26
CA SER A 208 -21.26 -26.49 -3.80
C SER A 208 -22.05 -25.65 -4.79
N PRO A 209 -21.83 -24.33 -4.83
CA PRO A 209 -20.91 -23.65 -3.94
C PRO A 209 -21.58 -23.23 -2.62
N ILE A 210 -20.80 -22.65 -1.70
CA ILE A 210 -21.31 -22.04 -0.48
C ILE A 210 -20.75 -20.62 -0.43
N VAL A 211 -21.63 -19.61 -0.27
CA VAL A 211 -21.22 -18.22 -0.29
C VAL A 211 -21.61 -17.51 1.00
N LYS A 212 -20.87 -16.44 1.28
CA LYS A 212 -21.06 -15.51 2.39
C LYS A 212 -20.65 -14.14 1.90
N SER A 213 -21.39 -13.12 2.29
CA SER A 213 -21.17 -11.75 1.82
C SER A 213 -21.24 -10.77 2.97
N PHE A 214 -20.81 -9.55 2.69
CA PHE A 214 -21.19 -8.41 3.51
C PHE A 214 -21.13 -7.19 2.62
N ASN A 215 -21.87 -6.16 3.04
CA ASN A 215 -21.92 -4.88 2.36
C ASN A 215 -21.17 -3.86 3.19
N ARG A 216 -20.20 -3.16 2.56
CA ARG A 216 -19.39 -2.18 3.29
C ARG A 216 -20.25 -1.09 3.90
N ASN A 217 -21.34 -0.70 3.22
CA ASN A 217 -22.20 0.36 3.70
C ASN A 217 -23.10 -0.05 4.87
N GLU A 218 -22.92 -1.21 5.48
CA GLU A 218 -23.84 -1.64 6.54
C GLU A 218 -23.14 -1.96 7.88
N VAL B 1 8.47 -39.06 31.99
CA VAL B 1 9.59 -38.13 31.91
C VAL B 1 9.57 -37.21 30.70
N GLN B 2 10.47 -36.25 30.76
CA GLN B 2 10.47 -35.13 29.85
C GLN B 2 11.89 -34.85 29.41
N LEU B 3 12.00 -34.25 28.23
CA LEU B 3 13.19 -33.52 27.84
C LEU B 3 12.75 -32.07 27.62
N GLN B 4 13.49 -31.14 28.17
CA GLN B 4 13.09 -29.74 28.16
C GLN B 4 14.08 -28.99 27.32
N GLN B 5 13.66 -28.62 26.11
CA GLN B 5 14.54 -27.94 25.18
C GLN B 5 14.47 -26.43 25.37
N SER B 6 15.61 -25.78 25.17
CA SER B 6 15.65 -24.33 25.13
C SER B 6 14.74 -23.80 24.02
N GLY B 7 14.55 -22.49 24.00
CA GLY B 7 13.48 -21.90 23.24
C GLY B 7 13.85 -21.48 21.83
N PRO B 8 12.90 -20.85 21.14
CA PRO B 8 13.13 -20.44 19.74
C PRO B 8 14.21 -19.38 19.62
N GLU B 9 15.02 -19.51 18.57
CA GLU B 9 16.22 -18.69 18.38
C GLU B 9 16.18 -18.04 17.01
N LEU B 10 16.54 -16.75 16.97
CA LEU B 10 16.80 -16.05 15.73
C LEU B 10 18.30 -15.78 15.67
N VAL B 11 18.94 -16.21 14.58
CA VAL B 11 20.41 -16.13 14.50
C VAL B 11 20.82 -15.63 13.12
N LYS B 12 21.67 -14.60 13.09
CA LYS B 12 22.12 -14.03 11.83
C LYS B 12 22.99 -15.06 11.11
N PRO B 13 23.01 -15.02 9.78
CA PRO B 13 23.89 -15.94 9.05
C PRO B 13 25.34 -15.62 9.35
N GLY B 14 26.12 -16.67 9.63
CA GLY B 14 27.50 -16.54 10.03
C GLY B 14 27.73 -16.81 11.50
N ALA B 15 26.74 -16.56 12.33
CA ALA B 15 26.87 -16.68 13.78
C ALA B 15 26.85 -18.15 14.19
N SER B 16 26.88 -18.37 15.50
CA SER B 16 26.61 -19.69 16.06
C SER B 16 25.43 -19.61 17.01
N VAL B 17 24.96 -20.78 17.44
CA VAL B 17 23.90 -20.87 18.43
C VAL B 17 24.05 -22.19 19.19
N LYS B 18 23.58 -22.20 20.44
CA LYS B 18 23.65 -23.36 21.32
C LYS B 18 22.24 -23.71 21.80
N ILE B 19 21.86 -24.98 21.65
CA ILE B 19 20.54 -25.46 22.06
C ILE B 19 20.73 -26.50 23.13
N SER B 20 19.98 -26.38 24.21
CA SER B 20 20.14 -27.21 25.39
C SER B 20 18.92 -28.09 25.58
N CYS B 21 19.08 -29.08 26.45
CA CYS B 21 18.06 -30.09 26.71
C CYS B 21 18.26 -30.56 28.15
N LYS B 22 17.25 -30.35 28.99
CA LYS B 22 17.36 -30.69 30.41
C LYS B 22 16.52 -31.92 30.66
N THR B 23 17.08 -32.85 31.42
CA THR B 23 16.34 -34.03 31.80
C THR B 23 15.50 -33.68 33.01
N SER B 24 14.27 -34.17 33.03
CA SER B 24 13.37 -33.84 34.13
C SER B 24 13.71 -34.63 35.39
N GLU B 25 13.86 -35.94 35.25
CA GLU B 25 14.13 -36.81 36.38
C GLU B 25 15.55 -37.36 36.33
N TYR B 26 16.19 -37.39 37.51
CA TYR B 26 17.58 -37.84 37.62
C TYR B 26 17.80 -39.15 36.88
N THR B 27 16.82 -40.05 36.92
CA THR B 27 16.97 -41.40 36.41
C THR B 27 17.36 -41.47 34.93
N PHE B 28 17.06 -40.46 34.13
CA PHE B 28 17.37 -40.53 32.71
C PHE B 28 18.60 -39.74 32.32
N THR B 29 19.29 -39.12 33.28
CA THR B 29 20.45 -38.30 32.94
C THR B 29 21.60 -39.15 32.46
N GLU B 30 21.70 -40.39 32.91
CA GLU B 30 22.78 -41.24 32.44
C GLU B 30 22.60 -41.65 30.99
N TYR B 31 21.36 -41.76 30.53
CA TYR B 31 21.07 -42.32 29.21
C TYR B 31 21.74 -41.50 28.11
N THR B 32 22.07 -42.17 27.02
CA THR B 32 22.55 -41.47 25.82
C THR B 32 21.45 -40.54 25.31
N LYS B 33 21.84 -39.34 24.92
CA LYS B 33 20.93 -38.34 24.37
C LYS B 33 21.25 -38.17 22.88
N HIS B 34 20.21 -38.24 22.05
CA HIS B 34 20.30 -38.10 20.60
C HIS B 34 19.80 -36.72 20.15
N TRP B 35 20.26 -36.33 18.97
CA TRP B 35 19.93 -35.04 18.37
C TRP B 35 19.52 -35.27 16.92
N VAL B 36 18.33 -34.80 16.57
CA VAL B 36 17.71 -35.04 15.28
C VAL B 36 17.25 -33.71 14.72
N LYS B 37 17.42 -33.53 13.41
CA LYS B 37 17.06 -32.30 12.72
C LYS B 37 15.90 -32.58 11.78
N GLN B 38 14.79 -31.89 11.96
CA GLN B 38 13.66 -31.99 11.03
C GLN B 38 13.49 -30.67 10.28
N SER B 39 13.83 -30.67 8.99
CA SER B 39 13.59 -29.48 8.17
C SER B 39 12.10 -29.31 7.87
N HIS B 40 11.69 -28.04 7.71
CA HIS B 40 10.26 -27.72 7.60
C HIS B 40 9.60 -28.51 6.48
N GLY B 41 8.43 -29.08 6.80
CA GLY B 41 7.66 -29.91 5.89
C GLY B 41 8.31 -31.22 5.55
N LYS B 42 9.38 -31.58 6.25
CA LYS B 42 10.22 -32.64 5.73
C LYS B 42 10.36 -33.78 6.72
N SER B 43 11.36 -34.63 6.47
CA SER B 43 11.66 -35.83 7.22
C SER B 43 12.77 -35.53 8.22
N LEU B 44 13.32 -36.59 8.81
CA LEU B 44 14.16 -36.52 9.99
C LEU B 44 15.58 -36.92 9.63
N GLU B 45 16.57 -36.23 10.22
CA GLU B 45 17.98 -36.56 10.05
C GLU B 45 18.65 -36.68 11.41
N TRP B 46 19.57 -37.63 11.52
CA TRP B 46 20.30 -37.83 12.75
C TRP B 46 21.55 -36.96 12.74
N ILE B 47 21.66 -36.09 13.75
CA ILE B 47 22.84 -35.25 13.91
C ILE B 47 23.93 -36.00 14.66
N GLY B 48 23.59 -36.60 15.80
CA GLY B 48 24.56 -37.33 16.58
C GLY B 48 24.01 -37.69 17.95
N SER B 49 24.92 -38.07 18.85
CA SER B 49 24.52 -38.62 20.14
C SER B 49 25.69 -38.53 21.12
N ILE B 50 25.38 -38.20 22.37
CA ILE B 50 26.39 -38.03 23.41
C ILE B 50 26.10 -38.98 24.57
N ASN B 51 27.17 -39.53 25.15
CA ASN B 51 27.06 -40.32 26.37
C ASN B 51 27.31 -39.44 27.59
N PRO B 52 26.27 -39.07 28.33
CA PRO B 52 26.47 -38.20 29.50
C PRO B 52 27.38 -38.80 30.57
N ASN B 53 27.59 -40.12 30.56
CA ASN B 53 28.48 -40.73 31.55
C ASN B 53 29.91 -40.25 31.36
N ASN B 54 30.52 -40.61 30.23
CA ASN B 54 31.92 -40.29 29.98
C ASN B 54 32.12 -39.11 29.06
N GLY B 55 31.15 -38.79 28.21
CA GLY B 55 31.27 -37.70 27.25
C GLY B 55 31.44 -38.14 25.81
N ASP B 56 31.47 -39.44 25.53
CA ASP B 56 31.72 -39.90 24.17
C ASP B 56 30.63 -39.41 23.23
N THR B 57 31.06 -38.84 22.11
CA THR B 57 30.21 -38.27 21.09
C THR B 57 30.32 -39.09 19.81
N TYR B 58 29.19 -39.35 19.18
CA TYR B 58 29.12 -40.07 17.91
C TYR B 58 28.33 -39.22 16.93
N TYR B 59 28.97 -38.79 15.84
CA TYR B 59 28.36 -37.86 14.87
C TYR B 59 28.03 -38.55 13.56
N ASN B 60 26.94 -38.12 12.94
CA ASN B 60 26.69 -38.39 11.53
C ASN B 60 27.61 -37.50 10.71
N GLN B 61 28.55 -38.11 9.99
CA GLN B 61 29.59 -37.34 9.31
C GLN B 61 29.04 -36.09 8.58
N LYS B 62 27.77 -36.11 8.17
CA LYS B 62 27.22 -34.94 7.50
C LYS B 62 27.28 -33.68 8.36
N PHE B 63 27.44 -33.81 9.68
CA PHE B 63 27.33 -32.67 10.57
C PHE B 63 28.57 -32.32 11.35
N THR B 64 29.64 -33.12 11.26
CA THR B 64 30.91 -32.71 11.84
C THR B 64 31.27 -31.29 11.39
N ASP B 65 30.87 -30.96 10.17
CA ASP B 65 30.77 -29.61 9.62
C ASP B 65 30.22 -28.56 10.59
N LYS B 66 29.46 -28.95 11.61
CA LYS B 66 28.44 -28.01 12.05
C LYS B 66 27.95 -28.17 13.49
N ALA B 67 28.08 -29.35 14.10
CA ALA B 67 27.47 -29.60 15.40
C ALA B 67 28.51 -30.08 16.42
N THR B 68 28.50 -29.45 17.60
CA THR B 68 29.25 -29.91 18.75
C THR B 68 28.30 -30.25 19.89
N LEU B 69 28.51 -31.41 20.50
CA LEU B 69 27.65 -31.94 21.55
C LEU B 69 28.44 -32.04 22.85
N THR B 70 27.96 -31.36 23.87
CA THR B 70 28.56 -31.43 25.18
C THR B 70 27.49 -31.75 26.22
N VAL B 71 27.90 -31.79 27.47
CA VAL B 71 27.01 -32.03 28.60
C VAL B 71 27.55 -31.23 29.78
N ASP B 72 26.64 -30.72 30.62
CA ASP B 72 27.11 -30.04 31.82
C ASP B 72 27.69 -31.06 32.79
N LYS B 73 28.25 -30.59 33.91
CA LYS B 73 28.87 -31.49 34.87
C LYS B 73 27.85 -32.45 35.49
N SER B 74 26.65 -31.95 35.78
CA SER B 74 25.59 -32.81 36.29
C SER B 74 25.21 -33.91 35.31
N SER B 75 25.49 -33.73 34.02
CA SER B 75 24.93 -34.49 32.91
C SER B 75 23.42 -34.31 32.81
N THR B 76 22.86 -33.32 33.50
CA THR B 76 21.44 -32.99 33.43
C THR B 76 21.11 -32.11 32.24
N THR B 77 22.11 -31.55 31.55
CA THR B 77 21.88 -30.73 30.37
C THR B 77 22.85 -31.12 29.27
N ALA B 78 22.30 -31.59 28.15
CA ALA B 78 23.05 -31.88 26.94
C ALA B 78 22.78 -30.78 25.93
N SER B 79 23.84 -30.19 25.40
CA SER B 79 23.77 -29.02 24.53
C SER B 79 24.21 -29.38 23.12
N MET B 80 23.86 -28.50 22.19
CA MET B 80 24.33 -28.61 20.82
C MET B 80 24.63 -27.21 20.32
N GLU B 81 25.90 -26.94 20.00
CA GLU B 81 26.30 -25.67 19.40
C GLU B 81 26.37 -25.85 17.89
N LEU B 82 25.56 -25.09 17.16
CA LEU B 82 25.64 -25.08 15.70
C LEU B 82 26.53 -23.93 15.28
N ARG B 83 27.67 -24.26 14.68
CA ARG B 83 28.64 -23.27 14.27
C ARG B 83 28.34 -22.77 12.86
N SER B 84 28.78 -21.54 12.57
CA SER B 84 28.76 -20.97 11.22
C SER B 84 27.49 -21.31 10.45
N LEU B 85 26.41 -20.60 10.73
CA LEU B 85 25.09 -21.04 10.33
C LEU B 85 24.72 -20.51 8.95
N THR B 86 24.17 -21.39 8.13
CA THR B 86 23.66 -21.07 6.79
C THR B 86 22.15 -21.12 6.81
N PHE B 87 21.53 -20.61 5.75
CA PHE B 87 20.08 -20.61 5.68
C PHE B 87 19.51 -22.02 5.75
N GLU B 88 20.24 -23.02 5.24
CA GLU B 88 19.79 -24.40 5.27
C GLU B 88 19.75 -24.98 6.69
N ASP B 89 20.33 -24.27 7.66
CA ASP B 89 20.26 -24.68 9.06
C ASP B 89 18.95 -24.28 9.75
N SER B 90 18.11 -23.46 9.12
CA SER B 90 16.78 -23.20 9.68
C SER B 90 15.98 -24.49 9.70
N ALA B 91 15.58 -24.93 10.89
CA ALA B 91 14.80 -26.15 11.05
C ALA B 91 14.36 -26.26 12.50
N VAL B 92 13.63 -27.34 12.80
CA VAL B 92 13.40 -27.77 14.17
C VAL B 92 14.48 -28.77 14.53
N TYR B 93 15.05 -28.62 15.71
CA TYR B 93 16.01 -29.57 16.24
C TYR B 93 15.43 -30.22 17.49
N TYR B 94 15.37 -31.55 17.47
CA TYR B 94 14.85 -32.33 18.58
C TYR B 94 15.98 -32.93 19.39
N CYS B 95 15.64 -33.28 20.61
CA CYS B 95 16.55 -33.99 21.49
C CYS B 95 15.75 -35.20 21.98
N ALA B 96 16.36 -36.39 21.85
CA ALA B 96 15.65 -37.64 22.09
C ALA B 96 16.54 -38.57 22.92
N MET B 97 15.89 -39.45 23.69
CA MET B 97 16.53 -40.41 24.59
C MET B 97 17.18 -41.55 23.80
N GLY B 98 18.17 -42.19 24.42
CA GLY B 98 18.80 -43.38 23.83
C GLY B 98 18.87 -44.61 24.71
N ASP B 99 19.88 -45.46 24.49
CA ASP B 99 20.09 -46.71 25.21
C ASP B 99 18.84 -47.57 25.19
N SER B 100 18.54 -48.26 26.30
CA SER B 100 17.33 -49.09 26.33
C SER B 100 16.04 -48.28 26.21
N ALA B 101 16.11 -46.96 26.34
CA ALA B 101 15.00 -46.06 26.07
C ALA B 101 15.15 -45.35 24.72
N TRP B 102 15.55 -46.08 23.67
CA TRP B 102 15.97 -45.45 22.42
C TRP B 102 14.75 -44.87 21.70
N PHE B 103 14.69 -43.53 21.61
CA PHE B 103 13.62 -42.81 20.90
C PHE B 103 12.25 -43.01 21.54
N ALA B 104 12.23 -43.29 22.84
CA ALA B 104 10.93 -43.34 23.51
C ALA B 104 10.50 -41.96 24.00
N TYR B 105 11.45 -41.09 24.33
CA TYR B 105 11.15 -39.76 24.82
C TYR B 105 11.87 -38.75 23.95
N TRP B 106 11.14 -37.71 23.56
CA TRP B 106 11.58 -36.65 22.67
C TRP B 106 11.31 -35.34 23.35
N GLY B 107 12.23 -34.39 23.21
CA GLY B 107 11.93 -33.03 23.59
C GLY B 107 10.93 -32.41 22.63
N GLN B 108 10.58 -31.15 22.90
CA GLN B 108 9.54 -30.50 22.10
C GLN B 108 10.10 -29.53 21.07
N GLY B 109 10.93 -28.56 21.47
CA GLY B 109 11.49 -27.55 20.58
C GLY B 109 12.42 -28.20 19.59
N THR B 110 13.29 -27.46 18.91
CA THR B 110 13.57 -26.04 19.07
C THR B 110 13.54 -25.49 17.67
N LEU B 111 12.90 -24.35 17.42
CA LEU B 111 12.91 -23.82 16.07
C LEU B 111 14.07 -22.84 15.95
N VAL B 112 14.85 -23.01 14.89
CA VAL B 112 15.96 -22.13 14.61
C VAL B 112 15.71 -21.50 13.25
N THR B 113 15.66 -20.17 13.24
CA THR B 113 15.57 -19.37 12.04
C THR B 113 16.91 -18.67 11.82
N VAL B 114 17.56 -18.98 10.71
CA VAL B 114 18.78 -18.30 10.31
C VAL B 114 18.43 -17.26 9.26
N SER B 115 18.64 -15.99 9.61
CA SER B 115 18.18 -14.85 8.82
C SER B 115 18.84 -13.58 9.35
N SER B 116 18.85 -12.55 8.51
CA SER B 116 19.45 -11.27 8.89
C SER B 116 18.45 -10.19 9.23
N ALA B 117 17.16 -10.42 9.04
CA ALA B 117 16.15 -9.40 9.29
C ALA B 117 16.09 -9.02 10.77
N LYS B 118 15.51 -7.87 11.06
CA LYS B 118 15.13 -7.66 12.44
C LYS B 118 13.79 -8.35 12.69
N THR B 119 13.53 -8.59 13.95
CA THR B 119 12.22 -9.06 14.33
C THR B 119 11.20 -7.95 14.11
N THR B 120 9.98 -8.36 13.75
CA THR B 120 8.86 -7.43 13.65
C THR B 120 7.72 -8.04 14.45
N PRO B 121 7.19 -7.34 15.43
CA PRO B 121 6.08 -7.90 16.20
C PRO B 121 4.78 -7.77 15.42
N PRO B 122 3.86 -8.71 15.59
CA PRO B 122 2.67 -8.71 14.75
C PRO B 122 1.75 -7.58 15.14
N SER B 123 0.95 -7.15 14.18
CA SER B 123 -0.27 -6.46 14.52
C SER B 123 -1.29 -7.52 14.87
N VAL B 124 -2.25 -7.16 15.71
CA VAL B 124 -3.34 -8.05 16.07
C VAL B 124 -4.65 -7.30 15.88
N TYR B 125 -5.58 -7.94 15.20
CA TYR B 125 -6.86 -7.34 14.88
C TYR B 125 -7.97 -8.29 15.29
N PRO B 126 -9.06 -7.78 15.83
CA PRO B 126 -10.16 -8.65 16.25
C PRO B 126 -11.15 -8.85 15.12
N LEU B 127 -11.62 -10.09 14.98
CA LEU B 127 -12.57 -10.45 13.94
C LEU B 127 -13.87 -10.83 14.63
N ALA B 128 -14.79 -9.90 14.67
CA ALA B 128 -16.16 -10.05 15.09
C ALA B 128 -17.07 -10.11 13.88
N PRO B 129 -18.18 -10.82 14.00
CA PRO B 129 -19.13 -10.92 12.88
C PRO B 129 -19.56 -9.58 12.28
N GLY B 130 -20.40 -8.84 12.99
CA GLY B 130 -20.96 -7.63 12.42
C GLY B 130 -21.82 -7.95 11.22
N SER B 131 -23.08 -8.30 11.47
CA SER B 131 -23.98 -8.86 10.46
C SER B 131 -23.34 -10.10 9.84
N ASN B 136 -26.43 -19.63 13.51
CA ASN B 136 -27.62 -20.10 14.21
C ASN B 136 -27.25 -20.53 15.64
N SER B 137 -26.94 -21.83 15.76
CA SER B 137 -26.61 -22.44 17.04
C SER B 137 -25.39 -21.78 17.67
N MET B 138 -24.37 -21.47 16.87
CA MET B 138 -23.06 -21.09 17.39
C MET B 138 -22.53 -19.89 16.62
N VAL B 139 -21.49 -19.26 17.19
CA VAL B 139 -20.86 -18.08 16.60
C VAL B 139 -19.36 -18.32 16.52
N THR B 140 -18.78 -17.93 15.39
CA THR B 140 -17.35 -18.10 15.12
C THR B 140 -16.70 -16.73 15.14
N LEU B 141 -15.73 -16.56 16.01
CA LEU B 141 -14.92 -15.35 16.10
C LEU B 141 -13.54 -15.64 15.53
N GLY B 142 -12.69 -14.62 15.56
CA GLY B 142 -11.42 -14.78 14.91
C GLY B 142 -10.43 -13.70 15.30
N CYS B 143 -9.17 -14.00 15.04
CA CYS B 143 -8.06 -13.17 15.44
C CYS B 143 -7.09 -13.16 14.27
N LEU B 144 -6.88 -12.01 13.67
CA LEU B 144 -5.93 -11.88 12.58
C LEU B 144 -4.63 -11.32 13.14
N VAL B 145 -3.52 -11.96 12.79
CA VAL B 145 -2.20 -11.66 13.36
C VAL B 145 -1.26 -11.49 12.17
N LYS B 146 -1.11 -10.24 11.71
CA LYS B 146 -0.47 -10.02 10.41
C LYS B 146 0.89 -9.36 10.55
N GLY B 147 1.79 -9.73 9.64
CA GLY B 147 3.07 -9.07 9.45
C GLY B 147 4.06 -9.10 10.60
N TYR B 148 4.59 -10.28 10.94
CA TYR B 148 5.58 -10.46 11.99
C TYR B 148 6.76 -11.31 11.50
N PHE B 149 7.88 -11.16 12.18
CA PHE B 149 9.03 -11.96 11.88
C PHE B 149 9.93 -12.02 13.11
N PRO B 150 10.51 -13.19 13.43
CA PRO B 150 10.33 -14.47 12.74
C PRO B 150 9.20 -15.31 13.32
N GLU B 151 9.31 -16.56 13.16
CA GLU B 151 8.42 -17.51 13.79
C GLU B 151 9.06 -18.03 15.09
N PRO B 152 8.26 -18.50 16.05
CA PRO B 152 6.80 -18.65 16.01
C PRO B 152 6.03 -17.54 16.66
N VAL B 153 4.73 -17.70 16.57
CA VAL B 153 3.78 -16.92 17.33
C VAL B 153 2.89 -17.94 18.02
N THR B 154 2.59 -17.70 19.28
CA THR B 154 1.62 -18.55 19.95
C THR B 154 0.33 -17.77 20.14
N VAL B 155 -0.77 -18.44 19.86
CA VAL B 155 -2.11 -17.87 20.00
C VAL B 155 -2.88 -18.76 20.95
N THR B 156 -3.62 -18.15 21.87
CA THR B 156 -4.48 -18.86 22.78
C THR B 156 -5.77 -18.07 22.90
N TRP B 157 -6.82 -18.75 23.33
CA TRP B 157 -8.10 -18.09 23.59
C TRP B 157 -8.40 -18.22 25.07
N ASN B 158 -8.71 -17.09 25.69
CA ASN B 158 -8.94 -17.03 27.14
C ASN B 158 -7.90 -17.85 27.90
N SER B 159 -6.62 -17.61 27.59
CA SER B 159 -5.49 -18.18 28.33
C SER B 159 -5.56 -19.71 28.43
N GLY B 160 -6.15 -20.35 27.44
CA GLY B 160 -6.24 -21.80 27.39
C GLY B 160 -7.56 -22.39 27.84
N SER B 161 -8.46 -21.59 28.41
CA SER B 161 -9.78 -22.09 28.77
C SER B 161 -10.57 -22.53 27.55
N LEU B 162 -10.34 -21.85 26.42
CA LEU B 162 -10.99 -22.19 25.15
C LEU B 162 -10.00 -22.96 24.29
N SER B 163 -10.29 -24.24 24.07
CA SER B 163 -9.50 -25.03 23.14
C SER B 163 -10.35 -25.86 22.17
N SER B 164 -11.62 -26.12 22.48
CA SER B 164 -12.42 -27.07 21.71
C SER B 164 -12.59 -26.62 20.26
N GLY B 165 -13.16 -25.45 20.04
CA GLY B 165 -13.51 -25.06 18.69
C GLY B 165 -12.53 -24.12 18.03
N VAL B 166 -11.24 -24.31 18.31
CA VAL B 166 -10.19 -23.39 17.87
C VAL B 166 -9.57 -23.95 16.60
N HIS B 167 -9.23 -23.07 15.67
CA HIS B 167 -8.42 -23.42 14.51
C HIS B 167 -7.39 -22.33 14.37
N THR B 168 -6.13 -22.68 14.43
CA THR B 168 -5.04 -21.74 14.22
C THR B 168 -4.35 -22.15 12.93
N PHE B 169 -4.41 -21.30 11.96
CA PHE B 169 -3.95 -21.74 10.65
C PHE B 169 -2.46 -21.47 10.50
N PRO B 170 -1.75 -22.36 9.81
CA PRO B 170 -0.32 -22.16 9.59
C PRO B 170 -0.05 -20.80 9.00
N ALA B 171 1.07 -20.20 9.42
CA ALA B 171 1.45 -18.89 8.92
C ALA B 171 1.97 -19.02 7.50
N VAL B 172 1.87 -17.94 6.75
CA VAL B 172 2.33 -17.88 5.37
C VAL B 172 3.21 -16.65 5.19
N LEU B 173 4.40 -16.83 4.61
CA LEU B 173 5.33 -15.73 4.40
C LEU B 173 4.91 -14.90 3.19
N GLN B 174 4.82 -13.58 3.37
CA GLN B 174 4.29 -12.67 2.34
C GLN B 174 5.27 -11.51 2.27
N SER B 175 6.35 -11.70 1.50
CA SER B 175 7.28 -10.61 1.21
C SER B 175 7.87 -10.06 2.51
N ASP B 176 8.63 -10.93 3.19
CA ASP B 176 9.42 -10.69 4.39
C ASP B 176 8.63 -10.78 5.71
N LEU B 177 7.32 -11.04 5.70
CA LEU B 177 6.57 -11.07 6.94
C LEU B 177 5.59 -12.23 6.95
N TYR B 178 5.33 -12.76 8.14
CA TYR B 178 4.40 -13.87 8.35
C TYR B 178 3.04 -13.34 8.78
N THR B 179 1.99 -13.99 8.29
CA THR B 179 0.62 -13.73 8.70
C THR B 179 -0.02 -15.06 9.04
N LEU B 180 -0.71 -15.12 10.18
CA LEU B 180 -1.58 -16.24 10.52
C LEU B 180 -2.93 -15.72 10.98
N SER B 181 -3.87 -16.64 11.12
CA SER B 181 -5.15 -16.30 11.67
C SER B 181 -5.65 -17.48 12.47
N SER B 182 -6.57 -17.19 13.37
CA SER B 182 -7.13 -18.18 14.25
C SER B 182 -8.62 -17.94 14.35
N SER B 183 -9.38 -19.01 14.28
CA SER B 183 -10.82 -18.96 14.49
C SER B 183 -11.16 -19.71 15.78
N VAL B 184 -12.25 -19.29 16.40
CA VAL B 184 -12.81 -19.99 17.54
C VAL B 184 -14.32 -20.02 17.37
N THR B 185 -14.94 -21.12 17.80
CA THR B 185 -16.39 -21.25 17.70
C THR B 185 -16.93 -21.61 19.07
N VAL B 186 -17.88 -20.80 19.53
CA VAL B 186 -18.46 -20.90 20.87
C VAL B 186 -19.97 -20.93 20.69
N PRO B 187 -20.74 -21.24 21.73
CA PRO B 187 -22.21 -21.16 21.59
C PRO B 187 -22.66 -19.72 21.56
N SER B 188 -23.80 -19.48 20.91
CA SER B 188 -24.29 -18.12 20.75
C SER B 188 -24.66 -17.49 22.08
N SER B 189 -25.02 -18.30 23.07
CA SER B 189 -25.35 -17.78 24.40
C SER B 189 -24.11 -17.30 25.14
N THR B 190 -22.97 -17.95 24.90
CA THR B 190 -21.71 -17.57 25.53
C THR B 190 -21.31 -16.14 25.20
N TRP B 191 -21.47 -15.73 23.94
CA TRP B 191 -20.94 -14.47 23.44
C TRP B 191 -22.05 -13.70 22.76
N PRO B 192 -22.18 -12.38 23.00
CA PRO B 192 -21.17 -11.55 23.67
C PRO B 192 -21.33 -11.36 25.20
N SER B 193 -22.17 -12.17 25.84
CA SER B 193 -22.35 -12.02 27.28
C SER B 193 -21.02 -12.20 28.01
N GLU B 194 -20.43 -13.38 27.89
CA GLU B 194 -19.10 -13.61 28.46
C GLU B 194 -18.00 -13.11 27.51
N THR B 195 -16.77 -13.11 28.00
CA THR B 195 -15.63 -12.54 27.29
C THR B 195 -14.86 -13.59 26.51
N VAL B 196 -14.47 -13.22 25.29
CA VAL B 196 -13.62 -14.03 24.43
C VAL B 196 -12.41 -13.19 24.01
N THR B 197 -11.22 -13.76 24.16
CA THR B 197 -9.99 -13.02 23.92
C THR B 197 -9.02 -13.93 23.20
N CYS B 198 -8.36 -13.44 22.16
CA CYS B 198 -7.15 -14.11 21.72
C CYS B 198 -5.98 -13.50 22.47
N ASN B 199 -5.11 -14.36 22.95
CA ASN B 199 -3.84 -13.94 23.48
C ASN B 199 -2.82 -14.35 22.45
N VAL B 200 -1.97 -13.41 22.06
CA VAL B 200 -1.00 -13.68 21.00
C VAL B 200 0.37 -13.25 21.52
N ALA B 201 1.34 -14.14 21.41
CA ALA B 201 2.66 -13.91 21.95
C ALA B 201 3.69 -14.13 20.86
N HIS B 202 4.62 -13.19 20.73
CA HIS B 202 5.69 -13.26 19.75
C HIS B 202 6.98 -13.10 20.53
N PRO B 203 7.67 -14.19 20.88
CA PRO B 203 8.81 -14.04 21.80
C PRO B 203 9.99 -13.31 21.19
N ALA B 204 10.28 -13.54 19.91
CA ALA B 204 11.46 -12.90 19.32
C ALA B 204 11.40 -11.39 19.44
N SER B 205 10.21 -10.81 19.57
CA SER B 205 10.04 -9.38 19.78
C SER B 205 9.53 -9.07 21.17
N SER B 206 9.58 -10.03 22.09
CA SER B 206 8.97 -9.92 23.40
C SER B 206 7.71 -9.07 23.32
N THR B 207 6.69 -9.60 22.67
CA THR B 207 5.44 -8.90 22.40
C THR B 207 4.32 -9.80 22.89
N LYS B 208 3.34 -9.21 23.55
CA LYS B 208 2.15 -9.99 23.91
C LYS B 208 0.93 -9.08 23.86
N VAL B 209 -0.13 -9.56 23.24
CA VAL B 209 -1.34 -8.79 23.10
C VAL B 209 -2.50 -9.66 23.56
N ASP B 210 -3.50 -9.03 24.18
CA ASP B 210 -4.70 -9.67 24.71
C ASP B 210 -5.89 -8.93 24.14
N LYS B 211 -6.35 -9.35 22.96
CA LYS B 211 -7.35 -8.60 22.19
C LYS B 211 -8.75 -9.15 22.49
N LYS B 212 -9.63 -8.28 22.98
CA LYS B 212 -11.00 -8.69 23.26
C LYS B 212 -11.83 -8.64 21.99
N ILE B 213 -12.71 -9.62 21.81
CA ILE B 213 -13.54 -9.70 20.62
C ILE B 213 -14.91 -9.14 21.01
N VAL B 214 -15.03 -7.82 20.91
CA VAL B 214 -16.26 -7.11 21.19
C VAL B 214 -17.02 -6.97 19.90
N PRO B 215 -18.36 -7.06 19.91
CA PRO B 215 -19.12 -7.00 18.67
C PRO B 215 -19.11 -5.60 18.10
N ARG B 216 -19.51 -5.50 16.83
CA ARG B 216 -19.37 -4.28 16.05
C ARG B 216 -20.65 -3.44 16.06
N ASP B 217 -20.49 -2.21 15.57
CA ASP B 217 -21.56 -1.45 14.90
C ASP B 217 -21.02 -0.10 14.45
N THR C 25 23.19 -56.47 24.87
CA THR C 25 24.22 -55.51 24.43
C THR C 25 23.52 -54.29 23.80
N SER C 26 24.33 -53.38 23.21
CA SER C 26 23.87 -52.19 22.51
C SER C 26 25.00 -51.71 21.61
N PRO C 27 24.71 -51.21 20.41
CA PRO C 27 25.66 -50.34 19.73
C PRO C 27 26.01 -49.15 20.63
N ARG C 28 27.26 -48.72 20.60
CA ARG C 28 27.64 -47.59 21.46
C ARG C 28 27.04 -46.28 20.95
N HIS C 29 26.84 -46.13 19.63
CA HIS C 29 26.23 -44.91 19.10
C HIS C 29 24.77 -44.79 19.51
N LEU C 30 24.14 -45.89 19.87
CA LEU C 30 22.75 -45.90 20.28
C LEU C 30 22.67 -45.53 21.76
N NH2 C 31 23.35 -46.30 22.59
N ASP D 1 -25.10 44.84 -6.16
CA ASP D 1 -24.49 44.66 -4.85
C ASP D 1 -23.36 45.65 -4.62
N VAL D 2 -23.42 46.42 -3.53
CA VAL D 2 -22.35 47.36 -3.23
C VAL D 2 -21.07 46.59 -3.01
N GLN D 3 -19.98 47.11 -3.55
CA GLN D 3 -18.72 46.40 -3.63
C GLN D 3 -17.74 47.08 -2.69
N MET D 4 -17.19 46.30 -1.73
CA MET D 4 -16.45 46.83 -0.59
C MET D 4 -15.00 46.42 -0.70
N THR D 5 -14.12 47.38 -1.02
CA THR D 5 -12.71 47.13 -1.24
C THR D 5 -11.91 47.48 0.03
N GLN D 6 -11.38 46.47 0.70
CA GLN D 6 -10.49 46.70 1.83
C GLN D 6 -9.04 46.69 1.38
N THR D 7 -8.26 47.66 1.88
CA THR D 7 -6.80 47.74 1.66
C THR D 7 -6.16 48.08 3.01
N PRO D 8 -5.08 47.35 3.41
CA PRO D 8 -4.44 46.22 2.74
C PRO D 8 -5.08 44.88 3.06
N LEU D 9 -4.77 43.82 2.29
CA LEU D 9 -5.28 42.51 2.67
C LEU D 9 -4.62 42.00 3.94
N THR D 10 -3.37 42.39 4.18
CA THR D 10 -2.62 41.87 5.31
C THR D 10 -1.74 42.98 5.86
N LEU D 11 -1.66 43.07 7.18
CA LEU D 11 -1.02 44.18 7.89
C LEU D 11 -0.03 43.60 8.90
N SER D 12 1.24 43.98 8.78
CA SER D 12 2.28 43.57 9.74
C SER D 12 2.82 44.83 10.42
N VAL D 13 2.74 44.87 11.74
CA VAL D 13 2.90 46.13 12.46
C VAL D 13 3.45 45.85 13.85
N THR D 14 4.54 46.52 14.23
CA THR D 14 5.13 46.28 15.54
C THR D 14 4.26 46.88 16.64
N ILE D 15 4.24 46.20 17.79
CA ILE D 15 3.47 46.66 18.95
C ILE D 15 3.86 48.09 19.28
N GLY D 16 2.87 48.94 19.49
CA GLY D 16 3.09 50.36 19.67
C GLY D 16 3.24 51.18 18.39
N GLN D 17 3.59 50.52 17.20
CA GLN D 17 3.57 51.44 16.07
C GLN D 17 2.19 51.46 15.43
N PRO D 18 1.74 52.58 14.87
CA PRO D 18 0.33 52.70 14.45
C PRO D 18 0.02 51.87 13.21
N ALA D 19 -1.29 51.77 12.92
CA ALA D 19 -1.81 51.01 11.78
C ALA D 19 -3.15 51.58 11.31
N SER D 20 -3.42 51.51 10.01
CA SER D 20 -4.72 51.99 9.50
C SER D 20 -5.21 51.14 8.33
N ILE D 21 -6.52 50.99 8.25
CA ILE D 21 -7.17 50.15 7.26
C ILE D 21 -8.14 51.00 6.43
N SER D 22 -7.89 51.07 5.13
CA SER D 22 -8.79 51.76 4.21
C SER D 22 -9.89 50.83 3.72
N CYS D 23 -11.05 51.40 3.46
CA CYS D 23 -12.17 50.66 2.86
C CYS D 23 -12.95 51.60 1.94
N LYS D 24 -12.95 51.31 0.65
CA LYS D 24 -13.65 52.10 -0.34
C LYS D 24 -14.83 51.32 -0.90
N SER D 25 -15.98 51.98 -1.05
CA SER D 25 -17.20 51.35 -1.56
C SER D 25 -17.49 51.81 -2.98
N SER D 26 -18.25 50.99 -3.71
CA SER D 26 -18.56 51.28 -5.11
C SER D 26 -19.71 52.29 -5.25
N GLN D 27 -20.53 52.45 -4.22
CA GLN D 27 -21.57 53.47 -4.13
C GLN D 27 -21.39 54.25 -2.84
N SER D 28 -22.06 55.41 -2.77
CA SER D 28 -22.09 56.16 -1.51
C SER D 28 -22.91 55.38 -0.49
N LEU D 29 -22.44 55.38 0.77
CA LEU D 29 -23.14 54.70 1.84
C LEU D 29 -24.01 55.63 2.66
N LEU D 30 -24.07 56.92 2.32
CA LEU D 30 -24.95 57.85 2.99
C LEU D 30 -26.41 57.53 2.68
N TYR D 31 -27.17 57.20 3.71
CA TYR D 31 -28.59 56.90 3.57
C TYR D 31 -29.39 58.19 3.56
N SER D 32 -30.66 58.09 3.16
CA SER D 32 -31.55 59.25 3.08
C SER D 32 -31.87 59.86 4.44
N ASN D 33 -31.52 59.20 5.55
CA ASN D 33 -31.68 59.79 6.87
C ASN D 33 -30.38 60.43 7.36
N GLY D 34 -29.43 60.66 6.46
CA GLY D 34 -28.22 61.32 6.89
C GLY D 34 -27.30 60.46 7.72
N LYS D 35 -27.66 59.20 7.95
CA LYS D 35 -26.81 58.22 8.62
C LYS D 35 -26.12 57.33 7.59
N THR D 36 -24.90 56.95 7.90
CA THR D 36 -24.06 56.12 7.04
C THR D 36 -23.81 54.84 7.81
N TYR D 37 -24.39 53.74 7.33
CA TYR D 37 -24.33 52.46 8.04
C TYR D 37 -23.12 51.65 7.54
N LEU D 38 -21.97 51.99 8.13
CA LEU D 38 -20.71 51.30 7.94
C LEU D 38 -20.18 50.91 9.32
N ASN D 39 -20.12 49.59 9.60
CA ASN D 39 -19.50 49.05 10.80
C ASN D 39 -18.06 48.61 10.51
N TRP D 40 -17.24 48.56 11.54
CA TRP D 40 -16.00 47.81 11.48
C TRP D 40 -16.12 46.62 12.44
N LEU D 41 -15.77 45.43 11.96
CA LEU D 41 -15.76 44.22 12.76
C LEU D 41 -14.35 43.68 12.94
N LEU D 42 -14.14 42.99 14.05
CA LEU D 42 -12.90 42.26 14.28
C LEU D 42 -13.26 40.83 14.64
N GLN D 43 -12.58 39.88 13.99
CA GLN D 43 -12.82 38.47 14.18
C GLN D 43 -11.47 37.83 14.47
N ARG D 44 -11.34 37.22 15.66
CA ARG D 44 -10.14 36.53 16.08
C ARG D 44 -10.23 35.06 15.67
N PRO D 45 -9.09 34.38 15.52
CA PRO D 45 -9.10 33.04 14.92
C PRO D 45 -10.01 32.08 15.69
N GLY D 46 -10.87 31.39 14.96
CA GLY D 46 -11.85 30.54 15.65
C GLY D 46 -13.07 31.26 16.18
N GLN D 47 -12.88 32.38 16.90
CA GLN D 47 -13.98 33.13 17.50
C GLN D 47 -14.81 33.86 16.45
N SER D 48 -16.01 34.25 16.88
CA SER D 48 -16.99 34.95 16.08
C SER D 48 -16.68 36.45 16.04
N PRO D 49 -17.18 37.17 15.03
CA PRO D 49 -16.79 38.58 14.87
C PRO D 49 -17.32 39.42 16.03
N LYS D 50 -16.65 40.56 16.23
CA LYS D 50 -17.04 41.53 17.24
C LYS D 50 -17.05 42.92 16.63
N ARG D 51 -18.10 43.68 16.90
CA ARG D 51 -18.19 45.05 16.42
C ARG D 51 -17.27 45.98 17.20
N LEU D 52 -16.44 46.73 16.48
CA LEU D 52 -15.63 47.80 17.06
C LEU D 52 -16.22 49.18 16.77
N ILE D 53 -16.60 49.47 15.52
CA ILE D 53 -17.07 50.79 15.13
C ILE D 53 -18.38 50.66 14.38
N TYR D 54 -19.38 51.41 14.80
CA TYR D 54 -20.66 51.52 14.10
C TYR D 54 -20.83 52.97 13.68
N LEU D 55 -21.72 53.17 12.69
CA LEU D 55 -21.98 54.48 12.11
C LEU D 55 -20.68 55.23 11.87
N VAL D 56 -19.73 54.52 11.25
CA VAL D 56 -18.52 55.10 10.64
C VAL D 56 -17.45 55.48 11.66
N SER D 57 -17.85 56.20 12.72
CA SER D 57 -16.94 56.79 13.70
C SER D 57 -17.24 56.44 15.16
N LYS D 58 -18.46 55.97 15.48
CA LYS D 58 -18.88 55.71 16.85
C LYS D 58 -18.23 54.43 17.39
N LEU D 59 -17.45 54.55 18.47
CA LEU D 59 -16.87 53.37 19.09
C LEU D 59 -17.94 52.64 19.91
N ASP D 60 -17.87 51.32 19.88
CA ASP D 60 -18.83 50.48 20.57
C ASP D 60 -18.40 50.25 22.02
N SER D 61 -19.32 49.72 22.81
CA SER D 61 -19.26 49.80 24.27
C SER D 61 -17.88 49.45 24.84
N GLY D 62 -17.38 48.24 24.58
CA GLY D 62 -16.15 47.81 25.24
C GLY D 62 -14.87 47.98 24.45
N VAL D 63 -14.74 49.05 23.68
CA VAL D 63 -13.68 49.19 22.67
C VAL D 63 -12.68 50.24 23.13
N PRO D 64 -11.39 49.93 23.17
CA PRO D 64 -10.38 50.94 23.49
C PRO D 64 -10.43 52.16 22.58
N ASP D 65 -10.08 53.32 23.15
CA ASP D 65 -10.07 54.56 22.40
C ASP D 65 -8.96 54.66 21.38
N ARG D 66 -8.06 53.67 21.26
CA ARG D 66 -7.00 53.73 20.25
C ARG D 66 -7.48 53.32 18.85
N PHE D 67 -8.74 52.89 18.76
CA PHE D 67 -9.45 52.60 17.52
C PHE D 67 -10.29 53.83 17.15
N THR D 68 -10.17 54.29 15.91
CA THR D 68 -10.90 55.47 15.46
C THR D 68 -11.43 55.25 14.06
N GLY D 69 -12.69 55.54 13.84
CA GLY D 69 -13.31 55.40 12.54
C GLY D 69 -13.57 56.76 11.92
N SER D 70 -13.24 56.88 10.63
CA SER D 70 -13.46 58.12 9.89
C SER D 70 -13.80 57.78 8.44
N GLY D 71 -14.24 58.79 7.71
CA GLY D 71 -14.64 58.63 6.33
C GLY D 71 -16.02 59.20 6.06
N SER D 72 -16.40 59.15 4.79
CA SER D 72 -17.71 59.61 4.32
C SER D 72 -17.90 59.21 2.87
N GLY D 73 -19.15 58.92 2.51
CA GLY D 73 -19.51 58.59 1.16
C GLY D 73 -18.96 57.26 0.70
N THR D 74 -17.84 57.29 -0.01
CA THR D 74 -17.28 56.08 -0.59
C THR D 74 -15.87 55.75 -0.13
N ASP D 75 -15.31 56.50 0.82
CA ASP D 75 -13.96 56.25 1.34
C ASP D 75 -14.02 56.23 2.86
N PHE D 76 -13.42 55.20 3.46
CA PHE D 76 -13.55 55.02 4.89
C PHE D 76 -12.26 54.48 5.46
N THR D 77 -12.05 54.74 6.74
CA THR D 77 -10.81 54.34 7.38
C THR D 77 -11.06 53.96 8.83
N LEU D 78 -10.41 52.86 9.23
CA LEU D 78 -10.18 52.53 10.64
C LEU D 78 -8.73 52.84 10.95
N LYS D 79 -8.52 53.53 12.05
CA LYS D 79 -7.19 53.89 12.50
C LYS D 79 -6.93 53.26 13.86
N ILE D 80 -5.69 52.82 14.08
CA ILE D 80 -5.23 52.25 15.34
C ILE D 80 -4.14 53.16 15.88
N SER D 81 -4.41 53.79 17.03
CA SER D 81 -3.36 54.59 17.66
C SER D 81 -2.13 53.73 17.88
N ARG D 82 -2.24 52.76 18.80
CA ARG D 82 -1.15 51.86 19.12
C ARG D 82 -1.67 50.43 19.08
N VAL D 83 -1.00 49.58 18.29
CA VAL D 83 -1.39 48.17 18.19
C VAL D 83 -0.87 47.44 19.41
N GLU D 84 -1.69 46.53 19.92
CA GLU D 84 -1.31 45.70 21.05
C GLU D 84 -1.57 44.26 20.67
N ALA D 85 -0.88 43.35 21.37
CA ALA D 85 -1.00 41.92 21.07
C ALA D 85 -2.47 41.49 20.98
N GLU D 86 -3.33 42.06 21.83
CA GLU D 86 -4.72 41.62 21.83
C GLU D 86 -5.53 42.15 20.65
N ASP D 87 -4.94 42.95 19.76
CA ASP D 87 -5.64 43.50 18.61
C ASP D 87 -5.55 42.63 17.36
N LEU D 88 -4.97 41.42 17.45
CA LEU D 88 -4.75 40.61 16.26
C LEU D 88 -6.06 39.99 15.79
N GLY D 89 -6.10 39.60 14.52
CA GLY D 89 -7.29 39.02 13.96
C GLY D 89 -7.51 39.52 12.55
N VAL D 90 -8.74 39.35 12.07
CA VAL D 90 -9.16 39.86 10.78
C VAL D 90 -10.23 40.94 11.01
N TYR D 91 -10.04 42.09 10.37
CA TYR D 91 -10.95 43.22 10.47
C TYR D 91 -11.73 43.32 9.17
N TYR D 92 -13.06 43.48 9.30
CA TYR D 92 -13.97 43.65 8.17
C TYR D 92 -14.63 45.02 8.22
N CYS D 93 -14.74 45.68 7.05
CA CYS D 93 -15.75 46.72 6.92
C CYS D 93 -17.01 46.08 6.36
N VAL D 94 -18.16 46.67 6.68
CA VAL D 94 -19.44 46.16 6.25
C VAL D 94 -20.44 47.32 6.22
N GLN D 95 -21.20 47.40 5.12
CA GLN D 95 -22.23 48.41 4.97
C GLN D 95 -23.58 47.74 5.09
N GLY D 96 -24.57 48.50 5.56
CA GLY D 96 -25.93 48.03 5.60
C GLY D 96 -26.88 49.05 5.01
N THR D 97 -26.33 50.08 4.36
CA THR D 97 -27.17 51.10 3.75
C THR D 97 -27.95 50.52 2.58
N HIS D 98 -27.26 49.82 1.69
CA HIS D 98 -27.85 49.14 0.56
C HIS D 98 -27.97 47.65 0.85
N SER D 99 -29.11 47.08 0.51
CA SER D 99 -29.27 45.65 0.42
C SER D 99 -28.69 45.11 -0.90
N PRO D 100 -27.98 43.99 -0.87
CA PRO D 100 -27.69 43.21 0.34
C PRO D 100 -26.58 43.84 1.14
N LEU D 101 -26.50 43.49 2.42
CA LEU D 101 -25.35 43.84 3.24
C LEU D 101 -24.10 43.21 2.66
N THR D 102 -23.00 43.96 2.61
CA THR D 102 -21.82 43.48 1.94
C THR D 102 -20.56 43.79 2.74
N PHE D 103 -19.68 42.80 2.84
CA PHE D 103 -18.44 42.89 3.60
C PHE D 103 -17.27 43.05 2.65
N GLY D 104 -16.28 43.82 3.09
CA GLY D 104 -14.99 43.81 2.45
C GLY D 104 -14.35 42.45 2.62
N ALA D 105 -13.20 42.28 1.96
CA ALA D 105 -12.59 40.96 1.90
C ALA D 105 -12.06 40.53 3.27
N GLY D 106 -11.43 41.43 4.02
CA GLY D 106 -10.82 41.14 5.30
C GLY D 106 -9.39 41.64 5.35
N THR D 107 -8.91 41.94 6.56
CA THR D 107 -7.54 42.44 6.74
C THR D 107 -6.95 41.79 8.00
N LYS D 108 -6.13 40.75 7.82
CA LYS D 108 -5.47 40.09 8.96
C LYS D 108 -4.40 41.00 9.55
N LEU D 109 -4.51 41.28 10.84
CA LEU D 109 -3.50 42.06 11.55
C LEU D 109 -2.54 41.08 12.25
N GLU D 110 -1.28 41.12 11.85
CA GLU D 110 -0.23 40.30 12.43
C GLU D 110 0.80 41.18 13.12
N LEU D 111 1.07 40.90 14.40
CA LEU D 111 1.97 41.71 15.21
C LEU D 111 3.41 41.28 15.05
N LYS D 112 4.33 42.25 15.03
CA LYS D 112 5.76 42.00 14.92
C LYS D 112 6.41 41.98 16.30
N ARG D 113 7.46 41.16 16.45
CA ARG D 113 8.09 40.98 17.76
C ARG D 113 9.53 40.50 17.60
N ALA D 114 10.18 40.28 18.73
CA ALA D 114 11.53 39.75 18.73
C ALA D 114 11.52 38.28 18.35
N ASP D 115 12.64 37.79 17.82
CA ASP D 115 12.73 36.37 17.51
C ASP D 115 12.51 35.51 18.75
N ALA D 116 12.05 34.31 18.51
CA ALA D 116 11.83 33.36 19.58
C ALA D 116 12.05 31.97 19.00
N ALA D 117 12.84 31.16 19.66
CA ALA D 117 13.03 29.80 19.18
C ALA D 117 11.84 28.93 19.57
N PRO D 118 11.47 27.96 18.71
CA PRO D 118 10.47 26.98 19.11
C PRO D 118 10.98 26.10 20.22
N THR D 119 10.07 25.72 21.12
CA THR D 119 10.36 24.66 22.09
C THR D 119 9.84 23.38 21.46
N VAL D 120 10.78 22.55 20.98
CA VAL D 120 10.46 21.36 20.20
C VAL D 120 10.31 20.14 21.12
N SER D 121 9.36 19.26 20.78
CA SER D 121 9.09 18.04 21.52
C SER D 121 8.79 16.95 20.52
N ILE D 122 9.38 15.78 20.74
CA ILE D 122 9.12 14.64 19.89
C ILE D 122 8.48 13.57 20.76
N PHE D 123 7.64 12.74 20.16
CA PHE D 123 6.89 11.75 20.92
C PHE D 123 6.80 10.46 20.11
N PRO D 124 7.22 9.33 20.67
CA PRO D 124 7.15 8.08 19.92
C PRO D 124 5.71 7.60 19.81
N PRO D 125 5.41 6.68 18.89
CA PRO D 125 4.05 6.17 18.79
C PRO D 125 3.65 5.46 20.08
N SER D 126 2.37 5.54 20.41
CA SER D 126 1.88 4.80 21.56
C SER D 126 1.87 3.30 21.28
N SER D 127 1.80 2.52 22.35
CA SER D 127 1.66 1.07 22.22
C SER D 127 0.36 0.69 21.51
N GLU D 128 -0.73 1.42 21.81
CA GLU D 128 -2.02 1.09 21.20
C GLU D 128 -2.01 1.27 19.69
N GLN D 129 -1.30 2.29 19.18
CA GLN D 129 -1.25 2.45 17.74
C GLN D 129 -0.48 1.30 17.10
N LEU D 130 0.61 0.88 17.76
CA LEU D 130 1.48 -0.14 17.17
C LEU D 130 0.78 -1.49 17.04
N THR D 131 -0.04 -1.84 18.03
CA THR D 131 -0.85 -3.06 17.98
C THR D 131 -1.86 -3.05 16.83
N SER D 132 -2.24 -1.85 16.36
CA SER D 132 -3.16 -1.71 15.24
C SER D 132 -2.45 -1.54 13.89
N GLY D 133 -1.14 -1.74 13.83
CA GLY D 133 -0.43 -1.63 12.56
C GLY D 133 -0.03 -0.23 12.16
N GLY D 134 -0.22 0.77 13.02
CA GLY D 134 0.12 2.14 12.70
C GLY D 134 1.16 2.72 13.64
N ALA D 135 1.90 3.71 13.13
CA ALA D 135 3.02 4.31 13.87
C ALA D 135 3.08 5.78 13.49
N SER D 136 2.48 6.63 14.33
CA SER D 136 2.60 8.08 14.20
C SER D 136 3.59 8.60 15.23
N VAL D 137 4.52 9.42 14.78
CA VAL D 137 5.40 10.16 15.68
C VAL D 137 5.08 11.65 15.54
N VAL D 138 4.63 12.26 16.64
CA VAL D 138 4.23 13.66 16.63
C VAL D 138 5.42 14.50 17.04
N CYS D 139 5.52 15.69 16.46
CA CYS D 139 6.61 16.60 16.82
C CYS D 139 6.04 18.02 16.92
N PHE D 140 6.28 18.66 18.06
CA PHE D 140 5.64 19.90 18.46
C PHE D 140 6.68 21.01 18.46
N LEU D 141 6.37 22.12 17.78
CA LEU D 141 7.22 23.31 17.73
C LEU D 141 6.40 24.48 18.27
N ASN D 142 6.58 24.80 19.55
CA ASN D 142 5.69 25.73 20.25
C ASN D 142 6.38 27.07 20.47
N ASN D 143 5.69 28.14 20.08
CA ASN D 143 5.95 29.52 20.51
C ASN D 143 7.22 30.09 19.85
N PHE D 144 7.27 30.01 18.53
CA PHE D 144 8.35 30.60 17.75
C PHE D 144 7.86 31.87 17.04
N TYR D 145 8.83 32.69 16.63
CA TYR D 145 8.67 33.86 15.79
C TYR D 145 10.02 34.09 15.15
N PRO D 146 10.09 34.38 13.84
CA PRO D 146 8.96 34.66 12.94
C PRO D 146 8.21 33.41 12.45
N LYS D 147 7.07 33.62 11.78
CA LYS D 147 6.17 32.51 11.49
C LYS D 147 6.74 31.53 10.49
N ASP D 148 7.71 31.93 9.68
CA ASP D 148 8.23 31.02 8.67
C ASP D 148 9.15 30.02 9.33
N ILE D 149 8.79 28.73 9.29
CA ILE D 149 9.63 27.68 9.84
C ILE D 149 9.41 26.40 9.05
N ASN D 150 10.42 25.52 9.05
CA ASN D 150 10.30 24.22 8.42
C ASN D 150 10.66 23.12 9.42
N VAL D 151 10.17 21.90 9.18
CA VAL D 151 10.57 20.75 9.98
C VAL D 151 11.01 19.62 9.05
N LYS D 152 12.23 19.15 9.23
CA LYS D 152 12.75 18.01 8.48
C LYS D 152 12.62 16.77 9.34
N TRP D 153 12.31 15.64 8.72
CA TRP D 153 12.27 14.36 9.39
C TRP D 153 13.43 13.49 8.92
N LYS D 154 14.22 13.01 9.86
CA LYS D 154 15.31 12.08 9.56
C LYS D 154 14.99 10.71 10.15
N ILE D 155 15.14 9.66 9.35
CA ILE D 155 15.01 8.29 9.83
C ILE D 155 16.35 7.63 9.67
N ASP D 156 16.92 7.18 10.80
CA ASP D 156 18.27 6.62 10.84
C ASP D 156 19.29 7.58 10.22
N GLY D 157 18.97 8.87 10.26
CA GLY D 157 19.89 9.88 9.80
C GLY D 157 19.63 10.37 8.40
N SER D 158 18.65 9.80 7.72
CA SER D 158 18.33 10.17 6.36
C SER D 158 16.99 10.87 6.32
N GLU D 159 16.90 11.92 5.51
CA GLU D 159 15.67 12.68 5.39
C GLU D 159 14.56 11.80 4.83
N ARG D 160 13.39 11.92 5.43
CA ARG D 160 12.20 11.20 4.99
C ARG D 160 11.12 12.23 4.63
N GLN D 161 10.49 12.07 3.47
CA GLN D 161 9.46 13.02 3.06
C GLN D 161 8.06 12.47 3.15
N ASN D 162 7.87 11.20 2.85
CA ASN D 162 6.54 10.62 2.80
C ASN D 162 6.05 10.25 4.20
N GLY D 163 4.75 10.39 4.40
CA GLY D 163 4.11 10.11 5.67
C GLY D 163 3.96 11.32 6.58
N VAL D 164 4.21 12.52 6.08
CA VAL D 164 4.20 13.73 6.87
C VAL D 164 2.84 14.42 6.78
N LEU D 165 2.39 14.96 7.91
CA LEU D 165 1.20 15.80 8.02
C LEU D 165 1.54 16.95 8.96
N ASN D 166 1.24 18.20 8.56
CA ASN D 166 1.62 19.39 9.31
C ASN D 166 0.44 20.35 9.48
N SER D 167 0.46 21.08 10.59
CA SER D 167 -0.59 22.04 10.90
C SER D 167 0.01 23.22 11.65
N TRP D 168 -0.26 24.43 11.16
CA TRP D 168 0.17 25.68 11.79
C TRP D 168 -1.00 26.31 12.55
N THR D 169 -0.71 26.88 13.71
CA THR D 169 -1.73 27.71 14.34
C THR D 169 -1.70 29.10 13.73
N ASP D 170 -2.65 29.93 14.16
CA ASP D 170 -2.53 31.35 13.90
C ASP D 170 -2.01 32.05 15.15
N GLN D 171 -1.65 33.32 15.00
CA GLN D 171 -0.81 34.00 15.99
C GLN D 171 -1.45 34.01 17.37
N ASP D 172 -0.61 33.84 18.39
CA ASP D 172 -1.03 33.85 19.78
C ASP D 172 -1.32 35.28 20.26
N SER D 173 -2.42 35.44 20.99
CA SER D 173 -2.93 36.75 21.42
C SER D 173 -2.20 37.36 22.62
N LYS D 174 -1.38 36.61 23.35
CA LYS D 174 -0.65 37.17 24.48
C LYS D 174 0.81 37.41 24.11
N ASP D 175 1.54 36.37 23.70
CA ASP D 175 2.97 36.54 23.38
C ASP D 175 3.25 36.77 21.89
N SER D 176 2.23 36.77 21.03
CA SER D 176 2.38 37.03 19.58
C SER D 176 3.23 35.99 18.87
N THR D 177 3.30 34.77 19.39
CA THR D 177 4.09 33.75 18.74
C THR D 177 3.19 32.83 17.92
N TYR D 178 3.83 31.85 17.27
CA TYR D 178 3.16 30.85 16.47
C TYR D 178 3.57 29.46 16.94
N SER D 179 2.79 28.46 16.52
CA SER D 179 3.14 27.08 16.74
C SER D 179 2.81 26.26 15.49
N MET D 180 3.38 25.07 15.45
CA MET D 180 3.06 24.15 14.38
C MET D 180 3.30 22.74 14.91
N SER D 181 2.59 21.79 14.34
CA SER D 181 2.64 20.42 14.76
C SER D 181 2.83 19.57 13.52
N SER D 182 3.58 18.47 13.67
CA SER D 182 4.03 17.67 12.54
C SER D 182 3.98 16.21 12.93
N THR D 183 3.23 15.43 12.19
CA THR D 183 3.13 14.01 12.46
C THR D 183 3.72 13.27 11.28
N LEU D 184 4.58 12.32 11.60
CA LEU D 184 5.17 11.43 10.62
C LEU D 184 4.54 10.07 10.85
N THR D 185 3.59 9.69 10.01
CA THR D 185 2.90 8.42 10.18
C THR D 185 3.50 7.37 9.26
N LEU D 186 4.09 6.34 9.86
CA LEU D 186 4.60 5.20 9.14
C LEU D 186 3.70 3.99 9.38
N THR D 187 3.97 2.92 8.67
CA THR D 187 3.41 1.65 9.08
C THR D 187 4.10 1.19 10.36
N LYS D 188 3.42 0.34 11.11
CA LYS D 188 4.13 -0.42 12.11
C LYS D 188 5.34 -1.12 11.50
N ASP D 189 5.17 -1.64 10.28
CA ASP D 189 6.24 -2.38 9.62
C ASP D 189 7.48 -1.50 9.40
N GLU D 190 7.34 -0.40 8.65
CA GLU D 190 8.50 0.46 8.40
C GLU D 190 9.09 0.96 9.71
N TYR D 191 8.25 1.26 10.70
CA TYR D 191 8.73 1.79 11.98
C TYR D 191 9.67 0.82 12.67
N GLU D 192 9.38 -0.48 12.57
CA GLU D 192 10.15 -1.48 13.29
C GLU D 192 11.40 -1.89 12.53
N ARG D 193 11.58 -1.39 11.32
CA ARG D 193 12.79 -1.62 10.53
C ARG D 193 13.77 -0.45 10.63
N HIS D 194 13.52 0.50 11.53
CA HIS D 194 14.47 1.55 11.80
C HIS D 194 14.44 1.83 13.30
N ASN D 195 15.33 2.72 13.75
CA ASN D 195 15.53 2.84 15.18
C ASN D 195 15.57 4.28 15.66
N SER D 196 16.28 5.14 14.95
CA SER D 196 16.43 6.54 15.33
C SER D 196 15.51 7.42 14.50
N TYR D 197 14.84 8.34 15.18
CA TYR D 197 13.84 9.23 14.58
C TYR D 197 14.15 10.63 15.09
N THR D 198 14.49 11.51 14.17
CA THR D 198 14.82 12.90 14.46
C THR D 198 13.79 13.84 13.85
N CYS D 199 13.41 14.84 14.64
CA CYS D 199 12.61 15.97 14.21
C CYS D 199 13.49 17.22 14.27
N GLU D 200 13.69 17.86 13.13
CA GLU D 200 14.71 18.89 12.95
C GLU D 200 14.02 20.19 12.54
N ALA D 201 14.15 21.23 13.35
CA ALA D 201 13.50 22.50 13.11
C ALA D 201 14.46 23.49 12.48
N THR D 202 14.00 24.19 11.44
CA THR D 202 14.79 25.16 10.70
C THR D 202 14.01 26.47 10.64
N HIS D 203 14.69 27.58 10.94
CA HIS D 203 13.99 28.86 11.05
C HIS D 203 14.60 29.93 10.15
N THR D 207 18.19 31.30 14.99
CA THR D 207 18.71 30.26 15.91
C THR D 207 18.13 28.91 15.55
N SER D 208 19.02 28.07 15.05
CA SER D 208 18.59 26.99 14.18
C SER D 208 19.84 26.24 13.73
N PRO D 209 19.73 24.95 13.38
CA PRO D 209 18.50 24.19 13.53
C PRO D 209 18.26 23.81 14.97
N ILE D 210 17.18 23.08 15.25
CA ILE D 210 16.89 22.60 16.59
C ILE D 210 16.33 21.19 16.48
N VAL D 211 17.05 20.23 17.06
CA VAL D 211 16.79 18.80 16.88
C VAL D 211 16.21 18.18 18.14
N LYS D 212 15.38 17.17 17.92
CA LYS D 212 14.84 16.30 18.94
C LYS D 212 14.82 14.92 18.32
N SER D 213 15.22 13.92 19.11
CA SER D 213 15.39 12.57 18.61
C SER D 213 15.02 11.57 19.68
N PHE D 214 14.73 10.35 19.25
CA PHE D 214 14.62 9.24 20.17
C PHE D 214 15.01 7.96 19.43
N ASN D 215 15.53 6.99 20.18
CA ASN D 215 15.89 5.71 19.61
C ASN D 215 14.82 4.69 19.98
N ARG D 216 14.32 3.97 18.95
CA ARG D 216 13.17 3.10 19.15
C ARG D 216 13.39 2.09 20.27
N ASN D 217 14.63 1.62 20.44
CA ASN D 217 14.94 0.62 21.45
C ASN D 217 15.04 1.21 22.85
N GLU D 218 14.31 2.27 23.16
CA GLU D 218 14.45 2.95 24.47
C GLU D 218 13.15 3.56 24.93
N VAL E 1 -25.84 40.38 26.55
CA VAL E 1 -26.87 39.54 25.94
C VAL E 1 -26.26 38.52 24.97
N GLN E 2 -27.05 37.50 24.68
CA GLN E 2 -26.59 36.28 24.04
C GLN E 2 -27.45 35.98 22.83
N LEU E 3 -26.82 35.37 21.84
CA LEU E 3 -27.50 34.74 20.73
C LEU E 3 -26.92 33.33 20.74
N GLN E 4 -27.70 32.37 21.22
CA GLN E 4 -27.25 31.00 21.41
C GLN E 4 -27.72 30.18 20.23
N GLN E 5 -26.78 29.74 19.41
CA GLN E 5 -27.18 28.94 18.26
C GLN E 5 -27.06 27.46 18.59
N SER E 6 -27.57 26.63 17.67
CA SER E 6 -27.72 25.20 17.85
C SER E 6 -26.42 24.48 17.45
N GLY E 7 -26.44 23.15 17.54
CA GLY E 7 -25.23 22.38 17.42
C GLY E 7 -24.83 22.09 15.99
N PRO E 8 -23.62 21.55 15.85
CA PRO E 8 -23.10 21.20 14.52
C PRO E 8 -23.91 20.06 13.89
N GLU E 9 -23.92 20.07 12.55
CA GLU E 9 -24.81 19.23 11.75
C GLU E 9 -24.01 18.52 10.67
N LEU E 10 -24.27 17.22 10.51
CA LEU E 10 -23.78 16.44 9.37
C LEU E 10 -24.98 15.99 8.56
N VAL E 11 -25.08 16.48 7.32
CA VAL E 11 -26.26 16.30 6.49
C VAL E 11 -25.89 15.83 5.09
N LYS E 12 -26.83 15.04 4.47
CA LYS E 12 -26.48 14.49 3.16
C LYS E 12 -26.87 15.46 2.04
N PRO E 13 -26.13 15.43 0.94
CA PRO E 13 -26.52 16.18 -0.25
C PRO E 13 -27.98 15.92 -0.56
N GLY E 14 -28.71 16.98 -0.92
CA GLY E 14 -30.11 16.87 -1.23
C GLY E 14 -31.05 17.03 -0.05
N ALA E 15 -30.60 16.75 1.17
CA ALA E 15 -31.44 16.96 2.35
C ALA E 15 -31.53 18.44 2.70
N SER E 16 -32.27 18.72 3.77
CA SER E 16 -32.38 20.06 4.29
C SER E 16 -31.96 20.07 5.77
N VAL E 17 -31.56 21.25 6.26
CA VAL E 17 -31.17 21.41 7.65
C VAL E 17 -31.74 22.73 8.17
N LYS E 18 -32.03 22.76 9.47
CA LYS E 18 -32.65 23.92 10.07
C LYS E 18 -31.87 24.29 11.33
N ILE E 19 -31.27 25.47 11.33
CA ILE E 19 -30.51 25.97 12.45
C ILE E 19 -31.40 26.94 13.21
N SER E 20 -31.07 27.15 14.48
CA SER E 20 -31.87 28.00 15.34
C SER E 20 -30.97 28.92 16.15
N CYS E 21 -31.57 30.00 16.69
CA CYS E 21 -30.87 31.01 17.48
C CYS E 21 -31.83 31.52 18.55
N LYS E 22 -31.58 31.16 19.81
CA LYS E 22 -32.38 31.66 20.93
C LYS E 22 -31.79 32.97 21.42
N THR E 23 -32.69 33.90 21.79
CA THR E 23 -32.33 35.18 22.35
C THR E 23 -32.46 35.07 23.85
N SER E 24 -31.39 35.36 24.57
CA SER E 24 -31.38 35.04 25.98
C SER E 24 -31.97 36.13 26.87
N GLU E 25 -32.23 37.32 26.34
CA GLU E 25 -32.87 38.37 27.13
C GLU E 25 -34.12 38.87 26.41
N TYR E 26 -35.22 38.99 27.18
CA TYR E 26 -36.49 39.40 26.60
C TYR E 26 -36.39 40.70 25.84
N THR E 27 -35.49 41.59 26.23
CA THR E 27 -35.41 42.91 25.62
C THR E 27 -35.02 42.83 24.14
N PHE E 28 -34.31 41.78 23.73
CA PHE E 28 -33.82 41.65 22.36
C PHE E 28 -34.66 40.71 21.50
N THR E 29 -35.76 40.16 22.03
CA THR E 29 -36.57 39.24 21.24
C THR E 29 -37.20 39.90 20.02
N GLU E 30 -37.32 41.22 20.01
CA GLU E 30 -38.03 41.96 18.98
C GLU E 30 -37.13 42.48 17.88
N TYR E 31 -35.82 42.51 18.10
CA TYR E 31 -34.92 43.11 17.13
C TYR E 31 -34.77 42.24 15.89
N THR E 32 -34.42 42.88 14.78
CA THR E 32 -34.17 42.15 13.56
C THR E 32 -32.99 41.21 13.75
N LYS E 33 -33.14 39.98 13.28
CA LYS E 33 -32.08 38.98 13.33
C LYS E 33 -31.51 38.75 11.94
N HIS E 34 -30.20 38.80 11.82
CA HIS E 34 -29.50 38.61 10.56
C HIS E 34 -28.83 37.25 10.53
N TRP E 35 -28.75 36.70 9.33
CA TRP E 35 -28.03 35.45 9.14
C TRP E 35 -26.85 35.70 8.22
N VAL E 36 -25.72 35.07 8.55
CA VAL E 36 -24.44 35.28 7.88
C VAL E 36 -23.81 33.92 7.60
N LYS E 37 -23.23 33.77 6.42
CA LYS E 37 -22.49 32.57 6.05
C LYS E 37 -21.01 32.89 5.97
N GLN E 38 -20.18 32.02 6.56
CA GLN E 38 -18.73 32.12 6.43
C GLN E 38 -18.16 30.77 6.02
N SER E 39 -17.66 30.68 4.80
CA SER E 39 -17.00 29.46 4.37
C SER E 39 -15.55 29.46 4.87
N HIS E 40 -15.08 28.27 5.24
CA HIS E 40 -13.76 28.11 5.86
C HIS E 40 -12.69 28.88 5.11
N GLY E 41 -11.97 29.73 5.86
CA GLY E 41 -10.94 30.58 5.31
C GLY E 41 -11.41 31.81 4.56
N LYS E 42 -12.71 32.01 4.38
CA LYS E 42 -13.25 33.03 3.47
C LYS E 42 -13.95 34.14 4.25
N SER E 43 -14.43 35.14 3.52
CA SER E 43 -15.03 36.31 4.14
C SER E 43 -16.46 35.97 4.54
N LEU E 44 -17.18 37.00 4.98
CA LEU E 44 -18.56 36.84 5.40
C LEU E 44 -19.53 37.15 4.25
N GLU E 45 -20.76 36.67 4.39
CA GLU E 45 -21.83 36.86 3.41
C GLU E 45 -23.16 37.00 4.12
N TRP E 46 -23.96 37.99 3.70
CA TRP E 46 -25.26 38.22 4.31
C TRP E 46 -26.32 37.39 3.60
N ILE E 47 -26.93 36.45 4.33
CA ILE E 47 -28.00 35.62 3.81
C ILE E 47 -29.31 36.39 3.77
N GLY E 48 -29.70 36.96 4.90
CA GLY E 48 -30.95 37.67 4.99
C GLY E 48 -31.26 38.01 6.43
N SER E 49 -32.40 38.68 6.62
CA SER E 49 -32.80 39.14 7.94
C SER E 49 -34.30 38.92 8.17
N ILE E 50 -34.69 38.84 9.43
CA ILE E 50 -36.10 38.69 9.79
C ILE E 50 -36.46 39.66 10.91
N ASN E 51 -37.63 40.28 10.77
CA ASN E 51 -38.21 41.16 11.76
C ASN E 51 -39.16 40.33 12.63
N PRO E 52 -38.83 40.06 13.90
CA PRO E 52 -39.73 39.23 14.73
C PRO E 52 -41.13 39.81 14.92
N ASN E 53 -41.27 41.14 15.02
CA ASN E 53 -42.58 41.77 15.21
C ASN E 53 -43.59 41.27 14.18
N ASN E 54 -43.22 41.30 12.89
CA ASN E 54 -44.15 41.04 11.81
C ASN E 54 -43.77 39.86 10.92
N GLY E 55 -42.59 39.28 11.10
CA GLY E 55 -42.17 38.19 10.26
C GLY E 55 -41.70 38.59 8.88
N ASP E 56 -41.52 39.89 8.60
CA ASP E 56 -40.99 40.29 7.31
C ASP E 56 -39.58 39.74 7.14
N THR E 57 -39.24 39.42 5.90
CA THR E 57 -37.93 38.89 5.53
C THR E 57 -37.29 39.77 4.48
N TYR E 58 -35.97 39.72 4.40
CA TYR E 58 -35.24 40.53 3.43
C TYR E 58 -34.00 39.72 3.03
N TYR E 59 -34.08 39.01 1.90
CA TYR E 59 -33.04 38.08 1.53
C TYR E 59 -31.99 38.72 0.63
N ASN E 60 -30.79 38.14 0.66
CA ASN E 60 -29.85 38.33 -0.44
C ASN E 60 -30.38 37.54 -1.64
N GLN E 61 -30.39 38.18 -2.81
CA GLN E 61 -30.87 37.48 -4.00
C GLN E 61 -30.20 36.11 -4.16
N LYS E 62 -28.89 36.03 -3.86
CA LYS E 62 -28.08 34.83 -3.99
C LYS E 62 -28.45 33.70 -3.05
N PHE E 63 -29.41 33.87 -2.14
CA PHE E 63 -29.77 32.78 -1.23
C PHE E 63 -31.25 32.47 -1.22
N THR E 64 -32.07 33.22 -1.95
CA THR E 64 -33.46 32.86 -2.21
C THR E 64 -33.55 31.49 -2.85
N ASP E 65 -32.39 31.01 -3.29
CA ASP E 65 -32.13 29.65 -3.73
C ASP E 65 -32.26 28.63 -2.60
N LYS E 66 -32.01 29.06 -1.36
CA LYS E 66 -31.37 28.20 -0.38
C LYS E 66 -31.89 28.34 1.05
N ALA E 67 -32.32 29.52 1.47
CA ALA E 67 -32.57 29.79 2.88
C ALA E 67 -34.00 30.29 3.12
N THR E 68 -34.64 29.76 4.15
CA THR E 68 -35.90 30.29 4.67
C THR E 68 -35.71 30.69 6.12
N LEU E 69 -35.93 31.99 6.41
CA LEU E 69 -35.83 32.52 7.76
C LEU E 69 -37.23 32.61 8.34
N THR E 70 -37.45 31.96 9.47
CA THR E 70 -38.68 32.03 10.21
C THR E 70 -38.37 32.31 11.67
N VAL E 71 -39.39 32.76 12.39
CA VAL E 71 -39.30 33.10 13.80
C VAL E 71 -40.50 32.45 14.48
N ASP E 72 -40.31 32.00 15.72
CA ASP E 72 -41.40 31.32 16.39
C ASP E 72 -42.40 32.33 16.96
N LYS E 73 -43.37 31.81 17.71
CA LYS E 73 -44.40 32.64 18.33
C LYS E 73 -43.78 33.67 19.28
N SER E 74 -43.02 33.18 20.27
CA SER E 74 -42.46 34.04 21.31
C SER E 74 -41.39 35.00 20.81
N SER E 75 -41.00 34.90 19.54
CA SER E 75 -39.94 35.70 18.93
C SER E 75 -38.58 35.39 19.55
N THR E 76 -38.51 34.43 20.48
CA THR E 76 -37.23 34.10 21.09
C THR E 76 -36.36 33.23 20.21
N THR E 77 -36.94 32.45 19.28
CA THR E 77 -36.15 31.53 18.45
C THR E 77 -36.37 31.81 16.96
N ALA E 78 -35.38 32.45 16.33
CA ALA E 78 -35.32 32.58 14.88
C ALA E 78 -34.56 31.38 14.30
N SER E 79 -34.98 30.95 13.11
CA SER E 79 -34.50 29.69 12.55
C SER E 79 -34.31 29.83 11.05
N MET E 80 -33.15 29.45 10.56
CA MET E 80 -32.91 29.40 9.13
C MET E 80 -32.94 27.95 8.64
N GLU E 81 -33.67 27.71 7.56
CA GLU E 81 -33.62 26.44 6.85
C GLU E 81 -32.74 26.58 5.61
N LEU E 82 -31.88 25.61 5.38
CA LEU E 82 -31.10 25.53 4.15
C LEU E 82 -31.53 24.26 3.44
N ARG E 83 -32.13 24.41 2.25
CA ARG E 83 -32.76 23.31 1.54
C ARG E 83 -31.94 22.96 0.30
N SER E 84 -32.15 21.73 -0.18
CA SER E 84 -31.43 21.21 -1.36
C SER E 84 -29.92 21.24 -1.16
N LEU E 85 -29.46 20.66 -0.06
CA LEU E 85 -28.11 20.94 0.39
C LEU E 85 -27.09 20.46 -0.64
N THR E 86 -26.07 21.28 -0.84
CA THR E 86 -24.95 21.00 -1.73
C THR E 86 -23.68 21.00 -0.88
N PHE E 87 -22.57 20.60 -1.48
CA PHE E 87 -21.31 20.65 -0.77
C PHE E 87 -20.88 22.09 -0.52
N GLU E 88 -21.13 22.98 -1.47
CA GLU E 88 -20.84 24.40 -1.32
C GLU E 88 -21.65 25.04 -0.19
N ASP E 89 -22.54 24.29 0.44
CA ASP E 89 -23.26 24.79 1.61
C ASP E 89 -22.57 24.48 2.94
N SER E 90 -21.61 23.55 2.97
CA SER E 90 -20.80 23.31 4.16
C SER E 90 -20.11 24.60 4.59
N ALA E 91 -20.45 25.11 5.76
CA ALA E 91 -19.96 26.42 6.18
C ALA E 91 -20.26 26.60 7.66
N VAL E 92 -19.77 27.71 8.21
CA VAL E 92 -20.25 28.21 9.49
C VAL E 92 -21.35 29.22 9.21
N TYR E 93 -22.44 29.14 9.97
CA TYR E 93 -23.52 30.10 9.87
C TYR E 93 -23.66 30.86 11.18
N TYR E 94 -23.81 32.19 11.08
CA TYR E 94 -23.88 33.07 12.24
C TYR E 94 -25.22 33.80 12.36
N CYS E 95 -25.69 33.90 13.59
CA CYS E 95 -26.85 34.70 13.95
C CYS E 95 -26.36 36.03 14.54
N ALA E 96 -26.82 37.14 13.97
CA ALA E 96 -26.33 38.44 14.39
C ALA E 96 -27.52 39.38 14.62
N MET E 97 -27.36 40.25 15.61
CA MET E 97 -28.40 41.22 15.99
C MET E 97 -28.44 42.38 15.00
N GLY E 98 -29.65 42.91 14.80
CA GLY E 98 -29.88 44.05 13.93
C GLY E 98 -30.52 45.23 14.62
N ASP E 99 -31.13 46.11 13.82
CA ASP E 99 -31.84 47.35 14.27
C ASP E 99 -30.80 48.32 14.86
N SER E 100 -31.11 49.00 15.97
CA SER E 100 -30.20 49.93 16.64
C SER E 100 -28.97 49.24 17.25
N ALA E 101 -28.96 47.92 17.37
CA ALA E 101 -27.79 47.15 17.82
C ALA E 101 -27.26 46.24 16.71
N TRP E 102 -27.29 46.72 15.46
CA TRP E 102 -26.97 45.91 14.29
C TRP E 102 -25.52 45.43 14.29
N PHE E 103 -25.34 44.09 14.28
CA PHE E 103 -24.05 43.41 14.37
C PHE E 103 -23.33 43.68 15.68
N ALA E 104 -24.00 44.23 16.67
CA ALA E 104 -23.36 44.40 17.96
C ALA E 104 -23.13 43.05 18.63
N TYR E 105 -24.13 42.16 18.57
CA TYR E 105 -24.09 40.86 19.21
C TYR E 105 -24.15 39.77 18.16
N TRP E 106 -23.33 38.74 18.34
CA TRP E 106 -23.23 37.65 17.39
C TRP E 106 -23.36 36.32 18.10
N GLY E 107 -23.88 35.33 17.37
CA GLY E 107 -23.89 33.95 17.83
C GLY E 107 -22.49 33.34 17.79
N GLN E 108 -22.46 32.04 18.09
CA GLN E 108 -21.20 31.28 18.15
C GLN E 108 -21.06 30.25 17.02
N GLY E 109 -22.07 29.38 16.84
CA GLY E 109 -22.03 28.26 15.90
C GLY E 109 -22.31 28.91 14.58
N THR E 110 -22.76 28.18 13.55
CA THR E 110 -23.10 26.77 13.55
C THR E 110 -22.43 26.16 12.35
N LEU E 111 -21.67 25.08 12.57
CA LEU E 111 -20.97 24.40 11.49
C LEU E 111 -21.88 23.34 10.88
N VAL E 112 -22.23 23.50 9.60
CA VAL E 112 -22.97 22.49 8.85
C VAL E 112 -22.01 21.85 7.87
N THR E 113 -21.87 20.53 7.95
CA THR E 113 -21.07 19.78 6.99
C THR E 113 -21.98 18.91 6.13
N VAL E 114 -21.96 19.16 4.81
CA VAL E 114 -22.79 18.44 3.85
C VAL E 114 -21.97 17.31 3.27
N SER E 115 -22.33 16.09 3.61
CA SER E 115 -21.56 14.96 3.15
C SER E 115 -22.43 13.72 3.22
N SER E 116 -22.02 12.71 2.47
CA SER E 116 -22.68 11.42 2.48
C SER E 116 -21.88 10.37 3.23
N ALA E 117 -20.64 10.68 3.59
CA ALA E 117 -19.86 9.78 4.41
C ALA E 117 -20.58 9.54 5.73
N LYS E 118 -20.42 8.34 6.27
CA LYS E 118 -20.91 8.04 7.61
C LYS E 118 -19.92 8.58 8.65
N THR E 119 -20.44 8.91 9.82
CA THR E 119 -19.54 9.41 10.87
C THR E 119 -18.43 8.39 11.15
N THR E 120 -17.27 8.89 11.54
CA THR E 120 -16.15 8.05 12.01
C THR E 120 -15.57 8.59 13.31
N PRO E 121 -15.69 7.88 14.43
CA PRO E 121 -15.21 8.41 15.71
C PRO E 121 -13.71 8.52 15.70
N PRO E 122 -13.13 9.39 16.51
CA PRO E 122 -11.67 9.55 16.52
C PRO E 122 -10.97 8.41 17.25
N SER E 123 -9.71 8.22 16.86
CA SER E 123 -8.75 7.45 17.64
C SER E 123 -7.92 8.44 18.44
N VAL E 124 -7.87 8.25 19.75
CA VAL E 124 -7.13 9.14 20.64
C VAL E 124 -5.93 8.38 21.18
N TYR E 125 -4.74 8.90 20.92
CA TYR E 125 -3.51 8.30 21.42
C TYR E 125 -2.79 9.31 22.31
N PRO E 126 -2.31 8.90 23.49
CA PRO E 126 -1.65 9.85 24.39
C PRO E 126 -0.21 10.08 23.98
N LEU E 127 0.32 11.23 24.33
CA LEU E 127 1.69 11.59 23.98
C LEU E 127 2.46 11.85 25.28
N ALA E 128 3.22 10.86 25.71
CA ALA E 128 4.15 11.09 26.78
C ALA E 128 5.56 11.07 26.21
N PRO E 129 6.48 11.81 26.81
CA PRO E 129 7.88 11.76 26.36
C PRO E 129 8.51 10.37 26.42
N GLY E 130 9.05 10.02 27.59
CA GLY E 130 9.88 8.84 27.75
C GLY E 130 11.37 9.09 27.59
N SER E 131 11.76 10.23 27.04
CA SER E 131 13.16 10.51 26.81
C SER E 131 13.54 11.87 27.38
N ASN E 136 13.89 21.21 31.61
CA ASN E 136 13.65 20.43 32.82
C ASN E 136 12.61 21.07 33.74
N SER E 137 12.34 22.38 33.56
CA SER E 137 11.38 23.09 34.40
C SER E 137 9.93 22.86 33.97
N MET E 138 9.65 22.82 32.66
CA MET E 138 8.30 22.59 32.19
C MET E 138 8.27 21.38 31.27
N VAL E 139 7.19 20.59 31.37
CA VAL E 139 7.03 19.35 30.64
C VAL E 139 5.94 19.53 29.59
N THR E 140 6.15 18.97 28.40
CA THR E 140 5.17 19.05 27.33
C THR E 140 4.60 17.67 27.04
N LEU E 141 3.29 17.56 27.16
CA LEU E 141 2.54 16.36 26.89
C LEU E 141 1.61 16.63 25.72
N GLY E 142 0.92 15.60 25.27
CA GLY E 142 0.16 15.81 24.06
C GLY E 142 -0.90 14.76 23.87
N CYS E 143 -1.65 14.94 22.80
CA CYS E 143 -2.80 14.10 22.52
C CYS E 143 -3.00 14.06 21.02
N LEU E 144 -2.88 12.87 20.42
CA LEU E 144 -3.15 12.70 19.00
C LEU E 144 -4.57 12.18 18.82
N VAL E 145 -5.37 12.93 18.04
CA VAL E 145 -6.77 12.64 17.74
C VAL E 145 -6.87 12.25 16.26
N LYS E 146 -6.76 10.95 15.99
CA LYS E 146 -6.41 10.44 14.66
C LYS E 146 -7.62 9.90 13.93
N GLY E 147 -7.90 10.44 12.75
CA GLY E 147 -8.82 9.88 11.78
C GLY E 147 -10.29 9.86 12.11
N TYR E 148 -10.90 11.03 12.30
CA TYR E 148 -12.33 11.17 12.54
C TYR E 148 -12.99 11.94 11.40
N PHE E 149 -14.30 11.91 11.40
CA PHE E 149 -15.14 12.68 10.52
C PHE E 149 -16.57 12.63 11.06
N PRO E 150 -17.31 13.74 11.00
CA PRO E 150 -16.81 15.02 10.50
C PRO E 150 -16.23 15.92 11.59
N GLU E 151 -15.88 17.14 11.21
CA GLU E 151 -15.70 18.18 12.20
C GLU E 151 -17.04 18.43 12.91
N PRO E 152 -17.01 18.88 14.18
CA PRO E 152 -15.84 19.15 15.02
C PRO E 152 -15.55 18.10 16.07
N VAL E 153 -14.35 18.13 16.64
CA VAL E 153 -14.06 17.53 17.93
C VAL E 153 -13.56 18.64 18.85
N THR E 154 -13.71 18.41 20.15
CA THR E 154 -13.19 19.34 21.15
C THR E 154 -12.20 18.63 22.06
N VAL E 155 -11.20 19.39 22.49
CA VAL E 155 -10.13 18.88 23.34
C VAL E 155 -9.98 19.84 24.50
N THR E 156 -10.17 19.33 25.71
CA THR E 156 -9.87 20.05 26.94
C THR E 156 -8.84 19.25 27.73
N TRP E 157 -8.33 19.83 28.80
CA TRP E 157 -7.37 19.14 29.66
C TRP E 157 -7.80 19.35 31.10
N ASN E 158 -7.84 18.26 31.86
CA ASN E 158 -8.44 18.26 33.19
C ASN E 158 -9.74 19.07 33.20
N SER E 159 -10.67 18.61 32.36
CA SER E 159 -12.01 19.18 32.27
C SER E 159 -12.01 20.70 32.20
N GLY E 160 -10.91 21.31 31.78
CA GLY E 160 -10.82 22.75 31.66
C GLY E 160 -10.04 23.45 32.76
N SER E 161 -9.60 22.71 33.79
CA SER E 161 -8.71 23.30 34.79
C SER E 161 -7.40 23.74 34.17
N LEU E 162 -6.98 23.09 33.08
CA LEU E 162 -5.75 23.42 32.37
C LEU E 162 -6.08 24.09 31.04
N SER E 163 -5.50 25.27 30.80
CA SER E 163 -5.81 25.96 29.56
C SER E 163 -4.75 26.96 29.10
N SER E 164 -4.00 27.57 30.03
CA SER E 164 -3.10 28.66 29.64
C SER E 164 -2.03 28.18 28.65
N GLY E 165 -1.35 27.09 28.95
CA GLY E 165 -0.28 26.63 28.10
C GLY E 165 -0.69 25.51 27.17
N VAL E 166 -1.84 25.66 26.53
CA VAL E 166 -2.45 24.60 25.72
C VAL E 166 -2.51 25.04 24.26
N HIS E 167 -1.94 24.22 23.38
CA HIS E 167 -2.08 24.39 21.94
C HIS E 167 -2.93 23.25 21.40
N THR E 168 -3.92 23.59 20.57
CA THR E 168 -4.70 22.63 19.81
C THR E 168 -4.48 22.92 18.33
N PHE E 169 -3.89 21.92 17.59
CA PHE E 169 -3.61 22.47 16.26
C PHE E 169 -4.77 22.19 15.31
N PRO E 170 -4.99 23.05 14.32
CA PRO E 170 -6.13 22.86 13.42
C PRO E 170 -6.08 21.47 12.79
N ALA E 171 -7.26 20.89 12.62
CA ALA E 171 -7.33 19.56 12.02
C ALA E 171 -7.10 19.64 10.52
N VAL E 172 -6.58 18.55 9.98
CA VAL E 172 -6.19 18.45 8.58
C VAL E 172 -6.87 17.22 8.00
N LEU E 173 -7.45 17.37 6.81
CA LEU E 173 -8.17 16.31 6.13
C LEU E 173 -7.20 15.55 5.26
N GLN E 174 -6.91 14.31 5.65
CA GLN E 174 -5.93 13.48 4.99
C GLN E 174 -6.60 12.14 4.68
N SER E 175 -6.86 11.89 3.40
CA SER E 175 -7.51 10.68 2.91
C SER E 175 -8.85 10.45 3.62
N ASP E 176 -9.71 11.48 3.54
CA ASP E 176 -11.12 11.41 3.90
C ASP E 176 -11.34 11.36 5.41
N LEU E 177 -10.32 11.65 6.20
CA LEU E 177 -10.47 11.68 7.65
C LEU E 177 -9.69 12.86 8.18
N TYR E 178 -10.17 13.40 9.29
CA TYR E 178 -9.50 14.49 9.97
C TYR E 178 -8.58 13.93 11.03
N THR E 179 -7.45 14.59 11.23
CA THR E 179 -6.54 14.33 12.33
C THR E 179 -6.21 15.66 12.99
N LEU E 180 -6.16 15.70 14.32
CA LEU E 180 -5.50 16.83 14.94
C LEU E 180 -4.67 16.37 16.12
N SER E 181 -3.97 17.31 16.70
CA SER E 181 -3.13 17.06 17.84
C SER E 181 -3.24 18.24 18.79
N SER E 182 -3.02 17.97 20.07
CA SER E 182 -3.08 19.00 21.10
C SER E 182 -1.97 18.77 22.10
N SER E 183 -1.36 19.87 22.57
CA SER E 183 -0.25 19.80 23.50
C SER E 183 -0.52 20.67 24.73
N VAL E 184 -0.18 20.15 25.89
CA VAL E 184 -0.26 20.90 27.13
C VAL E 184 1.14 20.98 27.74
N THR E 185 1.46 22.12 28.34
CA THR E 185 2.76 22.34 28.96
C THR E 185 2.57 22.66 30.43
N VAL E 186 3.07 21.78 31.28
CA VAL E 186 2.85 21.85 32.72
C VAL E 186 4.21 21.98 33.40
N PRO E 187 4.28 22.65 34.56
CA PRO E 187 5.52 22.64 35.34
C PRO E 187 6.00 21.22 35.60
N SER E 188 7.32 21.04 35.64
CA SER E 188 7.89 19.70 35.84
C SER E 188 7.42 19.04 37.13
N SER E 189 7.05 19.83 38.14
CA SER E 189 6.63 19.26 39.40
C SER E 189 5.25 18.60 39.31
N THR E 190 4.31 19.20 38.58
CA THR E 190 2.94 18.73 38.62
C THR E 190 2.79 17.35 37.99
N TRP E 191 3.53 17.08 36.91
CA TRP E 191 3.45 15.81 36.18
C TRP E 191 4.78 15.05 36.23
N PRO E 192 4.75 13.72 36.43
CA PRO E 192 3.62 12.79 36.59
C PRO E 192 2.96 12.76 37.97
N SER E 193 3.36 13.66 38.88
CA SER E 193 2.86 13.65 40.26
C SER E 193 1.34 13.75 40.28
N GLU E 194 0.81 14.92 39.96
CA GLU E 194 -0.60 15.07 39.60
C GLU E 194 -0.89 14.35 38.28
N THR E 195 -2.17 14.25 37.93
CA THR E 195 -2.57 13.60 36.69
C THR E 195 -3.09 14.62 35.68
N VAL E 196 -2.70 14.41 34.43
CA VAL E 196 -3.09 15.22 33.28
C VAL E 196 -3.87 14.32 32.34
N THR E 197 -5.10 14.71 32.02
CA THR E 197 -5.95 13.95 31.11
C THR E 197 -6.37 14.84 29.95
N CYS E 198 -6.46 14.21 28.78
CA CYS E 198 -6.92 14.83 27.55
C CYS E 198 -8.36 14.36 27.33
N ASN E 199 -9.32 15.26 27.52
CA ASN E 199 -10.72 14.95 27.22
C ASN E 199 -10.99 15.27 25.76
N VAL E 200 -11.32 14.24 24.98
CA VAL E 200 -11.67 14.40 23.58
C VAL E 200 -13.15 14.12 23.41
N ALA E 201 -13.83 14.97 22.62
CA ALA E 201 -15.27 14.80 22.37
C ALA E 201 -15.62 15.00 20.90
N HIS E 202 -16.44 14.10 20.37
CA HIS E 202 -16.90 14.11 18.99
C HIS E 202 -18.42 13.92 19.00
N PRO E 203 -19.19 14.98 18.81
CA PRO E 203 -20.65 14.84 18.97
C PRO E 203 -21.33 14.05 17.86
N ALA E 204 -20.85 14.17 16.61
CA ALA E 204 -21.49 13.44 15.51
C ALA E 204 -21.49 11.93 15.74
N SER E 205 -20.43 11.40 16.34
CA SER E 205 -20.41 9.99 16.65
C SER E 205 -20.71 9.72 18.11
N SER E 206 -21.25 10.71 18.83
CA SER E 206 -21.48 10.63 20.27
C SER E 206 -20.36 9.85 20.93
N THR E 207 -19.15 10.36 20.80
CA THR E 207 -18.00 9.71 21.40
C THR E 207 -17.20 10.69 22.24
N LYS E 208 -16.88 10.27 23.45
CA LYS E 208 -16.03 11.00 24.36
C LYS E 208 -14.96 10.03 24.83
N VAL E 209 -13.72 10.46 24.80
CA VAL E 209 -12.62 9.68 25.34
C VAL E 209 -11.87 10.57 26.30
N ASP E 210 -11.43 9.98 27.42
CA ASP E 210 -10.57 10.65 28.40
C ASP E 210 -9.28 9.83 28.50
N LYS E 211 -8.26 10.24 27.76
CA LYS E 211 -6.96 9.61 27.80
C LYS E 211 -6.10 10.30 28.85
N LYS E 212 -5.83 9.60 29.96
CA LYS E 212 -4.91 10.04 31.00
C LYS E 212 -3.46 9.80 30.55
N ILE E 213 -2.61 10.82 30.69
CA ILE E 213 -1.23 10.72 30.18
C ILE E 213 -0.35 10.07 31.24
N VAL E 214 -0.02 8.80 31.06
CA VAL E 214 0.91 8.12 31.96
C VAL E 214 2.33 8.17 31.41
N PRO E 215 3.36 8.34 32.24
CA PRO E 215 4.74 8.30 31.72
C PRO E 215 5.14 6.89 31.35
N ARG E 216 5.95 6.78 30.31
CA ARG E 216 6.35 5.46 29.85
C ARG E 216 7.60 5.00 30.58
N ASP E 217 7.69 3.68 30.78
CA ASP E 217 8.80 3.09 31.54
C ASP E 217 10.06 2.97 30.67
N THR F 25 -34.29 56.58 11.11
CA THR F 25 -35.09 55.61 10.36
C THR F 25 -34.17 54.69 9.55
N SER F 26 -33.62 53.65 10.21
CA SER F 26 -32.73 52.72 9.53
C SER F 26 -33.47 52.03 8.37
N PRO F 27 -32.73 51.53 7.37
CA PRO F 27 -33.34 50.72 6.31
C PRO F 27 -34.13 49.56 6.91
N ARG F 28 -35.29 49.26 6.32
CA ARG F 28 -36.17 48.26 6.92
C ARG F 28 -35.48 46.92 7.06
N HIS F 29 -34.49 46.65 6.19
CA HIS F 29 -33.84 45.35 6.25
C HIS F 29 -32.77 45.29 7.32
N LEU F 30 -32.14 46.41 7.67
CA LEU F 30 -31.19 46.43 8.78
C LEU F 30 -31.96 46.20 10.07
N NH2 F 31 -33.09 46.88 10.21
N ASP G 1 7.56 -16.38 0.18
CA ASP G 1 7.55 -17.58 -0.67
C ASP G 1 6.14 -18.11 -0.87
N VAL G 2 5.72 -18.23 -2.13
CA VAL G 2 4.40 -18.74 -2.48
C VAL G 2 4.41 -20.28 -2.33
N GLN G 3 3.75 -20.79 -1.31
CA GLN G 3 3.80 -22.23 -1.11
C GLN G 3 2.86 -22.93 -2.08
N MET G 4 3.36 -23.99 -2.74
CA MET G 4 2.63 -24.71 -3.77
C MET G 4 2.25 -26.08 -3.26
N THR G 5 0.95 -26.32 -3.11
CA THR G 5 0.43 -27.53 -2.53
C THR G 5 -0.06 -28.46 -3.65
N GLN G 6 0.64 -29.58 -3.81
CA GLN G 6 0.48 -30.46 -4.95
C GLN G 6 -0.17 -31.75 -4.47
N THR G 7 -1.26 -32.14 -5.13
CA THR G 7 -2.04 -33.24 -4.61
C THR G 7 -2.67 -34.02 -5.76
N PRO G 8 -2.55 -35.37 -5.77
CA PRO G 8 -1.91 -36.19 -4.73
C PRO G 8 -0.36 -36.20 -4.81
N LEU G 9 0.31 -36.79 -3.81
CA LEU G 9 1.76 -36.99 -3.91
C LEU G 9 2.14 -38.22 -4.73
N THR G 10 1.20 -39.14 -4.93
CA THR G 10 1.50 -40.36 -5.66
C THR G 10 0.22 -40.82 -6.33
N LEU G 11 0.34 -41.29 -7.56
CA LEU G 11 -0.80 -41.60 -8.42
C LEU G 11 -0.51 -42.88 -9.18
N SER G 12 -1.31 -43.92 -8.93
CA SER G 12 -1.10 -45.22 -9.56
C SER G 12 -2.29 -45.55 -10.45
N VAL G 13 -2.05 -45.63 -11.75
CA VAL G 13 -3.13 -45.78 -12.70
C VAL G 13 -2.76 -46.85 -13.71
N THR G 14 -3.77 -47.57 -14.19
CA THR G 14 -3.57 -48.52 -15.26
C THR G 14 -3.43 -47.77 -16.58
N ILE G 15 -2.56 -48.30 -17.45
CA ILE G 15 -2.35 -47.77 -18.80
C ILE G 15 -3.69 -47.57 -19.50
N GLY G 16 -3.99 -46.34 -19.91
CA GLY G 16 -5.25 -46.00 -20.53
C GLY G 16 -6.24 -45.30 -19.62
N GLN G 17 -6.00 -45.32 -18.30
CA GLN G 17 -6.89 -44.64 -17.37
C GLN G 17 -6.53 -43.17 -17.28
N PRO G 18 -7.47 -42.34 -16.82
CA PRO G 18 -7.18 -40.90 -16.71
C PRO G 18 -6.57 -40.57 -15.36
N ALA G 19 -5.59 -39.69 -15.39
CA ALA G 19 -5.03 -39.14 -14.16
C ALA G 19 -5.30 -37.65 -14.10
N SER G 20 -5.31 -37.13 -12.89
CA SER G 20 -5.53 -35.71 -12.69
C SER G 20 -4.73 -35.28 -11.47
N ILE G 21 -3.96 -34.22 -11.62
CA ILE G 21 -3.05 -33.75 -10.58
C ILE G 21 -3.41 -32.31 -10.25
N SER G 22 -3.69 -32.07 -8.99
CA SER G 22 -4.08 -30.74 -8.58
C SER G 22 -2.86 -29.95 -8.09
N CYS G 23 -2.99 -28.61 -8.08
CA CYS G 23 -1.97 -27.71 -7.57
C CYS G 23 -2.62 -26.44 -7.04
N LYS G 24 -2.53 -26.20 -5.74
CA LYS G 24 -3.08 -25.01 -5.09
C LYS G 24 -1.95 -24.13 -4.55
N SER G 25 -2.02 -22.83 -4.83
CA SER G 25 -0.99 -21.87 -4.41
C SER G 25 -1.49 -21.00 -3.26
N SER G 26 -0.55 -20.51 -2.45
CA SER G 26 -0.90 -19.71 -1.27
C SER G 26 -1.22 -18.26 -1.62
N GLN G 27 -0.90 -17.84 -2.83
CA GLN G 27 -1.03 -16.48 -3.30
C GLN G 27 -1.57 -16.56 -4.72
N SER G 28 -2.07 -15.45 -5.23
CA SER G 28 -2.47 -15.41 -6.62
C SER G 28 -1.24 -15.41 -7.53
N LEU G 29 -1.39 -16.00 -8.72
CA LEU G 29 -0.32 -16.04 -9.68
C LEU G 29 -0.54 -15.08 -10.84
N LEU G 30 -1.67 -14.36 -10.87
CA LEU G 30 -1.99 -13.43 -11.96
C LEU G 30 -1.10 -12.19 -11.85
N TYR G 31 -0.21 -12.03 -12.83
CA TYR G 31 0.69 -10.90 -12.93
C TYR G 31 -0.05 -9.66 -13.46
N SER G 32 0.60 -8.51 -13.33
CA SER G 32 -0.01 -7.25 -13.73
C SER G 32 -0.24 -7.15 -15.22
N ASN G 33 0.40 -8.01 -16.01
CA ASN G 33 0.22 -8.03 -17.45
C ASN G 33 -0.81 -9.06 -17.87
N GLY G 34 -1.62 -9.54 -16.92
CA GLY G 34 -2.68 -10.47 -17.22
C GLY G 34 -2.23 -11.87 -17.57
N LYS G 35 -0.93 -12.15 -17.57
CA LYS G 35 -0.49 -13.51 -17.76
C LYS G 35 -0.33 -14.21 -16.42
N THR G 36 -0.49 -15.52 -16.42
CA THR G 36 -0.33 -16.34 -15.23
C THR G 36 0.86 -17.27 -15.47
N TYR G 37 1.93 -17.06 -14.71
CA TYR G 37 3.18 -17.78 -14.91
C TYR G 37 3.19 -19.03 -14.04
N LEU G 38 2.50 -20.05 -14.53
CA LEU G 38 2.38 -21.38 -13.94
C LEU G 38 2.79 -22.38 -15.01
N ASN G 39 3.60 -23.37 -14.63
CA ASN G 39 4.10 -24.36 -15.56
C ASN G 39 3.95 -25.76 -14.97
N TRP G 40 3.74 -26.75 -15.83
CA TRP G 40 3.79 -28.14 -15.42
C TRP G 40 5.00 -28.80 -16.06
N LEU G 41 5.70 -29.60 -15.27
CA LEU G 41 6.95 -30.23 -15.65
C LEU G 41 6.84 -31.72 -15.39
N LEU G 42 7.50 -32.49 -16.25
CA LEU G 42 7.64 -33.92 -16.09
C LEU G 42 9.12 -34.24 -15.96
N GLN G 43 9.47 -35.07 -14.99
CA GLN G 43 10.84 -35.55 -14.83
C GLN G 43 10.81 -37.07 -14.70
N ARG G 44 11.23 -37.75 -15.77
CA ARG G 44 11.46 -39.18 -15.78
C ARG G 44 12.67 -39.53 -14.90
N PRO G 45 12.77 -40.77 -14.43
CA PRO G 45 13.84 -41.13 -13.49
C PRO G 45 15.23 -40.90 -14.07
N GLY G 46 16.00 -40.03 -13.40
CA GLY G 46 17.37 -39.72 -13.77
C GLY G 46 17.54 -38.57 -14.75
N GLN G 47 16.58 -38.35 -15.64
CA GLN G 47 16.65 -37.33 -16.67
C GLN G 47 16.28 -35.97 -16.09
N SER G 48 16.59 -34.92 -16.83
CA SER G 48 16.22 -33.56 -16.47
C SER G 48 14.74 -33.30 -16.78
N PRO G 49 14.16 -32.26 -16.18
CA PRO G 49 12.72 -32.05 -16.33
C PRO G 49 12.35 -31.62 -17.73
N LYS G 50 11.16 -32.03 -18.17
CA LYS G 50 10.61 -31.70 -19.49
C LYS G 50 9.32 -30.90 -19.34
N ARG G 51 9.31 -29.68 -19.87
CA ARG G 51 8.12 -28.85 -19.72
C ARG G 51 6.94 -29.44 -20.51
N LEU G 52 5.75 -29.36 -19.92
CA LEU G 52 4.55 -29.89 -20.55
C LEU G 52 3.55 -28.79 -20.86
N ILE G 53 3.09 -28.09 -19.82
CA ILE G 53 2.16 -26.98 -19.95
C ILE G 53 2.91 -25.74 -19.52
N TYR G 54 2.70 -24.65 -20.25
CA TYR G 54 3.12 -23.33 -19.80
C TYR G 54 1.93 -22.37 -19.89
N LEU G 55 1.97 -21.32 -19.08
CA LEU G 55 0.89 -20.35 -19.03
C LEU G 55 -0.45 -21.04 -18.79
N VAL G 56 -0.48 -21.85 -17.73
CA VAL G 56 -1.67 -22.50 -17.21
C VAL G 56 -2.18 -23.59 -18.13
N SER G 57 -2.28 -23.30 -19.42
CA SER G 57 -3.00 -24.20 -20.32
C SER G 57 -2.38 -24.40 -21.69
N LYS G 58 -1.37 -23.64 -22.09
CA LYS G 58 -0.80 -23.73 -23.45
C LYS G 58 0.10 -24.94 -23.58
N LEU G 59 -0.19 -25.82 -24.54
CA LEU G 59 0.54 -27.07 -24.68
C LEU G 59 1.87 -26.84 -25.36
N ASP G 60 2.94 -27.39 -24.79
CA ASP G 60 4.28 -27.24 -25.35
C ASP G 60 4.48 -28.12 -26.58
N SER G 61 5.60 -27.88 -27.26
CA SER G 61 5.75 -28.21 -28.67
C SER G 61 5.56 -29.70 -28.97
N GLY G 62 6.22 -30.57 -28.21
CA GLY G 62 6.10 -31.96 -28.58
C GLY G 62 5.32 -32.80 -27.58
N VAL G 63 4.18 -32.31 -27.11
CA VAL G 63 3.48 -32.90 -25.98
C VAL G 63 2.14 -33.42 -26.45
N PRO G 64 1.79 -34.67 -26.18
CA PRO G 64 0.55 -35.24 -26.71
C PRO G 64 -0.70 -34.47 -26.29
N ASP G 65 -1.74 -34.61 -27.11
CA ASP G 65 -3.03 -34.00 -26.81
C ASP G 65 -3.56 -34.39 -25.46
N ARG G 66 -3.18 -35.57 -24.95
CA ARG G 66 -3.81 -36.12 -23.74
C ARG G 66 -3.55 -35.28 -22.50
N PHE G 67 -2.66 -34.28 -22.58
CA PHE G 67 -2.38 -33.36 -21.49
C PHE G 67 -3.15 -32.07 -21.72
N THR G 68 -3.84 -31.61 -20.67
CA THR G 68 -4.56 -30.34 -20.68
C THR G 68 -4.30 -29.60 -19.38
N GLY G 69 -4.19 -28.29 -19.45
CA GLY G 69 -3.98 -27.51 -18.26
C GLY G 69 -5.13 -26.59 -17.97
N SER G 70 -5.61 -26.57 -16.74
CA SER G 70 -6.73 -25.71 -16.37
C SER G 70 -6.40 -24.98 -15.07
N GLY G 71 -7.24 -24.01 -14.76
CA GLY G 71 -7.14 -23.29 -13.51
C GLY G 71 -7.10 -21.79 -13.73
N SER G 72 -7.17 -21.07 -12.62
CA SER G 72 -6.91 -19.65 -12.56
C SER G 72 -6.73 -19.28 -11.09
N GLY G 73 -6.29 -18.06 -10.85
CA GLY G 73 -6.15 -17.59 -9.48
C GLY G 73 -5.14 -18.39 -8.67
N THR G 74 -5.65 -19.28 -7.80
CA THR G 74 -4.81 -20.03 -6.87
C THR G 74 -5.01 -21.53 -6.97
N ASP G 75 -5.76 -22.01 -7.97
CA ASP G 75 -6.04 -23.42 -8.11
C ASP G 75 -5.82 -23.85 -9.55
N PHE G 76 -5.03 -24.88 -9.74
CA PHE G 76 -4.71 -25.32 -11.09
C PHE G 76 -4.78 -26.84 -11.13
N THR G 77 -5.05 -27.38 -12.33
CA THR G 77 -5.20 -28.81 -12.53
C THR G 77 -4.41 -29.21 -13.77
N LEU G 78 -3.62 -30.27 -13.65
CA LEU G 78 -3.15 -30.99 -14.83
C LEU G 78 -4.04 -32.20 -15.02
N LYS G 79 -4.41 -32.49 -16.28
CA LYS G 79 -5.23 -33.66 -16.59
C LYS G 79 -4.60 -34.45 -17.73
N ILE G 80 -4.60 -35.78 -17.58
CA ILE G 80 -4.08 -36.69 -18.59
C ILE G 80 -5.25 -37.57 -19.03
N SER G 81 -5.72 -37.37 -20.27
CA SER G 81 -6.94 -38.04 -20.70
C SER G 81 -6.79 -39.55 -20.63
N ARG G 82 -5.65 -40.08 -21.07
CA ARG G 82 -5.42 -41.52 -21.10
C ARG G 82 -3.94 -41.75 -20.84
N VAL G 83 -3.63 -42.33 -19.70
CA VAL G 83 -2.23 -42.47 -19.29
C VAL G 83 -1.56 -43.58 -20.10
N GLU G 84 -0.35 -43.29 -20.58
CA GLU G 84 0.45 -44.29 -21.26
C GLU G 84 1.77 -44.46 -20.50
N ALA G 85 2.41 -45.61 -20.70
CA ALA G 85 3.57 -45.99 -19.89
C ALA G 85 4.71 -45.00 -20.02
N GLU G 86 4.77 -44.25 -21.11
CA GLU G 86 5.83 -43.26 -21.24
C GLU G 86 5.67 -42.11 -20.25
N ASP G 87 4.47 -41.93 -19.68
CA ASP G 87 4.18 -40.80 -18.82
C ASP G 87 4.72 -40.96 -17.39
N LEU G 88 5.48 -42.00 -17.10
CA LEU G 88 5.93 -42.22 -15.75
C LEU G 88 6.93 -41.13 -15.35
N GLY G 89 7.05 -40.91 -14.03
CA GLY G 89 7.93 -39.88 -13.54
C GLY G 89 7.25 -39.01 -12.52
N VAL G 90 7.81 -37.83 -12.30
CA VAL G 90 7.36 -36.94 -11.23
C VAL G 90 6.90 -35.65 -11.86
N TYR G 91 5.66 -35.25 -11.56
CA TYR G 91 5.02 -34.06 -12.11
C TYR G 91 5.11 -32.91 -11.10
N TYR G 92 5.82 -31.86 -11.46
CA TYR G 92 5.86 -30.67 -10.62
C TYR G 92 5.04 -29.57 -11.27
N CYS G 93 4.29 -28.82 -10.46
CA CYS G 93 3.93 -27.48 -10.87
C CYS G 93 4.98 -26.51 -10.32
N VAL G 94 5.06 -25.34 -10.96
CA VAL G 94 6.01 -24.32 -10.56
C VAL G 94 5.41 -22.97 -10.93
N GLN G 95 5.53 -21.99 -10.03
CA GLN G 95 5.10 -20.64 -10.35
C GLN G 95 6.31 -19.75 -10.58
N GLY G 96 6.15 -18.79 -11.50
CA GLY G 96 7.19 -17.84 -11.79
C GLY G 96 6.75 -16.40 -11.71
N THR G 97 5.46 -16.19 -11.38
CA THR G 97 4.94 -14.83 -11.24
C THR G 97 5.62 -14.11 -10.09
N HIS G 98 5.83 -14.81 -8.99
CA HIS G 98 6.39 -14.22 -7.78
C HIS G 98 7.82 -14.67 -7.56
N SER G 99 8.64 -13.74 -7.11
CA SER G 99 9.99 -14.15 -6.80
C SER G 99 10.12 -14.44 -5.31
N PRO G 100 10.77 -15.52 -4.87
CA PRO G 100 11.45 -16.57 -5.64
C PRO G 100 10.49 -17.53 -6.34
N LEU G 101 10.96 -18.14 -7.42
CA LEU G 101 10.22 -19.25 -8.01
C LEU G 101 10.07 -20.35 -6.98
N THR G 102 8.94 -21.04 -7.03
CA THR G 102 8.67 -22.09 -6.05
C THR G 102 8.00 -23.25 -6.75
N PHE G 103 8.40 -24.45 -6.34
CA PHE G 103 7.93 -25.70 -6.92
C PHE G 103 7.02 -26.41 -5.95
N GLY G 104 6.03 -27.11 -6.49
CA GLY G 104 5.31 -28.07 -5.69
C GLY G 104 6.16 -29.29 -5.41
N ALA G 105 5.71 -30.09 -4.45
CA ALA G 105 6.53 -31.23 -4.06
C ALA G 105 6.74 -32.23 -5.20
N GLY G 106 5.87 -32.25 -6.19
CA GLY G 106 5.96 -33.30 -7.17
C GLY G 106 4.97 -34.42 -6.91
N THR G 107 4.47 -35.01 -7.99
CA THR G 107 3.60 -36.18 -7.89
C THR G 107 4.23 -37.29 -8.72
N LYS G 108 4.44 -38.44 -8.10
CA LYS G 108 5.04 -39.59 -8.78
C LYS G 108 3.94 -40.43 -9.41
N LEU G 109 4.01 -40.61 -10.71
CA LEU G 109 3.02 -41.41 -11.41
C LEU G 109 3.57 -42.81 -11.60
N GLU G 110 2.89 -43.80 -11.04
CA GLU G 110 3.25 -45.19 -11.21
C GLU G 110 2.18 -45.87 -12.06
N LEU G 111 2.62 -46.65 -13.04
CA LEU G 111 1.67 -47.37 -13.87
C LEU G 111 1.42 -48.73 -13.28
N LYS G 112 0.16 -49.12 -13.26
CA LYS G 112 -0.24 -50.44 -12.85
C LYS G 112 -0.28 -51.34 -14.07
N ARG G 113 0.09 -52.60 -13.88
CA ARG G 113 0.04 -53.57 -14.96
C ARG G 113 -0.28 -54.93 -14.38
N ALA G 114 -0.29 -55.93 -15.26
CA ALA G 114 -0.51 -57.31 -14.82
C ALA G 114 0.70 -57.82 -14.06
N ASP G 115 0.43 -58.56 -12.97
CA ASP G 115 1.48 -59.25 -12.21
C ASP G 115 2.52 -59.86 -13.15
N ALA G 116 3.78 -59.79 -12.73
CA ALA G 116 4.89 -60.43 -13.44
C ALA G 116 5.87 -61.03 -12.43
N ALA G 117 6.27 -62.30 -12.66
CA ALA G 117 7.30 -62.90 -11.82
C ALA G 117 8.68 -62.40 -12.22
N PRO G 118 9.60 -62.29 -11.28
CA PRO G 118 10.97 -61.91 -11.64
C PRO G 118 11.61 -63.01 -12.45
N THR G 119 12.53 -62.63 -13.33
CA THR G 119 13.47 -63.60 -13.89
C THR G 119 14.73 -63.49 -13.06
N VAL G 120 14.87 -64.45 -12.12
CA VAL G 120 15.94 -64.48 -11.12
C VAL G 120 17.21 -65.06 -11.73
N SER G 121 18.35 -64.43 -11.44
CA SER G 121 19.66 -64.87 -11.94
C SER G 121 20.66 -64.80 -10.80
N ILE G 122 21.51 -65.81 -10.68
CA ILE G 122 22.48 -65.87 -9.59
C ILE G 122 23.87 -66.11 -10.15
N PHE G 123 24.86 -65.42 -9.57
CA PHE G 123 26.23 -65.43 -10.07
C PHE G 123 27.16 -65.74 -8.89
N PRO G 124 27.99 -66.77 -8.99
CA PRO G 124 29.02 -66.96 -7.97
C PRO G 124 30.07 -65.87 -8.09
N PRO G 125 31.00 -65.76 -7.13
CA PRO G 125 32.09 -64.80 -7.27
C PRO G 125 32.92 -65.03 -8.53
N SER G 126 33.31 -63.93 -9.16
CA SER G 126 34.30 -63.96 -10.23
C SER G 126 35.63 -64.46 -9.70
N SER G 127 36.39 -65.11 -10.58
CA SER G 127 37.74 -65.53 -10.24
C SER G 127 38.65 -64.33 -10.00
N GLU G 128 38.41 -63.23 -10.70
CA GLU G 128 39.09 -61.99 -10.36
C GLU G 128 38.83 -61.57 -8.92
N GLN G 129 37.64 -61.84 -8.39
CA GLN G 129 37.41 -61.39 -7.02
C GLN G 129 38.05 -62.32 -6.02
N LEU G 130 38.05 -63.63 -6.29
CA LEU G 130 38.61 -64.58 -5.34
C LEU G 130 40.13 -64.50 -5.30
N THR G 131 40.77 -64.13 -6.40
CA THR G 131 42.20 -63.91 -6.32
C THR G 131 42.51 -62.70 -5.45
N SER G 132 41.64 -61.68 -5.49
CA SER G 132 41.78 -60.48 -4.71
C SER G 132 41.34 -60.64 -3.26
N GLY G 133 40.81 -61.81 -2.88
CA GLY G 133 40.42 -62.04 -1.51
C GLY G 133 38.97 -61.73 -1.18
N GLY G 134 38.13 -61.46 -2.19
CA GLY G 134 36.73 -61.13 -1.96
C GLY G 134 35.75 -62.14 -2.53
N ALA G 135 34.53 -62.18 -2.01
CA ALA G 135 33.57 -63.19 -2.45
C ALA G 135 32.17 -62.59 -2.38
N SER G 136 31.77 -61.94 -3.47
CA SER G 136 30.44 -61.38 -3.61
C SER G 136 29.60 -62.33 -4.46
N VAL G 137 28.39 -62.58 -4.01
CA VAL G 137 27.43 -63.42 -4.70
C VAL G 137 26.28 -62.49 -5.06
N VAL G 138 26.18 -62.12 -6.34
CA VAL G 138 25.17 -61.17 -6.80
C VAL G 138 23.93 -61.93 -7.24
N CYS G 139 22.75 -61.34 -7.02
CA CYS G 139 21.49 -61.89 -7.49
C CYS G 139 20.64 -60.79 -8.15
N PHE G 140 20.15 -61.06 -9.36
CA PHE G 140 19.32 -60.13 -10.12
C PHE G 140 17.88 -60.63 -10.13
N LEU G 141 16.94 -59.75 -9.77
CA LEU G 141 15.50 -60.02 -9.84
C LEU G 141 14.91 -59.02 -10.82
N ASN G 142 14.96 -59.35 -12.10
CA ASN G 142 14.61 -58.40 -13.16
C ASN G 142 13.14 -58.52 -13.55
N ASN G 143 12.52 -57.37 -13.79
CA ASN G 143 11.24 -57.23 -14.50
C ASN G 143 10.07 -57.91 -13.78
N PHE G 144 9.79 -57.45 -12.58
CA PHE G 144 8.64 -57.99 -11.85
C PHE G 144 7.63 -56.89 -11.59
N TYR G 145 6.41 -57.29 -11.20
CA TYR G 145 5.36 -56.37 -10.85
C TYR G 145 4.40 -57.14 -9.96
N PRO G 146 3.95 -56.56 -8.84
CA PRO G 146 4.14 -55.22 -8.30
C PRO G 146 5.51 -54.96 -7.69
N LYS G 147 5.73 -53.72 -7.26
CA LYS G 147 7.08 -53.30 -6.89
C LYS G 147 7.54 -53.97 -5.60
N ASP G 148 6.61 -54.45 -4.78
CA ASP G 148 6.99 -54.96 -3.49
C ASP G 148 7.51 -56.38 -3.65
N ILE G 149 8.76 -56.60 -3.25
CA ILE G 149 9.41 -57.90 -3.39
C ILE G 149 10.62 -57.92 -2.46
N ASN G 150 10.86 -59.08 -1.86
CA ASN G 150 12.02 -59.25 -1.00
C ASN G 150 12.78 -60.50 -1.44
N VAL G 151 14.09 -60.49 -1.23
CA VAL G 151 14.96 -61.61 -1.56
C VAL G 151 15.57 -62.15 -0.28
N LYS G 152 15.54 -63.48 -0.11
CA LYS G 152 16.11 -64.18 1.02
C LYS G 152 17.38 -64.89 0.59
N TRP G 153 18.32 -65.06 1.51
CA TRP G 153 19.60 -65.68 1.21
C TRP G 153 19.80 -66.88 2.11
N LYS G 154 20.09 -68.04 1.52
CA LYS G 154 20.30 -69.26 2.28
C LYS G 154 21.67 -69.85 1.92
N ILE G 155 22.59 -69.80 2.86
CA ILE G 155 23.84 -70.54 2.74
C ILE G 155 23.60 -71.91 3.33
N ASP G 156 24.03 -72.95 2.60
CA ASP G 156 23.93 -74.35 3.03
C ASP G 156 22.55 -74.79 3.52
N GLY G 157 21.52 -74.01 3.27
CA GLY G 157 20.15 -74.43 3.59
C GLY G 157 19.42 -73.55 4.57
N SER G 158 20.04 -72.54 5.16
CA SER G 158 19.44 -71.72 6.21
C SER G 158 19.65 -70.25 5.91
N GLU G 159 18.73 -69.41 6.37
CA GLU G 159 18.80 -68.01 6.01
C GLU G 159 20.08 -67.37 6.55
N ARG G 160 20.53 -66.35 5.83
CA ARG G 160 21.68 -65.54 6.26
C ARG G 160 21.32 -64.08 6.06
N GLN G 161 21.50 -63.27 7.11
CA GLN G 161 21.07 -61.88 7.07
C GLN G 161 22.19 -60.90 6.75
N ASN G 162 23.42 -61.19 7.14
CA ASN G 162 24.52 -60.22 7.11
C ASN G 162 25.40 -60.39 5.87
N GLY G 163 25.92 -59.26 5.39
CA GLY G 163 26.61 -59.20 4.12
C GLY G 163 25.75 -58.76 2.97
N VAL G 164 24.44 -58.65 3.19
CA VAL G 164 23.48 -58.35 2.14
C VAL G 164 23.54 -56.87 1.78
N LEU G 165 23.50 -56.59 0.47
CA LEU G 165 23.31 -55.25 -0.08
C LEU G 165 22.24 -55.32 -1.16
N ASN G 166 21.26 -54.42 -1.12
CA ASN G 166 20.13 -54.41 -2.05
C ASN G 166 19.96 -53.05 -2.72
N SER G 167 19.55 -53.07 -3.98
CA SER G 167 19.29 -51.86 -4.76
C SER G 167 18.06 -52.06 -5.64
N TRP G 168 17.11 -51.14 -5.58
CA TRP G 168 15.89 -51.21 -6.36
C TRP G 168 15.89 -50.15 -7.46
N THR G 169 15.44 -50.52 -8.65
CA THR G 169 15.32 -49.57 -9.76
C THR G 169 13.96 -48.87 -9.74
N ASP G 170 13.92 -47.69 -10.36
CA ASP G 170 12.66 -47.06 -10.69
C ASP G 170 11.90 -47.90 -11.74
N GLN G 171 10.64 -47.52 -11.97
CA GLN G 171 9.80 -48.23 -12.92
C GLN G 171 10.43 -48.23 -14.30
N ASP G 172 10.17 -49.28 -15.08
CA ASP G 172 10.62 -49.29 -16.47
C ASP G 172 9.68 -48.42 -17.30
N SER G 173 10.26 -47.59 -18.16
CA SER G 173 9.43 -46.67 -18.93
C SER G 173 8.69 -47.34 -20.08
N LYS G 174 9.09 -48.56 -20.47
CA LYS G 174 8.46 -49.31 -21.55
C LYS G 174 7.55 -50.43 -21.05
N ASP G 175 8.07 -51.45 -20.35
CA ASP G 175 7.17 -52.48 -19.83
C ASP G 175 6.68 -52.23 -18.41
N SER G 176 7.05 -51.09 -17.82
CA SER G 176 6.51 -50.64 -16.55
C SER G 176 6.71 -51.65 -15.40
N THR G 177 7.77 -52.47 -15.48
CA THR G 177 8.10 -53.38 -14.40
C THR G 177 9.20 -52.79 -13.51
N TYR G 178 9.59 -53.58 -12.49
CA TYR G 178 10.62 -53.23 -11.52
C TYR G 178 11.71 -54.30 -11.51
N SER G 179 12.89 -53.90 -11.08
CA SER G 179 14.01 -54.80 -10.96
C SER G 179 14.80 -54.50 -9.68
N MET G 180 15.44 -55.51 -9.13
CA MET G 180 16.25 -55.30 -7.94
C MET G 180 17.51 -56.14 -8.01
N SER G 181 18.59 -55.60 -7.47
CA SER G 181 19.84 -56.31 -7.34
C SER G 181 20.11 -56.54 -5.86
N SER G 182 20.67 -57.71 -5.53
CA SER G 182 20.99 -58.07 -4.16
C SER G 182 22.35 -58.75 -4.12
N THR G 183 23.24 -58.29 -3.26
CA THR G 183 24.60 -58.85 -3.22
C THR G 183 24.96 -59.25 -1.80
N LEU G 184 25.31 -60.52 -1.64
CA LEU G 184 25.76 -61.10 -0.38
C LEU G 184 27.28 -61.17 -0.46
N THR G 185 27.96 -60.32 0.30
CA THR G 185 29.41 -60.22 0.19
C THR G 185 30.02 -60.93 1.38
N LEU G 186 30.74 -62.00 1.10
CA LEU G 186 31.47 -62.74 2.11
C LEU G 186 32.96 -62.44 1.99
N THR G 187 33.70 -62.86 3.01
CA THR G 187 35.12 -63.00 2.84
C THR G 187 35.38 -64.27 2.06
N LYS G 188 36.51 -64.30 1.35
CA LYS G 188 36.86 -65.50 0.61
C LYS G 188 36.91 -66.70 1.54
N ASP G 189 37.44 -66.51 2.76
CA ASP G 189 37.60 -67.66 3.65
C ASP G 189 36.25 -68.21 4.10
N GLU G 190 35.26 -67.34 4.38
CA GLU G 190 33.97 -67.92 4.75
C GLU G 190 33.21 -68.46 3.53
N TYR G 191 33.39 -67.85 2.34
CA TYR G 191 32.73 -68.38 1.14
C TYR G 191 33.16 -69.80 0.86
N GLU G 192 34.44 -70.12 1.09
CA GLU G 192 34.97 -71.47 0.91
C GLU G 192 34.51 -72.42 2.00
N ARG G 193 33.98 -71.91 3.10
CA ARG G 193 33.53 -72.72 4.23
C ARG G 193 32.13 -73.31 4.01
N HIS G 194 31.50 -73.09 2.85
CA HIS G 194 30.18 -73.63 2.58
C HIS G 194 30.05 -73.97 1.10
N ASN G 195 28.97 -74.67 0.75
CA ASN G 195 28.83 -75.23 -0.59
C ASN G 195 27.67 -74.66 -1.40
N SER G 196 26.45 -74.70 -0.85
CA SER G 196 25.28 -74.29 -1.61
C SER G 196 24.90 -72.86 -1.24
N TYR G 197 24.51 -72.08 -2.25
CA TYR G 197 24.03 -70.71 -2.08
C TYR G 197 22.69 -70.58 -2.80
N THR G 198 21.69 -70.08 -2.09
CA THR G 198 20.36 -69.89 -2.62
C THR G 198 19.96 -68.43 -2.52
N CYS G 199 19.46 -67.89 -3.63
CA CYS G 199 18.80 -66.61 -3.68
C CYS G 199 17.32 -66.90 -3.90
N GLU G 200 16.47 -66.36 -3.02
CA GLU G 200 15.06 -66.77 -2.92
C GLU G 200 14.14 -65.55 -3.02
N ALA G 201 13.43 -65.40 -4.13
CA ALA G 201 12.56 -64.26 -4.37
C ALA G 201 11.18 -64.47 -3.75
N THR G 202 10.70 -63.46 -3.04
CA THR G 202 9.44 -63.52 -2.33
C THR G 202 8.56 -62.36 -2.80
N HIS G 203 7.34 -62.67 -3.21
CA HIS G 203 6.49 -61.75 -3.96
C HIS G 203 5.08 -61.74 -3.40
N THR G 207 2.80 -65.79 -7.37
CA THR G 207 3.69 -66.83 -7.91
C THR G 207 5.07 -66.65 -7.26
N SER G 208 5.28 -67.40 -6.19
CA SER G 208 6.31 -67.15 -5.20
C SER G 208 6.27 -68.29 -4.21
N PRO G 209 7.41 -68.66 -3.60
CA PRO G 209 8.73 -68.08 -3.86
C PRO G 209 9.32 -68.57 -5.19
N ILE G 210 10.51 -68.08 -5.52
CA ILE G 210 11.18 -68.37 -6.79
C ILE G 210 12.66 -68.48 -6.47
N VAL G 211 13.21 -69.69 -6.55
CA VAL G 211 14.51 -70.04 -5.99
C VAL G 211 15.55 -70.08 -7.10
N LYS G 212 16.81 -69.80 -6.74
CA LYS G 212 17.97 -70.01 -7.59
C LYS G 212 19.15 -70.43 -6.72
N SER G 213 19.87 -71.47 -7.14
CA SER G 213 21.01 -71.99 -6.40
C SER G 213 22.22 -72.15 -7.31
N PHE G 214 23.37 -72.22 -6.68
CA PHE G 214 24.54 -72.87 -7.28
C PHE G 214 25.26 -73.59 -6.14
N ASN G 215 25.97 -74.66 -6.51
CA ASN G 215 26.85 -75.37 -5.58
C ASN G 215 28.29 -74.98 -5.86
N ARG G 216 29.03 -74.59 -4.81
CA ARG G 216 30.39 -74.10 -5.04
C ARG G 216 31.28 -75.15 -5.67
N ASN G 217 31.07 -76.44 -5.36
CA ASN G 217 31.90 -77.48 -5.95
C ASN G 217 31.70 -77.65 -7.46
N GLU G 218 30.53 -77.32 -8.00
CA GLU G 218 30.22 -77.67 -9.42
C GLU G 218 30.63 -76.62 -10.46
N VAL H 1 17.38 -27.23 -28.92
CA VAL H 1 18.64 -26.71 -28.45
C VAL H 1 19.10 -27.31 -27.11
N GLN H 2 20.37 -27.09 -26.82
CA GLN H 2 21.03 -27.66 -25.67
C GLN H 2 21.51 -26.54 -24.73
N LEU H 3 21.42 -26.84 -23.45
CA LEU H 3 22.21 -26.19 -22.43
C LEU H 3 23.11 -27.28 -21.89
N GLN H 4 24.38 -27.23 -22.27
CA GLN H 4 25.36 -28.20 -21.82
C GLN H 4 26.05 -27.68 -20.58
N GLN H 5 26.03 -28.46 -19.52
CA GLN H 5 26.64 -28.06 -18.27
C GLN H 5 27.95 -28.79 -18.08
N SER H 6 28.88 -28.14 -17.38
CA SER H 6 30.13 -28.76 -17.00
C SER H 6 29.90 -30.02 -16.16
N GLY H 7 30.96 -30.85 -16.01
CA GLY H 7 30.83 -32.20 -15.52
C GLY H 7 30.86 -32.30 -14.02
N PRO H 8 30.61 -33.53 -13.53
CA PRO H 8 30.48 -33.76 -12.08
C PRO H 8 31.71 -33.31 -11.31
N GLU H 9 31.47 -32.91 -10.04
CA GLU H 9 32.47 -32.28 -9.18
C GLU H 9 32.54 -32.98 -7.83
N LEU H 10 33.77 -33.17 -7.32
CA LEU H 10 34.03 -33.45 -5.91
C LEU H 10 34.74 -32.24 -5.29
N VAL H 11 34.19 -31.73 -4.20
CA VAL H 11 34.66 -30.49 -3.58
C VAL H 11 34.73 -30.67 -2.06
N LYS H 12 35.68 -29.93 -1.44
CA LYS H 12 35.87 -30.17 -0.03
C LYS H 12 35.08 -29.17 0.80
N PRO H 13 34.69 -29.55 2.00
CA PRO H 13 33.90 -28.65 2.86
C PRO H 13 34.59 -27.30 3.04
N GLY H 14 33.81 -26.24 2.90
CA GLY H 14 34.33 -24.89 2.96
C GLY H 14 34.86 -24.35 1.65
N ALA H 15 35.20 -25.22 0.71
CA ALA H 15 35.74 -24.79 -0.56
C ALA H 15 34.61 -24.36 -1.51
N SER H 16 34.99 -23.66 -2.57
CA SER H 16 34.06 -23.19 -3.58
C SER H 16 34.10 -24.08 -4.82
N VAL H 17 33.03 -23.98 -5.63
CA VAL H 17 32.93 -24.70 -6.90
C VAL H 17 32.21 -23.82 -7.92
N LYS H 18 32.62 -23.94 -9.17
CA LYS H 18 32.05 -23.14 -10.25
C LYS H 18 31.45 -24.08 -11.28
N ILE H 19 30.14 -23.96 -11.50
CA ILE H 19 29.43 -24.79 -12.46
C ILE H 19 29.11 -23.91 -13.66
N SER H 20 29.21 -24.46 -14.85
CA SER H 20 29.03 -23.71 -16.09
C SER H 20 27.90 -24.32 -16.90
N CYS H 21 27.46 -23.56 -17.91
CA CYS H 21 26.33 -23.93 -18.74
C CYS H 21 26.47 -23.17 -20.05
N LYS H 22 26.71 -23.88 -21.17
CA LYS H 22 26.85 -23.25 -22.49
C LYS H 22 25.55 -23.33 -23.28
N THR H 23 25.16 -22.20 -23.89
CA THR H 23 24.04 -22.21 -24.84
C THR H 23 24.46 -22.86 -26.14
N SER H 24 23.62 -23.73 -26.67
CA SER H 24 24.06 -24.55 -27.81
C SER H 24 24.02 -23.79 -29.13
N GLU H 25 23.07 -22.86 -29.31
CA GLU H 25 22.91 -22.14 -30.56
C GLU H 25 22.64 -20.69 -30.27
N TYR H 26 23.25 -19.81 -31.06
CA TYR H 26 23.27 -18.38 -30.78
C TYR H 26 21.89 -17.76 -30.60
N THR H 27 20.83 -18.46 -31.02
CA THR H 27 19.49 -17.89 -30.87
C THR H 27 19.07 -17.75 -29.41
N PHE H 28 19.65 -18.53 -28.49
CA PHE H 28 19.22 -18.55 -27.10
C PHE H 28 20.20 -17.89 -26.14
N THR H 29 21.25 -17.24 -26.64
CA THR H 29 22.19 -16.61 -25.73
C THR H 29 21.57 -15.41 -25.01
N GLU H 30 20.59 -14.75 -25.63
CA GLU H 30 19.97 -13.58 -25.02
C GLU H 30 19.21 -13.96 -23.75
N TYR H 31 18.72 -15.21 -23.70
CA TYR H 31 17.65 -15.55 -22.78
C TYR H 31 18.19 -15.58 -21.36
N THR H 32 17.37 -15.09 -20.43
CA THR H 32 17.63 -15.28 -19.02
C THR H 32 17.86 -16.75 -18.74
N LYS H 33 18.85 -17.04 -17.92
CA LYS H 33 19.12 -18.40 -17.51
C LYS H 33 18.82 -18.52 -16.01
N HIS H 34 18.16 -19.63 -15.63
CA HIS H 34 17.83 -19.93 -14.24
C HIS H 34 18.69 -21.06 -13.72
N TRP H 35 19.04 -20.98 -12.45
CA TRP H 35 19.68 -22.08 -11.75
C TRP H 35 18.70 -22.69 -10.74
N VAL H 36 18.69 -24.01 -10.67
CA VAL H 36 17.79 -24.77 -9.81
C VAL H 36 18.59 -25.88 -9.15
N LYS H 37 18.42 -26.05 -7.83
CA LYS H 37 19.04 -27.13 -7.09
C LYS H 37 18.06 -28.28 -6.95
N GLN H 38 18.58 -29.52 -7.05
CA GLN H 38 17.80 -30.73 -6.82
C GLN H 38 18.58 -31.67 -5.93
N SER H 39 18.20 -31.74 -4.66
CA SER H 39 18.85 -32.69 -3.76
C SER H 39 18.20 -34.05 -3.90
N HIS H 40 19.04 -35.09 -3.81
CA HIS H 40 18.67 -36.48 -4.04
C HIS H 40 17.27 -36.79 -3.51
N GLY H 41 16.47 -37.45 -4.34
CA GLY H 41 15.14 -37.87 -3.97
C GLY H 41 14.11 -36.77 -3.81
N LYS H 42 14.48 -35.50 -3.92
CA LYS H 42 13.66 -34.40 -3.41
C LYS H 42 13.21 -33.47 -4.54
N SER H 43 12.55 -32.39 -4.16
CA SER H 43 11.89 -31.52 -5.11
C SER H 43 12.94 -30.56 -5.68
N LEU H 44 12.48 -29.59 -6.43
CA LEU H 44 13.33 -28.57 -7.02
C LEU H 44 13.20 -27.31 -6.19
N GLU H 45 14.27 -26.52 -6.14
CA GLU H 45 14.15 -25.19 -5.61
C GLU H 45 15.00 -24.26 -6.44
N TRP H 46 14.63 -23.00 -6.44
CA TRP H 46 15.15 -22.06 -7.39
C TRP H 46 16.23 -21.24 -6.71
N ILE H 47 17.46 -21.37 -7.21
CA ILE H 47 18.58 -20.59 -6.70
C ILE H 47 18.46 -19.13 -7.14
N GLY H 48 18.39 -18.90 -8.45
CA GLY H 48 18.39 -17.56 -8.99
C GLY H 48 18.50 -17.57 -10.50
N SER H 49 18.57 -16.36 -11.07
CA SER H 49 18.53 -16.17 -12.51
C SER H 49 19.43 -15.01 -12.92
N ILE H 50 19.72 -14.95 -14.21
CA ILE H 50 20.65 -13.95 -14.72
C ILE H 50 20.20 -13.52 -16.11
N ASN H 51 20.21 -12.21 -16.34
CA ASN H 51 19.98 -11.67 -17.68
C ASN H 51 21.33 -11.51 -18.36
N PRO H 52 21.66 -12.33 -19.36
CA PRO H 52 22.94 -12.16 -20.05
C PRO H 52 23.05 -10.84 -20.78
N ASN H 53 21.92 -10.23 -21.16
CA ASN H 53 21.95 -8.97 -21.91
C ASN H 53 22.56 -7.83 -21.11
N ASN H 54 22.46 -7.90 -19.77
CA ASN H 54 22.90 -6.78 -18.94
C ASN H 54 23.42 -7.20 -17.58
N GLY H 55 23.73 -8.48 -17.36
CA GLY H 55 24.23 -8.94 -16.07
C GLY H 55 23.29 -8.81 -14.89
N ASP H 56 22.07 -8.31 -15.07
CA ASP H 56 21.17 -8.25 -13.92
C ASP H 56 20.91 -9.63 -13.37
N THR H 57 20.67 -9.67 -12.08
CA THR H 57 20.71 -10.91 -11.36
C THR H 57 19.63 -10.88 -10.27
N TYR H 58 19.02 -12.04 -10.01
CA TYR H 58 17.87 -12.15 -9.11
C TYR H 58 18.00 -13.43 -8.32
N TYR H 59 18.22 -13.35 -7.01
CA TYR H 59 18.45 -14.57 -6.27
C TYR H 59 17.26 -14.90 -5.39
N ASN H 60 17.16 -16.18 -5.04
CA ASN H 60 16.47 -16.60 -3.84
C ASN H 60 17.25 -16.09 -2.64
N GLN H 61 16.58 -15.40 -1.72
CA GLN H 61 17.26 -14.92 -0.53
C GLN H 61 18.01 -16.05 0.18
N LYS H 62 17.53 -17.29 0.05
CA LYS H 62 18.19 -18.44 0.66
C LYS H 62 19.60 -18.69 0.11
N PHE H 63 19.88 -18.26 -1.11
CA PHE H 63 21.14 -18.58 -1.77
C PHE H 63 22.01 -17.35 -2.00
N THR H 64 21.61 -16.18 -1.51
CA THR H 64 22.55 -15.10 -1.28
C THR H 64 23.67 -15.54 -0.34
N ASP H 65 23.36 -16.51 0.52
CA ASP H 65 24.34 -17.24 1.31
C ASP H 65 25.44 -17.86 0.45
N LYS H 66 25.08 -18.43 -0.70
CA LYS H 66 25.86 -19.48 -1.33
C LYS H 66 26.27 -19.18 -2.77
N ALA H 67 25.43 -18.52 -3.56
CA ALA H 67 25.59 -18.53 -5.01
C ALA H 67 25.91 -17.15 -5.57
N THR H 68 26.82 -17.11 -6.54
CA THR H 68 27.03 -15.94 -7.37
C THR H 68 26.90 -16.37 -8.82
N LEU H 69 26.14 -15.60 -9.62
CA LEU H 69 25.86 -15.89 -11.03
C LEU H 69 26.59 -14.90 -11.92
N THR H 70 27.16 -15.39 -13.01
CA THR H 70 27.91 -14.59 -13.96
C THR H 70 27.58 -15.02 -15.39
N VAL H 71 28.01 -14.22 -16.36
CA VAL H 71 27.92 -14.55 -17.78
C VAL H 71 29.26 -14.23 -18.43
N ASP H 72 29.73 -15.11 -19.32
CA ASP H 72 31.01 -14.85 -19.98
C ASP H 72 30.88 -13.68 -20.96
N LYS H 73 32.01 -13.34 -21.60
CA LYS H 73 32.11 -12.13 -22.40
C LYS H 73 31.06 -12.09 -23.51
N SER H 74 30.84 -13.22 -24.18
CA SER H 74 29.99 -13.33 -25.35
C SER H 74 28.54 -13.71 -25.04
N SER H 75 28.22 -14.01 -23.78
CA SER H 75 26.94 -14.52 -23.31
C SER H 75 26.69 -15.97 -23.69
N THR H 76 27.69 -16.67 -24.24
CA THR H 76 27.51 -18.08 -24.54
C THR H 76 27.60 -18.99 -23.31
N THR H 77 28.14 -18.51 -22.19
CA THR H 77 28.32 -19.38 -21.02
C THR H 77 27.94 -18.66 -19.73
N ALA H 78 26.89 -19.16 -19.08
CA ALA H 78 26.53 -18.80 -17.73
C ALA H 78 27.26 -19.69 -16.71
N SER H 79 27.64 -19.10 -15.59
CA SER H 79 28.31 -19.83 -14.54
C SER H 79 27.62 -19.56 -13.22
N MET H 80 27.68 -20.54 -12.33
CA MET H 80 27.26 -20.36 -10.95
C MET H 80 28.38 -20.78 -10.03
N GLU H 81 28.79 -19.89 -9.12
CA GLU H 81 29.78 -20.20 -8.11
C GLU H 81 29.08 -20.45 -6.77
N LEU H 82 29.38 -21.59 -6.16
CA LEU H 82 28.94 -21.91 -4.82
C LEU H 82 30.14 -21.82 -3.89
N ARG H 83 30.00 -21.08 -2.80
CA ARG H 83 31.07 -20.84 -1.85
C ARG H 83 30.70 -21.43 -0.50
N SER H 84 31.71 -21.57 0.36
CA SER H 84 31.55 -22.04 1.74
C SER H 84 30.66 -23.27 1.79
N LEU H 85 31.14 -24.32 1.12
CA LEU H 85 30.33 -25.50 0.84
C LEU H 85 30.20 -26.40 2.06
N THR H 86 28.97 -26.84 2.31
CA THR H 86 28.63 -27.73 3.40
C THR H 86 28.09 -29.03 2.79
N PHE H 87 27.86 -30.01 3.66
CA PHE H 87 27.34 -31.29 3.18
C PHE H 87 25.94 -31.12 2.61
N GLU H 88 25.15 -30.17 3.11
CA GLU H 88 23.80 -29.96 2.58
C GLU H 88 23.80 -29.33 1.17
N ASP H 89 24.96 -29.08 0.54
CA ASP H 89 25.03 -28.60 -0.84
C ASP H 89 25.19 -29.72 -1.86
N SER H 90 25.50 -30.94 -1.42
CA SER H 90 25.57 -32.10 -2.30
C SER H 90 24.25 -32.34 -3.02
N ALA H 91 24.23 -32.07 -4.31
CA ALA H 91 23.01 -32.20 -5.07
C ALA H 91 23.36 -32.23 -6.56
N VAL H 92 22.33 -32.12 -7.39
CA VAL H 92 22.46 -31.86 -8.82
C VAL H 92 21.98 -30.44 -9.05
N TYR H 93 22.76 -29.67 -9.80
CA TYR H 93 22.40 -28.31 -10.14
C TYR H 93 22.04 -28.24 -11.61
N TYR H 94 20.85 -27.69 -11.88
CA TYR H 94 20.37 -27.50 -13.23
C TYR H 94 20.46 -26.04 -13.68
N CYS H 95 20.71 -25.88 -14.97
CA CYS H 95 20.58 -24.64 -15.69
C CYS H 95 19.38 -24.77 -16.61
N ALA H 96 18.56 -23.72 -16.71
CA ALA H 96 17.34 -23.84 -17.49
C ALA H 96 16.99 -22.50 -18.09
N MET H 97 16.38 -22.56 -19.28
CA MET H 97 16.02 -21.37 -20.06
C MET H 97 14.94 -20.52 -19.35
N GLY H 98 15.08 -19.20 -19.46
CA GLY H 98 14.10 -18.28 -18.92
C GLY H 98 13.39 -17.48 -20.00
N ASP H 99 12.88 -16.29 -19.67
CA ASP H 99 12.22 -15.39 -20.63
C ASP H 99 11.02 -16.12 -21.25
N SER H 100 10.71 -15.83 -22.52
CA SER H 100 9.59 -16.51 -23.16
C SER H 100 9.86 -17.99 -23.45
N ALA H 101 11.07 -18.50 -23.21
CA ALA H 101 11.23 -19.95 -23.17
C ALA H 101 11.52 -20.47 -21.74
N TRP H 102 10.72 -20.02 -20.76
CA TRP H 102 11.00 -20.31 -19.35
C TRP H 102 10.76 -21.79 -19.01
N PHE H 103 11.82 -22.48 -18.60
CA PHE H 103 11.81 -23.91 -18.28
C PHE H 103 11.47 -24.80 -19.48
N ALA H 104 11.54 -24.29 -20.70
CA ALA H 104 11.33 -25.16 -21.85
C ALA H 104 12.52 -26.06 -22.10
N TYR H 105 13.74 -25.52 -21.94
CA TYR H 105 14.98 -26.27 -22.15
C TYR H 105 15.79 -26.29 -20.88
N TRP H 106 16.36 -27.46 -20.58
CA TRP H 106 17.08 -27.73 -19.35
C TRP H 106 18.43 -28.36 -19.66
N GLY H 107 19.39 -28.16 -18.76
CA GLY H 107 20.67 -28.83 -18.83
C GLY H 107 20.59 -30.24 -18.29
N GLN H 108 21.72 -30.95 -18.38
CA GLN H 108 21.76 -32.36 -17.98
C GLN H 108 22.25 -32.56 -16.54
N GLY H 109 23.50 -32.15 -16.24
CA GLY H 109 24.19 -32.32 -14.97
C GLY H 109 23.60 -31.33 -14.01
N THR H 110 24.32 -30.86 -12.99
CA THR H 110 25.69 -31.21 -12.66
C THR H 110 25.65 -31.82 -11.26
N LEU H 111 26.27 -32.98 -11.05
CA LEU H 111 26.30 -33.55 -9.70
C LEU H 111 27.43 -32.91 -8.91
N VAL H 112 27.12 -32.44 -7.71
CA VAL H 112 28.14 -31.88 -6.82
C VAL H 112 28.19 -32.72 -5.55
N THR H 113 29.29 -33.43 -5.35
CA THR H 113 29.55 -34.13 -4.10
C THR H 113 30.45 -33.26 -3.26
N VAL H 114 29.98 -32.92 -2.06
CA VAL H 114 30.76 -32.16 -1.09
C VAL H 114 31.14 -33.14 0.00
N SER H 115 32.41 -33.54 0.03
CA SER H 115 32.87 -34.53 0.98
C SER H 115 34.36 -34.32 1.23
N SER H 116 34.83 -34.92 2.31
CA SER H 116 36.24 -34.94 2.63
C SER H 116 36.91 -36.24 2.22
N ALA H 117 36.11 -37.28 1.96
CA ALA H 117 36.63 -38.60 1.62
C ALA H 117 37.58 -38.53 0.42
N LYS H 118 38.45 -39.54 0.33
CA LYS H 118 39.41 -39.62 -0.76
C LYS H 118 38.78 -40.30 -1.97
N THR H 119 39.23 -39.90 -3.15
CA THR H 119 38.79 -40.57 -4.37
C THR H 119 39.29 -42.01 -4.39
N THR H 120 38.38 -42.96 -4.65
CA THR H 120 38.74 -44.38 -4.69
C THR H 120 38.24 -45.00 -5.98
N PRO H 121 39.10 -45.58 -6.81
CA PRO H 121 38.64 -46.19 -8.06
C PRO H 121 37.93 -47.48 -7.80
N PRO H 122 36.99 -47.91 -8.65
CA PRO H 122 36.25 -49.13 -8.41
C PRO H 122 37.04 -50.36 -8.82
N SER H 123 36.60 -51.50 -8.32
CA SER H 123 36.96 -52.80 -8.90
C SER H 123 35.81 -53.25 -9.78
N VAL H 124 36.12 -53.65 -11.00
CA VAL H 124 35.12 -54.14 -11.96
C VAL H 124 35.27 -55.64 -12.09
N TYR H 125 34.17 -56.36 -11.87
CA TYR H 125 34.20 -57.81 -11.95
C TYR H 125 33.17 -58.34 -12.93
N PRO H 126 33.54 -59.33 -13.75
CA PRO H 126 32.57 -59.95 -14.65
C PRO H 126 31.69 -60.95 -13.93
N LEU H 127 30.42 -60.97 -14.29
CA LEU H 127 29.44 -61.88 -13.72
C LEU H 127 28.95 -62.80 -14.82
N ALA H 128 29.54 -64.00 -14.91
CA ALA H 128 29.10 -64.99 -15.89
C ALA H 128 28.30 -66.10 -15.20
N PRO H 129 27.41 -66.78 -15.92
CA PRO H 129 26.49 -67.74 -15.24
C PRO H 129 27.13 -68.76 -14.30
N GLY H 130 28.16 -69.46 -14.77
CA GLY H 130 28.73 -70.53 -13.96
C GLY H 130 27.77 -71.66 -13.68
N SER H 131 26.82 -71.90 -14.59
CA SER H 131 25.79 -72.93 -14.43
C SER H 131 26.38 -74.30 -14.07
N ASN H 136 18.07 -71.26 -22.22
CA ASN H 136 16.97 -71.30 -23.18
C ASN H 136 17.03 -70.09 -24.11
N SER H 137 15.92 -69.35 -24.18
CA SER H 137 15.83 -68.24 -25.13
C SER H 137 16.94 -67.21 -24.92
N MET H 138 17.05 -66.69 -23.69
CA MET H 138 17.92 -65.54 -23.43
C MET H 138 18.72 -65.76 -22.15
N VAL H 139 19.87 -65.10 -22.13
CA VAL H 139 20.87 -65.26 -21.06
C VAL H 139 21.09 -63.90 -20.43
N THR H 140 21.14 -63.86 -19.10
CA THR H 140 21.45 -62.64 -18.36
C THR H 140 22.91 -62.65 -17.94
N LEU H 141 23.65 -61.64 -18.36
CA LEU H 141 25.01 -61.37 -17.89
C LEU H 141 25.00 -60.17 -16.96
N GLY H 142 26.13 -59.98 -16.27
CA GLY H 142 26.21 -58.96 -15.26
C GLY H 142 27.60 -58.37 -15.18
N CYS H 143 27.70 -57.32 -14.38
CA CYS H 143 28.92 -56.54 -14.17
C CYS H 143 28.85 -55.94 -12.78
N LEU H 144 29.79 -56.29 -11.89
CA LEU H 144 29.81 -55.77 -10.52
C LEU H 144 30.84 -54.66 -10.39
N VAL H 145 30.41 -53.51 -9.85
CA VAL H 145 31.24 -52.31 -9.76
C VAL H 145 31.41 -51.99 -8.26
N LYS H 146 32.51 -52.49 -7.68
CA LYS H 146 32.61 -52.65 -6.24
C LYS H 146 33.61 -51.68 -5.65
N GLY H 147 33.14 -50.88 -4.70
CA GLY H 147 33.97 -50.12 -3.78
C GLY H 147 34.61 -48.86 -4.30
N TYR H 148 33.83 -47.93 -4.85
CA TYR H 148 34.42 -46.72 -5.40
C TYR H 148 33.89 -45.50 -4.66
N PHE H 149 34.64 -44.39 -4.77
CA PHE H 149 34.18 -43.09 -4.31
C PHE H 149 34.86 -41.98 -5.11
N PRO H 150 34.12 -40.95 -5.53
CA PRO H 150 32.67 -40.77 -5.37
C PRO H 150 31.85 -41.09 -6.62
N GLU H 151 30.56 -40.78 -6.49
CA GLU H 151 29.69 -40.72 -7.64
C GLU H 151 30.20 -39.62 -8.57
N PRO H 152 30.03 -39.78 -9.90
CA PRO H 152 29.33 -40.93 -10.50
C PRO H 152 30.21 -42.01 -11.17
N VAL H 153 29.56 -43.10 -11.56
CA VAL H 153 30.10 -44.11 -12.47
C VAL H 153 29.17 -44.19 -13.68
N THR H 154 29.74 -44.48 -14.85
CA THR H 154 28.90 -44.81 -15.98
C THR H 154 29.17 -46.25 -16.39
N VAL H 155 28.12 -46.91 -16.87
CA VAL H 155 28.20 -48.25 -17.42
C VAL H 155 27.50 -48.25 -18.78
N THR H 156 28.22 -48.64 -19.81
CA THR H 156 27.62 -49.00 -21.07
C THR H 156 27.92 -50.47 -21.37
N TRP H 157 27.31 -50.98 -22.44
CA TRP H 157 27.43 -52.38 -22.80
C TRP H 157 27.73 -52.43 -24.29
N ASN H 158 28.93 -52.90 -24.64
CA ASN H 158 29.43 -52.84 -26.01
C ASN H 158 29.41 -51.40 -26.54
N SER H 159 29.66 -50.44 -25.66
CA SER H 159 29.78 -49.03 -25.99
C SER H 159 28.45 -48.42 -26.42
N GLY H 160 27.33 -48.88 -25.85
CA GLY H 160 26.03 -48.34 -26.19
C GLY H 160 25.30 -49.11 -27.27
N SER H 161 25.94 -50.09 -27.91
CA SER H 161 25.28 -50.95 -28.89
C SER H 161 24.31 -51.89 -28.22
N LEU H 162 24.53 -52.20 -26.95
CA LEU H 162 23.58 -52.94 -26.13
C LEU H 162 22.88 -51.95 -25.22
N SER H 163 21.55 -51.89 -25.32
CA SER H 163 20.81 -50.89 -24.55
C SER H 163 19.47 -51.42 -24.07
N SER H 164 18.77 -52.18 -24.92
CA SER H 164 17.41 -52.59 -24.62
C SER H 164 17.32 -53.39 -23.33
N GLY H 165 18.15 -54.43 -23.20
CA GLY H 165 17.97 -55.32 -22.08
C GLY H 165 18.95 -55.06 -20.95
N VAL H 166 19.10 -53.80 -20.57
CA VAL H 166 20.11 -53.38 -19.62
C VAL H 166 19.42 -52.82 -18.39
N HIS H 167 19.85 -53.30 -17.21
CA HIS H 167 19.41 -52.74 -15.94
C HIS H 167 20.65 -52.31 -15.17
N THR H 168 20.75 -51.03 -14.87
CA THR H 168 21.83 -50.54 -14.03
C THR H 168 21.22 -50.17 -12.69
N PHE H 169 21.76 -50.74 -11.62
CA PHE H 169 21.08 -50.56 -10.34
C PHE H 169 21.67 -49.40 -9.57
N PRO H 170 20.81 -48.61 -8.93
CA PRO H 170 21.29 -47.47 -8.17
C PRO H 170 22.39 -47.89 -7.21
N ALA H 171 23.47 -47.11 -7.18
CA ALA H 171 24.58 -47.43 -6.30
C ALA H 171 24.16 -47.30 -4.84
N VAL H 172 24.88 -47.99 -3.97
CA VAL H 172 24.56 -48.04 -2.56
C VAL H 172 25.85 -47.85 -1.77
N LEU H 173 25.81 -46.96 -0.79
CA LEU H 173 26.97 -46.59 0.01
C LEU H 173 27.05 -47.53 1.23
N GLN H 174 28.00 -48.46 1.23
CA GLN H 174 28.16 -49.42 2.30
C GLN H 174 29.51 -49.19 2.98
N SER H 175 29.47 -48.83 4.26
CA SER H 175 30.70 -48.48 4.98
C SER H 175 31.67 -47.70 4.10
N ASP H 176 31.29 -46.47 3.74
CA ASP H 176 32.12 -45.39 3.20
C ASP H 176 32.45 -45.47 1.71
N LEU H 177 32.02 -46.52 0.99
CA LEU H 177 32.31 -46.65 -0.44
C LEU H 177 31.04 -47.11 -1.18
N TYR H 178 30.99 -46.80 -2.47
CA TYR H 178 29.84 -47.15 -3.29
C TYR H 178 30.03 -48.47 -4.02
N THR H 179 28.93 -49.22 -4.16
CA THR H 179 28.86 -50.41 -5.01
C THR H 179 27.65 -50.28 -5.92
N LEU H 180 27.79 -50.73 -7.17
CA LEU H 180 26.61 -50.94 -8.03
C LEU H 180 26.83 -52.17 -8.90
N SER H 181 25.74 -52.71 -9.41
CA SER H 181 25.79 -53.78 -10.38
C SER H 181 24.92 -53.39 -11.56
N SER H 182 25.10 -54.12 -12.66
CA SER H 182 24.45 -53.82 -13.94
C SER H 182 24.28 -55.12 -14.70
N SER H 183 23.06 -55.39 -15.18
CA SER H 183 22.81 -56.63 -15.91
C SER H 183 22.33 -56.34 -17.32
N VAL H 184 22.70 -57.24 -18.23
CA VAL H 184 22.28 -57.16 -19.61
C VAL H 184 21.69 -58.51 -19.99
N THR H 185 20.62 -58.52 -20.76
CA THR H 185 20.01 -59.76 -21.17
C THR H 185 19.99 -59.82 -22.69
N VAL H 186 20.71 -60.79 -23.24
CA VAL H 186 20.92 -60.93 -24.69
C VAL H 186 20.33 -62.26 -25.13
N PRO H 187 20.02 -62.39 -26.41
CA PRO H 187 19.68 -63.70 -26.99
C PRO H 187 20.77 -64.73 -26.73
N SER H 188 20.36 -65.95 -26.40
CA SER H 188 21.34 -66.98 -26.03
C SER H 188 22.37 -67.19 -27.14
N SER H 189 21.94 -67.12 -28.40
CA SER H 189 22.86 -67.28 -29.52
C SER H 189 23.87 -66.14 -29.63
N THR H 190 23.57 -64.96 -29.06
CA THR H 190 24.48 -63.82 -29.16
C THR H 190 25.81 -64.12 -28.49
N TRP H 191 25.78 -64.86 -27.38
CA TRP H 191 26.88 -64.99 -26.45
C TRP H 191 26.94 -66.42 -25.93
N PRO H 192 28.12 -66.99 -25.72
CA PRO H 192 29.50 -66.47 -25.80
C PRO H 192 30.00 -66.28 -27.21
N SER H 193 29.19 -66.69 -28.19
CA SER H 193 29.53 -66.60 -29.60
C SER H 193 30.25 -65.29 -29.91
N GLU H 194 29.49 -64.21 -29.92
CA GLU H 194 30.03 -62.85 -29.96
C GLU H 194 30.35 -62.40 -28.53
N THR H 195 31.09 -61.29 -28.42
CA THR H 195 31.60 -60.84 -27.13
C THR H 195 30.74 -59.71 -26.56
N VAL H 196 30.52 -59.77 -25.26
CA VAL H 196 29.73 -58.81 -24.50
C VAL H 196 30.65 -58.20 -23.44
N THR H 197 30.75 -56.88 -23.43
CA THR H 197 31.69 -56.20 -22.54
C THR H 197 30.96 -55.08 -21.82
N CYS H 198 31.14 -55.00 -20.50
CA CYS H 198 30.72 -53.81 -19.80
C CYS H 198 31.88 -52.81 -19.81
N ASN H 199 31.55 -51.55 -19.99
CA ASN H 199 32.50 -50.45 -19.90
C ASN H 199 32.10 -49.62 -18.71
N VAL H 200 33.02 -49.44 -17.77
CA VAL H 200 32.79 -48.71 -16.54
C VAL H 200 33.71 -47.51 -16.55
N ALA H 201 33.15 -46.31 -16.35
CA ALA H 201 33.95 -45.10 -16.30
C ALA H 201 33.67 -44.39 -14.99
N HIS H 202 34.74 -43.98 -14.32
CA HIS H 202 34.69 -43.27 -13.06
C HIS H 202 35.61 -42.07 -13.25
N PRO H 203 35.05 -40.87 -13.54
CA PRO H 203 35.90 -39.76 -13.98
C PRO H 203 36.67 -39.12 -12.82
N ALA H 204 36.12 -39.14 -11.59
CA ALA H 204 36.84 -38.54 -10.48
C ALA H 204 38.24 -39.15 -10.32
N SER H 205 38.39 -40.45 -10.59
CA SER H 205 39.66 -41.13 -10.52
C SER H 205 40.26 -41.38 -11.90
N SER H 206 39.71 -40.79 -12.95
CA SER H 206 40.18 -41.02 -14.31
C SER H 206 40.33 -42.50 -14.62
N THR H 207 39.31 -43.29 -14.28
CA THR H 207 39.37 -44.74 -14.42
C THR H 207 38.37 -45.22 -15.46
N LYS H 208 38.83 -46.06 -16.39
CA LYS H 208 37.95 -46.68 -17.38
C LYS H 208 38.36 -48.12 -17.52
N VAL H 209 37.43 -49.04 -17.26
CA VAL H 209 37.67 -50.46 -17.46
C VAL H 209 36.74 -50.96 -18.55
N ASP H 210 37.19 -52.00 -19.26
CA ASP H 210 36.39 -52.70 -20.27
C ASP H 210 36.49 -54.18 -19.95
N LYS H 211 35.44 -54.76 -19.38
CA LYS H 211 35.49 -56.10 -18.81
C LYS H 211 34.65 -57.02 -19.68
N LYS H 212 35.34 -57.85 -20.47
CA LYS H 212 34.68 -58.82 -21.31
C LYS H 212 34.10 -59.94 -20.45
N ILE H 213 32.87 -60.34 -20.77
CA ILE H 213 32.18 -61.41 -20.05
C ILE H 213 32.54 -62.71 -20.76
N VAL H 214 33.47 -63.45 -20.16
CA VAL H 214 33.91 -64.75 -20.65
C VAL H 214 33.17 -65.81 -19.86
N PRO H 215 32.73 -66.91 -20.48
CA PRO H 215 32.16 -68.02 -19.70
C PRO H 215 33.24 -68.73 -18.88
N ARG H 216 32.79 -69.44 -17.87
CA ARG H 216 33.68 -70.27 -17.08
C ARG H 216 33.43 -71.74 -17.43
N ASP H 217 34.02 -72.64 -16.64
CA ASP H 217 33.79 -74.07 -16.77
C ASP H 217 32.75 -74.56 -15.77
N THR I 25 5.06 -9.61 -21.75
CA THR I 25 6.47 -9.40 -21.37
C THR I 25 6.75 -9.64 -19.85
N SER I 26 7.77 -10.47 -19.61
CA SER I 26 7.87 -11.23 -18.37
C SER I 26 8.20 -10.34 -17.18
N PRO I 27 7.84 -10.79 -15.98
CA PRO I 27 8.48 -10.26 -14.78
C PRO I 27 9.99 -10.46 -14.83
N ARG I 28 10.73 -9.37 -14.61
CA ARG I 28 12.19 -9.29 -14.57
C ARG I 28 12.92 -10.60 -14.21
N HIS I 29 12.49 -11.25 -13.12
CA HIS I 29 13.17 -12.44 -12.60
C HIS I 29 12.96 -13.67 -13.47
N LEU I 30 11.88 -13.72 -14.25
CA LEU I 30 11.66 -14.80 -15.21
C LEU I 30 12.63 -14.67 -16.37
N NH2 I 31 12.74 -13.46 -16.91
N ASP J 1 -7.73 16.58 1.63
CA ASP J 1 -7.22 17.50 0.62
C ASP J 1 -5.93 18.15 1.12
N VAL J 2 -4.89 18.16 0.29
CA VAL J 2 -3.64 18.82 0.66
C VAL J 2 -3.90 20.32 0.76
N GLN J 3 -3.48 20.92 1.87
CA GLN J 3 -3.62 22.34 2.06
C GLN J 3 -2.34 23.03 1.60
N MET J 4 -2.51 24.06 0.77
CA MET J 4 -1.41 24.81 0.18
C MET J 4 -1.45 26.23 0.74
N THR J 5 -0.39 26.62 1.49
CA THR J 5 -0.33 27.92 2.13
C THR J 5 0.72 28.80 1.42
N GLN J 6 0.26 29.87 0.79
CA GLN J 6 1.12 30.81 0.09
C GLN J 6 1.42 32.00 0.98
N THR J 7 2.63 32.55 0.87
CA THR J 7 3.10 33.67 1.71
C THR J 7 4.07 34.49 0.89
N PRO J 8 3.90 35.81 0.80
CA PRO J 8 2.82 36.61 1.38
C PRO J 8 1.61 36.56 0.50
N LEU J 9 0.46 36.96 1.04
CA LEU J 9 -0.73 37.04 0.21
C LEU J 9 -0.62 38.19 -0.80
N THR J 10 0.00 39.31 -0.44
CA THR J 10 0.25 40.43 -1.35
C THR J 10 1.73 40.75 -1.33
N LEU J 11 2.26 41.13 -2.50
CA LEU J 11 3.67 41.42 -2.65
C LEU J 11 3.82 42.73 -3.40
N SER J 12 4.63 43.65 -2.90
CA SER J 12 4.88 44.93 -3.57
C SER J 12 6.37 45.14 -3.68
N VAL J 13 6.86 45.29 -4.91
CA VAL J 13 8.28 45.25 -5.22
C VAL J 13 8.56 46.26 -6.32
N THR J 14 9.68 46.98 -6.21
CA THR J 14 10.02 47.98 -7.21
C THR J 14 10.65 47.34 -8.43
N ILE J 15 10.35 47.89 -9.61
CA ILE J 15 10.83 47.33 -10.86
C ILE J 15 12.35 47.24 -10.82
N GLY J 16 12.88 46.04 -11.11
CA GLY J 16 14.30 45.79 -11.07
C GLY J 16 14.77 45.04 -9.84
N GLN J 17 14.02 45.09 -8.71
CA GLN J 17 14.32 44.40 -7.46
C GLN J 17 13.76 42.98 -7.46
N PRO J 18 14.30 42.12 -6.60
CA PRO J 18 13.85 40.72 -6.56
C PRO J 18 12.65 40.53 -5.63
N ALA J 19 11.96 39.40 -5.87
CA ALA J 19 10.86 38.96 -5.03
C ALA J 19 10.85 37.44 -4.91
N SER J 20 10.23 36.93 -3.85
CA SER J 20 10.11 35.51 -3.63
C SER J 20 8.77 35.19 -2.97
N ILE J 21 8.23 34.03 -3.32
CA ILE J 21 6.96 33.53 -2.79
C ILE J 21 7.23 32.17 -2.17
N SER J 22 6.64 31.91 -1.01
CA SER J 22 6.73 30.65 -0.32
C SER J 22 5.41 29.91 -0.44
N CYS J 23 5.47 28.62 -0.76
CA CYS J 23 4.32 27.74 -0.72
C CYS J 23 4.63 26.59 0.23
N LYS J 24 3.72 26.32 1.15
CA LYS J 24 3.88 25.15 2.00
C LYS J 24 2.62 24.32 1.90
N SER J 25 2.79 23.00 1.94
CA SER J 25 1.69 22.06 1.84
C SER J 25 1.53 21.31 3.16
N SER J 26 0.31 20.81 3.40
CA SER J 26 0.07 19.99 4.59
C SER J 26 0.63 18.58 4.47
N GLN J 27 0.82 18.08 3.25
CA GLN J 27 1.29 16.74 2.97
C GLN J 27 2.60 16.81 2.21
N SER J 28 3.31 15.69 2.15
CA SER J 28 4.43 15.60 1.21
C SER J 28 3.90 15.64 -0.22
N LEU J 29 4.64 16.28 -1.12
CA LEU J 29 4.21 16.34 -2.52
C LEU J 29 4.98 15.39 -3.42
N LEU J 30 5.86 14.56 -2.85
CA LEU J 30 6.68 13.63 -3.61
C LEU J 30 5.89 12.38 -3.94
N TYR J 31 5.88 11.99 -5.21
CA TYR J 31 5.08 10.87 -5.67
C TYR J 31 5.90 9.59 -5.64
N SER J 32 5.19 8.45 -5.70
CA SER J 32 5.83 7.14 -5.66
C SER J 32 6.74 6.82 -6.84
N ASN J 33 6.84 7.73 -7.82
CA ASN J 33 7.74 7.52 -8.95
C ASN J 33 8.97 8.41 -8.89
N GLY J 34 9.23 9.03 -7.74
CA GLY J 34 10.33 9.94 -7.61
C GLY J 34 10.03 11.36 -8.03
N LYS J 35 8.86 11.62 -8.57
CA LYS J 35 8.52 12.93 -9.10
C LYS J 35 7.60 13.68 -8.15
N THR J 36 7.62 15.01 -8.26
CA THR J 36 6.86 15.89 -7.38
C THR J 36 6.06 16.85 -8.23
N TYR J 37 4.74 16.76 -8.14
CA TYR J 37 3.86 17.44 -9.08
C TYR J 37 3.38 18.76 -8.46
N LEU J 38 4.25 19.77 -8.56
CA LEU J 38 4.01 21.13 -8.07
C LEU J 38 4.35 22.11 -9.20
N ASN J 39 3.39 22.96 -9.58
CA ASN J 39 3.63 23.97 -10.59
C ASN J 39 3.49 25.36 -9.99
N TRP J 40 4.01 26.35 -10.71
CA TRP J 40 3.66 27.75 -10.49
C TRP J 40 2.90 28.27 -11.71
N LEU J 41 1.78 28.94 -11.45
CA LEU J 41 1.01 29.62 -12.49
C LEU J 41 0.96 31.11 -12.21
N LEU J 42 1.10 31.91 -13.25
CA LEU J 42 0.87 33.35 -13.17
C LEU J 42 -0.43 33.66 -13.89
N GLN J 43 -1.22 34.59 -13.33
CA GLN J 43 -2.47 35.01 -13.93
C GLN J 43 -2.55 36.52 -13.90
N ARG J 44 -2.49 37.12 -15.10
CA ARG J 44 -2.81 38.53 -15.28
C ARG J 44 -4.31 38.75 -15.19
N PRO J 45 -4.75 39.95 -14.84
CA PRO J 45 -6.19 40.22 -14.78
C PRO J 45 -6.82 40.11 -16.17
N GLY J 46 -8.07 39.62 -16.20
CA GLY J 46 -8.78 39.43 -17.44
C GLY J 46 -8.35 38.20 -18.21
N GLN J 47 -7.06 37.89 -18.16
CA GLN J 47 -6.47 36.74 -18.82
C GLN J 47 -6.69 35.46 -18.00
N SER J 48 -6.17 34.34 -18.53
CA SER J 48 -6.22 33.03 -17.92
C SER J 48 -4.82 32.57 -17.52
N PRO J 49 -4.70 31.54 -16.68
CA PRO J 49 -3.41 31.24 -16.06
C PRO J 49 -2.39 30.69 -17.05
N LYS J 50 -1.13 30.98 -16.77
CA LYS J 50 0.00 30.56 -17.58
C LYS J 50 0.97 29.81 -16.69
N ARG J 51 1.36 28.61 -17.10
CA ARG J 51 2.31 27.83 -16.31
C ARG J 51 3.72 28.42 -16.42
N LEU J 52 4.34 28.71 -15.27
CA LEU J 52 5.71 29.20 -15.25
C LEU J 52 6.71 28.09 -14.96
N ILE J 53 6.49 27.36 -13.87
CA ILE J 53 7.39 26.32 -13.41
C ILE J 53 6.56 25.06 -13.24
N TYR J 54 7.05 23.95 -13.76
CA TYR J 54 6.47 22.65 -13.49
C TYR J 54 7.51 21.81 -12.80
N LEU J 55 7.07 20.71 -12.19
CA LEU J 55 7.94 19.82 -11.41
C LEU J 55 8.93 20.59 -10.55
N VAL J 56 8.43 21.60 -9.83
CA VAL J 56 9.17 22.26 -8.76
C VAL J 56 10.15 23.31 -9.29
N SER J 57 11.04 22.91 -10.18
CA SER J 57 12.13 23.78 -10.60
C SER J 57 12.29 23.95 -12.12
N LYS J 58 11.51 23.25 -12.94
CA LYS J 58 11.68 23.25 -14.39
C LYS J 58 10.93 24.41 -15.04
N LEU J 59 11.64 25.23 -15.79
CA LEU J 59 11.04 26.35 -16.49
C LEU J 59 10.26 25.88 -17.71
N ASP J 60 9.09 26.47 -17.91
CA ASP J 60 8.29 26.17 -19.08
C ASP J 60 8.97 26.70 -20.34
N SER J 61 8.52 26.20 -21.50
CA SER J 61 9.18 26.49 -22.77
C SER J 61 9.46 27.98 -22.97
N GLY J 62 8.50 28.84 -22.67
CA GLY J 62 8.58 30.22 -23.08
C GLY J 62 8.89 31.23 -21.99
N VAL J 63 9.28 30.80 -20.80
CA VAL J 63 9.27 31.66 -19.62
C VAL J 63 10.65 32.29 -19.41
N PRO J 64 10.73 33.60 -19.06
CA PRO J 64 12.02 34.21 -18.74
C PRO J 64 12.80 33.44 -17.69
N ASP J 65 14.11 33.66 -17.62
CA ASP J 65 15.00 32.90 -16.77
C ASP J 65 15.09 33.47 -15.35
N ARG J 66 14.68 34.71 -15.14
CA ARG J 66 14.74 35.26 -13.79
C ARG J 66 13.73 34.59 -12.86
N PHE J 67 12.82 33.76 -13.41
CA PHE J 67 11.98 32.88 -12.60
C PHE J 67 12.76 31.61 -12.27
N THR J 68 12.92 31.32 -10.97
CA THR J 68 13.46 30.05 -10.49
C THR J 68 12.55 29.51 -9.41
N GLY J 69 12.54 28.19 -9.29
CA GLY J 69 11.75 27.53 -8.27
C GLY J 69 12.56 26.46 -7.57
N SER J 70 12.29 26.30 -6.28
CA SER J 70 13.02 25.33 -5.47
C SER J 70 12.13 24.81 -4.35
N GLY J 71 12.71 23.97 -3.52
CA GLY J 71 12.02 23.32 -2.43
C GLY J 71 11.84 21.82 -2.68
N SER J 72 11.38 21.15 -1.64
CA SER J 72 11.15 19.71 -1.76
C SER J 72 10.23 19.27 -0.63
N GLY J 73 9.54 18.16 -0.87
CA GLY J 73 8.67 17.60 0.15
C GLY J 73 7.45 18.43 0.42
N THR J 74 7.57 19.42 1.33
CA THR J 74 6.46 20.26 1.76
C THR J 74 6.78 21.75 1.78
N ASP J 75 8.01 22.13 1.52
CA ASP J 75 8.39 23.53 1.43
C ASP J 75 8.83 23.81 0.00
N PHE J 76 8.26 24.85 -0.61
CA PHE J 76 8.53 25.20 -2.00
C PHE J 76 8.57 26.71 -2.14
N THR J 77 9.47 27.20 -2.99
CA THR J 77 9.75 28.63 -3.11
C THR J 77 9.84 29.03 -4.59
N LEU J 78 9.23 30.18 -4.92
CA LEU J 78 9.37 30.80 -6.23
C LEU J 78 10.12 32.12 -6.10
N LYS J 79 11.24 32.25 -6.79
CA LYS J 79 12.05 33.46 -6.78
C LYS J 79 12.01 34.12 -8.15
N ILE J 80 11.86 35.44 -8.15
CA ILE J 80 12.07 36.26 -9.34
C ILE J 80 13.32 37.08 -9.07
N SER J 81 14.32 36.96 -9.94
CA SER J 81 15.59 37.63 -9.67
C SER J 81 15.46 39.15 -9.78
N ARG J 82 14.75 39.62 -10.80
CA ARG J 82 14.44 41.05 -10.96
C ARG J 82 13.03 41.12 -11.56
N VAL J 83 12.08 41.61 -10.77
CA VAL J 83 10.74 41.81 -11.27
C VAL J 83 10.75 42.91 -12.33
N GLU J 84 9.82 42.84 -13.26
CA GLU J 84 9.63 43.90 -14.25
C GLU J 84 8.14 44.10 -14.47
N ALA J 85 7.81 45.16 -15.22
CA ALA J 85 6.41 45.56 -15.35
C ALA J 85 5.52 44.49 -15.97
N GLU J 86 6.08 43.46 -16.57
CA GLU J 86 5.24 42.43 -17.18
C GLU J 86 4.92 41.29 -16.23
N ASP J 87 5.67 41.16 -15.13
CA ASP J 87 5.51 40.09 -14.15
C ASP J 87 4.27 40.26 -13.28
N LEU J 88 3.45 41.29 -13.51
CA LEU J 88 2.33 41.62 -12.63
C LEU J 88 1.23 40.56 -12.70
N GLY J 89 0.47 40.45 -11.62
CA GLY J 89 -0.59 39.48 -11.59
C GLY J 89 -0.55 38.70 -10.30
N VAL J 90 -1.23 37.56 -10.27
CA VAL J 90 -1.37 36.76 -9.07
C VAL J 90 -0.74 35.39 -9.28
N TYR J 91 0.11 34.99 -8.35
CA TYR J 91 0.85 33.76 -8.47
C TYR J 91 0.17 32.66 -7.67
N TYR J 92 -0.02 31.51 -8.29
CA TYR J 92 -0.52 30.31 -7.65
C TYR J 92 0.53 29.20 -7.68
N CYS J 93 0.78 28.55 -6.54
CA CYS J 93 1.27 27.19 -6.58
C CYS J 93 0.09 26.23 -6.75
N VAL J 94 0.35 25.10 -7.40
CA VAL J 94 -0.66 24.04 -7.55
C VAL J 94 0.04 22.69 -7.41
N GLN J 95 -0.60 21.76 -6.70
CA GLN J 95 -0.09 20.39 -6.58
C GLN J 95 -1.07 19.45 -7.28
N GLY J 96 -0.52 18.42 -7.92
CA GLY J 96 -1.32 17.40 -8.58
C GLY J 96 -0.92 15.99 -8.19
N THR J 97 -0.14 15.87 -7.11
CA THR J 97 0.29 14.55 -6.61
C THR J 97 -0.87 13.80 -5.99
N HIS J 98 -1.66 14.48 -5.17
CA HIS J 98 -2.79 13.88 -4.49
C HIS J 98 -4.07 14.35 -5.16
N SER J 99 -5.02 13.45 -5.27
CA SER J 99 -6.30 14.02 -5.65
C SER J 99 -7.06 14.47 -4.41
N PRO J 100 -7.79 15.59 -4.43
CA PRO J 100 -7.94 16.50 -5.56
C PRO J 100 -6.77 17.45 -5.68
N LEU J 101 -6.50 17.91 -6.89
CA LEU J 101 -5.57 19.01 -7.08
C LEU J 101 -6.01 20.17 -6.22
N THR J 102 -5.02 20.88 -5.66
CA THR J 102 -5.28 22.01 -4.77
C THR J 102 -4.32 23.14 -5.08
N PHE J 103 -4.87 24.35 -5.12
CA PHE J 103 -4.15 25.58 -5.44
C PHE J 103 -3.88 26.38 -4.16
N GLY J 104 -2.79 27.14 -4.20
CA GLY J 104 -2.59 28.16 -3.18
C GLY J 104 -3.61 29.27 -3.34
N ALA J 105 -3.69 30.12 -2.31
CA ALA J 105 -4.69 31.17 -2.39
C ALA J 105 -4.28 32.27 -3.35
N GLY J 106 -3.02 32.34 -3.75
CA GLY J 106 -2.58 33.35 -4.68
C GLY J 106 -1.73 34.42 -4.01
N THR J 107 -0.80 35.00 -4.80
CA THR J 107 0.00 36.13 -4.37
C THR J 107 -0.08 37.21 -5.46
N LYS J 108 -0.72 38.32 -5.16
CA LYS J 108 -0.83 39.41 -6.11
C LYS J 108 0.47 40.19 -6.08
N LEU J 109 1.28 40.06 -7.12
CA LEU J 109 2.44 40.91 -7.26
C LEU J 109 2.01 42.30 -7.74
N GLU J 110 2.44 43.34 -7.02
CA GLU J 110 2.17 44.72 -7.40
C GLU J 110 3.51 45.43 -7.54
N LEU J 111 3.71 46.07 -8.67
CA LEU J 111 4.99 46.71 -8.96
C LEU J 111 4.97 48.16 -8.50
N LYS J 112 6.06 48.59 -7.87
CA LYS J 112 6.19 49.97 -7.42
C LYS J 112 6.95 50.77 -8.47
N ARG J 113 6.61 52.05 -8.55
CA ARG J 113 7.16 52.92 -9.57
C ARG J 113 7.13 54.35 -9.07
N ALA J 114 7.77 55.23 -9.84
CA ALA J 114 7.74 56.64 -9.56
C ALA J 114 6.30 57.16 -9.60
N ASP J 115 6.03 58.11 -8.71
CA ASP J 115 4.70 58.66 -8.60
C ASP J 115 4.27 59.27 -9.92
N ALA J 116 2.96 59.51 -10.03
CA ALA J 116 2.37 59.94 -11.28
C ALA J 116 0.94 60.42 -11.04
N ALA J 117 0.71 61.70 -11.22
CA ALA J 117 -0.62 62.25 -11.07
C ALA J 117 -1.57 61.69 -12.13
N PRO J 118 -2.84 61.48 -11.78
CA PRO J 118 -3.81 61.07 -12.80
C PRO J 118 -4.04 62.17 -13.82
N THR J 119 -4.28 61.77 -15.07
CA THR J 119 -4.82 62.70 -16.06
C THR J 119 -6.33 62.61 -15.96
N VAL J 120 -6.94 63.69 -15.47
CA VAL J 120 -8.37 63.76 -15.21
C VAL J 120 -9.12 64.31 -16.42
N SER J 121 -10.22 63.64 -16.78
CA SER J 121 -11.18 64.09 -17.78
C SER J 121 -12.56 63.97 -17.20
N ILE J 122 -13.42 64.96 -17.51
CA ILE J 122 -14.83 64.97 -17.12
C ILE J 122 -15.67 65.17 -18.38
N PHE J 123 -16.86 64.57 -18.36
CA PHE J 123 -17.73 64.50 -19.52
C PHE J 123 -19.17 64.81 -19.09
N PRO J 124 -19.83 65.76 -19.73
CA PRO J 124 -21.25 66.04 -19.41
C PRO J 124 -22.16 64.93 -19.87
N PRO J 125 -23.39 64.88 -19.39
CA PRO J 125 -24.35 63.91 -19.94
C PRO J 125 -24.56 64.15 -21.43
N SER J 126 -24.69 63.05 -22.16
CA SER J 126 -24.95 63.14 -23.59
C SER J 126 -26.38 63.63 -23.83
N SER J 127 -26.58 64.20 -25.02
CA SER J 127 -27.91 64.59 -25.46
C SER J 127 -28.85 63.38 -25.54
N GLU J 128 -28.31 62.21 -25.94
CA GLU J 128 -29.11 60.99 -26.01
C GLU J 128 -29.67 60.61 -24.65
N GLN J 129 -28.81 60.63 -23.62
CA GLN J 129 -29.27 60.30 -22.28
C GLN J 129 -30.31 61.32 -21.81
N LEU J 130 -30.00 62.61 -21.93
CA LEU J 130 -30.90 63.63 -21.40
C LEU J 130 -32.30 63.51 -21.99
N THR J 131 -32.42 63.17 -23.28
CA THR J 131 -33.75 63.03 -23.86
C THR J 131 -34.60 62.06 -23.04
N SER J 132 -34.00 60.98 -22.55
CA SER J 132 -34.69 60.01 -21.74
C SER J 132 -34.71 60.36 -20.25
N GLY J 133 -34.26 61.55 -19.86
CA GLY J 133 -34.49 62.04 -18.52
C GLY J 133 -33.43 61.72 -17.49
N GLY J 134 -32.44 60.88 -17.81
CA GLY J 134 -31.30 60.67 -16.96
C GLY J 134 -30.12 61.56 -17.34
N ALA J 135 -29.12 61.60 -16.46
CA ALA J 135 -27.95 62.47 -16.65
C ALA J 135 -26.77 61.93 -15.84
N SER J 136 -25.83 61.29 -16.53
CA SER J 136 -24.64 60.75 -15.91
C SER J 136 -23.45 61.61 -16.28
N VAL J 137 -22.81 62.20 -15.27
CA VAL J 137 -21.56 62.91 -15.48
C VAL J 137 -20.42 61.94 -15.18
N VAL J 138 -19.54 61.73 -16.15
CA VAL J 138 -18.49 60.72 -16.04
C VAL J 138 -17.15 61.41 -15.86
N CYS J 139 -16.38 60.97 -14.86
CA CYS J 139 -15.03 61.45 -14.63
C CYS J 139 -14.04 60.30 -14.68
N PHE J 140 -13.00 60.44 -15.52
CA PHE J 140 -11.92 59.47 -15.63
C PHE J 140 -10.65 60.00 -14.98
N LEU J 141 -9.98 59.16 -14.22
CA LEU J 141 -8.68 59.48 -13.61
C LEU J 141 -7.71 58.41 -14.09
N ASN J 142 -7.02 58.69 -15.18
CA ASN J 142 -6.26 57.65 -15.84
C ASN J 142 -4.79 57.78 -15.50
N ASN J 143 -4.18 56.64 -15.17
CA ASN J 143 -2.73 56.44 -15.21
C ASN J 143 -2.02 57.17 -14.05
N PHE J 144 -2.49 56.91 -12.83
CA PHE J 144 -1.83 57.44 -11.66
C PHE J 144 -1.06 56.34 -10.95
N TYR J 145 -0.13 56.76 -10.08
CA TYR J 145 0.53 55.92 -9.10
C TYR J 145 0.91 56.83 -7.92
N PRO J 146 0.65 56.44 -6.66
CA PRO J 146 0.13 55.20 -6.07
C PRO J 146 -1.37 54.93 -6.25
N LYS J 147 -1.78 53.73 -5.84
CA LYS J 147 -3.10 53.23 -6.17
C LYS J 147 -4.21 53.85 -5.35
N ASP J 148 -3.92 54.43 -4.18
CA ASP J 148 -4.98 55.00 -3.35
C ASP J 148 -5.30 56.41 -3.80
N ILE J 149 -6.58 56.66 -4.04
CA ILE J 149 -7.01 57.93 -4.60
C ILE J 149 -8.50 58.06 -4.34
N ASN J 150 -8.96 59.29 -4.23
CA ASN J 150 -10.38 59.56 -3.99
C ASN J 150 -10.88 60.54 -5.03
N VAL J 151 -12.15 60.37 -5.42
CA VAL J 151 -12.83 61.35 -6.25
C VAL J 151 -13.84 62.08 -5.40
N LYS J 152 -13.88 63.38 -5.55
CA LYS J 152 -14.88 64.21 -4.91
C LYS J 152 -15.67 64.89 -6.01
N TRP J 153 -17.00 64.85 -5.88
CA TRP J 153 -17.92 65.47 -6.82
C TRP J 153 -18.48 66.72 -6.18
N LYS J 154 -18.27 67.85 -6.83
CA LYS J 154 -18.83 69.13 -6.39
C LYS J 154 -19.75 69.69 -7.47
N ILE J 155 -21.00 69.89 -7.09
CA ILE J 155 -22.00 70.57 -7.90
C ILE J 155 -22.19 71.96 -7.31
N ASP J 156 -22.10 72.98 -8.14
CA ASP J 156 -22.30 74.37 -7.71
C ASP J 156 -21.39 74.75 -6.53
N GLY J 157 -20.25 74.05 -6.41
CA GLY J 157 -19.25 74.37 -5.42
C GLY J 157 -19.34 73.62 -4.10
N SER J 158 -20.32 72.73 -3.94
CA SER J 158 -20.47 71.96 -2.72
C SER J 158 -20.37 70.48 -3.03
N GLU J 159 -19.81 69.72 -2.09
CA GLU J 159 -19.70 68.30 -2.36
C GLU J 159 -21.07 67.65 -2.49
N ARG J 160 -21.08 66.53 -3.19
CA ARG J 160 -22.30 65.78 -3.45
C ARG J 160 -21.94 64.30 -3.45
N GLN J 161 -22.72 63.49 -2.75
CA GLN J 161 -22.33 62.10 -2.50
C GLN J 161 -23.23 61.08 -3.15
N ASN J 162 -24.55 61.26 -3.12
CA ASN J 162 -25.42 60.22 -3.64
C ASN J 162 -25.30 60.12 -5.15
N GLY J 163 -25.72 58.98 -5.68
CA GLY J 163 -25.71 58.79 -7.11
C GLY J 163 -24.34 58.55 -7.70
N VAL J 164 -23.34 58.37 -6.87
CA VAL J 164 -21.98 58.11 -7.32
C VAL J 164 -21.82 56.61 -7.54
N LEU J 165 -21.10 56.27 -8.62
CA LEU J 165 -20.69 54.90 -8.92
C LEU J 165 -19.24 54.93 -9.35
N ASN J 166 -18.42 54.07 -8.75
CA ASN J 166 -16.98 54.10 -8.98
C ASN J 166 -16.46 52.73 -9.37
N SER J 167 -15.37 52.71 -10.14
CA SER J 167 -14.80 51.47 -10.61
C SER J 167 -13.29 51.63 -10.76
N TRP J 168 -12.55 50.65 -10.27
CA TRP J 168 -11.09 50.65 -10.26
C TRP J 168 -10.55 49.55 -11.17
N THR J 169 -9.61 49.91 -12.04
CA THR J 169 -8.89 48.90 -12.80
C THR J 169 -7.77 48.29 -11.97
N ASP J 170 -7.19 47.24 -12.53
CA ASP J 170 -5.97 46.66 -12.00
C ASP J 170 -4.77 47.37 -12.58
N GLN J 171 -3.60 46.99 -12.11
CA GLN J 171 -2.37 47.66 -12.53
C GLN J 171 -2.14 47.44 -14.03
N ASP J 172 -1.59 48.46 -14.68
CA ASP J 172 -1.28 48.39 -16.09
C ASP J 172 0.01 47.58 -16.28
N SER J 173 0.00 46.71 -17.29
CA SER J 173 1.12 45.80 -17.53
C SER J 173 2.33 46.48 -18.16
N LYS J 174 2.20 47.71 -18.62
CA LYS J 174 3.28 48.37 -19.34
C LYS J 174 3.90 49.52 -18.56
N ASP J 175 3.09 50.41 -17.99
CA ASP J 175 3.58 51.54 -17.22
C ASP J 175 3.26 51.40 -15.73
N SER J 176 2.77 50.24 -15.29
CA SER J 176 2.56 49.93 -13.88
C SER J 176 1.66 50.96 -13.19
N THR J 177 0.74 51.58 -13.90
CA THR J 177 -0.11 52.59 -13.29
C THR J 177 -1.49 52.03 -13.02
N TYR J 178 -2.38 52.90 -12.56
CA TYR J 178 -3.72 52.54 -12.14
C TYR J 178 -4.72 53.52 -12.75
N SER J 179 -5.95 53.06 -12.91
CA SER J 179 -6.99 53.94 -13.43
C SER J 179 -8.25 53.71 -12.64
N MET J 180 -9.18 54.64 -12.78
CA MET J 180 -10.35 54.64 -11.94
C MET J 180 -11.43 55.47 -12.63
N SER J 181 -12.69 55.04 -12.52
CA SER J 181 -13.78 55.73 -13.18
C SER J 181 -14.88 56.01 -12.17
N SER J 182 -15.49 57.20 -12.29
CA SER J 182 -16.51 57.68 -11.38
C SER J 182 -17.67 58.30 -12.16
N THR J 183 -18.89 57.85 -11.90
CA THR J 183 -20.05 58.36 -12.62
C THR J 183 -21.08 58.89 -11.63
N LEU J 184 -21.36 60.18 -11.72
CA LEU J 184 -22.41 60.81 -10.95
C LEU J 184 -23.69 60.84 -11.79
N THR J 185 -24.70 60.07 -11.42
CA THR J 185 -25.92 59.98 -12.18
C THR J 185 -27.04 60.69 -11.44
N LEU J 186 -27.58 61.74 -12.06
CA LEU J 186 -28.72 62.49 -11.57
C LEU J 186 -29.88 62.33 -12.54
N THR J 187 -31.05 62.87 -12.13
CA THR J 187 -32.16 63.02 -13.06
C THR J 187 -31.88 64.18 -14.01
N LYS J 188 -32.58 64.19 -15.15
CA LYS J 188 -32.48 65.35 -16.02
C LYS J 188 -32.85 66.62 -15.27
N ASP J 189 -33.90 66.56 -14.44
CA ASP J 189 -34.35 67.76 -13.76
C ASP J 189 -33.41 68.18 -12.64
N GLU J 190 -32.83 67.22 -11.90
CA GLU J 190 -31.86 67.63 -10.89
C GLU J 190 -30.61 68.20 -11.54
N TYR J 191 -30.20 67.64 -12.69
CA TYR J 191 -29.06 68.20 -13.43
C TYR J 191 -29.30 69.64 -13.86
N GLU J 192 -30.50 69.94 -14.37
CA GLU J 192 -30.73 71.30 -14.86
C GLU J 192 -31.04 72.29 -13.76
N ARG J 193 -31.13 71.85 -12.51
CA ARG J 193 -31.25 72.76 -11.38
C ARG J 193 -29.92 73.39 -10.97
N HIS J 194 -28.80 73.01 -11.61
CA HIS J 194 -27.48 73.45 -11.20
C HIS J 194 -26.59 73.62 -12.43
N ASN J 195 -25.58 74.48 -12.32
CA ASN J 195 -24.74 74.86 -13.46
C ASN J 195 -23.34 74.24 -13.44
N SER J 196 -22.64 74.27 -12.33
CA SER J 196 -21.23 73.93 -12.32
C SER J 196 -21.02 72.53 -11.76
N TYR J 197 -20.11 71.78 -12.39
CA TYR J 197 -19.85 70.36 -12.11
C TYR J 197 -18.35 70.17 -12.00
N THR J 198 -17.86 69.80 -10.81
CA THR J 198 -16.44 69.62 -10.58
C THR J 198 -16.11 68.16 -10.27
N CYS J 199 -15.01 67.70 -10.84
CA CYS J 199 -14.44 66.41 -10.54
C CYS J 199 -13.08 66.65 -9.88
N GLU J 200 -12.90 66.14 -8.67
CA GLU J 200 -11.78 66.51 -7.82
C GLU J 200 -11.09 65.24 -7.33
N ALA J 201 -9.83 65.08 -7.68
CA ALA J 201 -9.03 63.93 -7.29
C ALA J 201 -8.04 64.35 -6.23
N THR J 202 -7.99 63.62 -5.12
CA THR J 202 -6.95 63.78 -4.11
C THR J 202 -6.10 62.53 -4.01
N HIS J 203 -4.80 62.72 -3.82
CA HIS J 203 -3.84 61.61 -3.85
C HIS J 203 -3.02 61.52 -2.58
N THR J 207 1.63 66.67 -4.86
CA THR J 207 0.89 67.34 -5.94
C THR J 207 -0.56 66.81 -6.06
N SER J 208 -1.49 67.63 -5.56
CA SER J 208 -2.89 67.31 -5.33
C SER J 208 -3.60 68.50 -4.68
N PRO J 209 -4.91 68.66 -4.90
CA PRO J 209 -5.75 67.84 -5.78
C PRO J 209 -5.57 68.13 -7.29
N ILE J 210 -6.37 67.45 -8.11
CA ILE J 210 -6.46 67.73 -9.54
C ILE J 210 -7.96 67.84 -9.88
N VAL J 211 -8.38 69.01 -10.36
CA VAL J 211 -9.80 69.26 -10.63
C VAL J 211 -10.03 69.43 -12.12
N LYS J 212 -11.21 69.01 -12.57
CA LYS J 212 -11.76 69.32 -13.88
C LYS J 212 -13.22 69.72 -13.69
N SER J 213 -13.67 70.72 -14.45
CA SER J 213 -15.04 71.20 -14.37
C SER J 213 -15.61 71.42 -15.75
N PHE J 214 -16.94 71.47 -15.83
CA PHE J 214 -17.66 72.12 -16.92
C PHE J 214 -18.79 72.94 -16.33
N ASN J 215 -19.25 73.92 -17.10
CA ASN J 215 -20.41 74.73 -16.73
C ASN J 215 -21.56 74.35 -17.65
N ARG J 216 -22.67 73.90 -17.05
CA ARG J 216 -23.76 73.35 -17.84
C ARG J 216 -24.29 74.30 -18.92
N ASN J 217 -23.97 75.59 -18.85
CA ASN J 217 -24.53 76.55 -19.82
C ASN J 217 -23.60 76.79 -21.00
N GLU J 218 -22.71 75.87 -21.35
CA GLU J 218 -21.78 76.08 -22.46
C GLU J 218 -21.60 74.85 -23.33
N VAL K 1 -0.30 25.44 -28.66
CA VAL K 1 -1.60 24.98 -29.14
C VAL K 1 -2.73 25.59 -28.32
N GLN K 2 -3.96 25.34 -28.78
CA GLN K 2 -5.13 26.02 -28.28
C GLN K 2 -6.11 25.04 -27.64
N LEU K 3 -6.76 25.53 -26.59
CA LEU K 3 -8.01 24.98 -26.08
C LEU K 3 -9.02 26.10 -26.28
N GLN K 4 -10.13 25.79 -26.97
CA GLN K 4 -11.10 26.81 -27.38
C GLN K 4 -12.42 26.48 -26.69
N GLN K 5 -12.84 27.34 -25.78
CA GLN K 5 -13.99 27.04 -24.93
C GLN K 5 -15.21 27.75 -25.49
N SER K 6 -16.37 27.16 -25.20
CA SER K 6 -17.64 27.66 -25.67
C SER K 6 -18.00 28.98 -24.97
N GLY K 7 -19.07 29.61 -25.48
CA GLY K 7 -19.41 30.99 -25.15
C GLY K 7 -20.08 31.13 -23.79
N PRO K 8 -20.23 32.39 -23.36
CA PRO K 8 -20.77 32.66 -22.02
C PRO K 8 -22.24 32.34 -21.94
N GLU K 9 -22.66 31.84 -20.77
CA GLU K 9 -23.98 31.26 -20.57
C GLU K 9 -24.76 32.04 -19.50
N LEU K 10 -26.05 32.22 -19.77
CA LEU K 10 -27.02 32.68 -18.77
C LEU K 10 -27.98 31.51 -18.52
N VAL K 11 -28.05 31.06 -17.27
CA VAL K 11 -28.81 29.86 -16.90
C VAL K 11 -29.69 30.18 -15.71
N LYS K 12 -30.87 29.53 -15.69
CA LYS K 12 -31.84 29.74 -14.63
C LYS K 12 -31.50 28.88 -13.41
N PRO K 13 -31.75 29.39 -12.20
CA PRO K 13 -31.57 28.55 -11.02
C PRO K 13 -32.35 27.25 -11.18
N GLY K 14 -31.65 26.13 -10.96
CA GLY K 14 -32.25 24.82 -11.02
C GLY K 14 -31.97 24.07 -12.31
N ALA K 15 -31.51 24.77 -13.34
CA ALA K 15 -31.32 24.20 -14.66
C ALA K 15 -29.91 23.59 -14.80
N SER K 16 -29.63 23.05 -15.99
CA SER K 16 -28.33 22.49 -16.31
C SER K 16 -27.71 23.24 -17.47
N VAL K 17 -26.40 23.03 -17.66
CA VAL K 17 -25.64 23.70 -18.72
C VAL K 17 -24.46 22.81 -19.11
N LYS K 18 -24.17 22.75 -20.42
CA LYS K 18 -23.06 21.96 -20.93
C LYS K 18 -22.04 22.89 -21.57
N ILE K 19 -20.90 23.06 -20.91
CA ILE K 19 -19.77 23.79 -21.48
C ILE K 19 -18.90 22.80 -22.24
N SER K 20 -18.07 23.30 -23.15
CA SER K 20 -17.23 22.42 -23.96
C SER K 20 -15.88 23.07 -24.20
N CYS K 21 -14.96 22.25 -24.69
CA CYS K 21 -13.56 22.64 -24.88
C CYS K 21 -13.06 21.81 -26.05
N LYS K 22 -12.68 22.47 -27.15
CA LYS K 22 -12.22 21.76 -28.34
C LYS K 22 -10.71 21.76 -28.37
N THR K 23 -10.13 20.60 -28.63
CA THR K 23 -8.69 20.49 -28.83
C THR K 23 -8.37 20.84 -30.29
N SER K 24 -7.67 21.95 -30.48
CA SER K 24 -7.48 22.56 -31.78
C SER K 24 -6.36 21.95 -32.61
N GLU K 25 -5.62 20.97 -32.08
CA GLU K 25 -4.57 20.29 -32.84
C GLU K 25 -4.60 18.82 -32.49
N TYR K 26 -4.45 17.97 -33.51
CA TYR K 26 -4.70 16.54 -33.31
C TYR K 26 -3.77 15.97 -32.25
N THR K 27 -2.58 16.53 -32.12
CA THR K 27 -1.56 15.98 -31.23
C THR K 27 -1.99 16.01 -29.77
N PHE K 28 -2.93 16.87 -29.40
CA PHE K 28 -3.37 17.01 -28.01
C PHE K 28 -4.75 16.42 -27.77
N THR K 29 -5.44 15.90 -28.79
CA THR K 29 -6.76 15.32 -28.57
C THR K 29 -6.71 14.26 -27.48
N GLU K 30 -5.63 13.49 -27.43
CA GLU K 30 -5.55 12.30 -26.61
C GLU K 30 -5.16 12.59 -25.16
N TYR K 31 -4.72 13.80 -24.85
CA TYR K 31 -4.30 14.18 -23.50
C TYR K 31 -5.49 14.35 -22.54
N THR K 32 -5.31 13.88 -21.30
CA THR K 32 -6.22 14.19 -20.20
C THR K 32 -6.50 15.68 -20.15
N LYS K 33 -7.78 16.03 -19.99
CA LYS K 33 -8.22 17.41 -19.85
C LYS K 33 -8.71 17.62 -18.42
N HIS K 34 -8.32 18.75 -17.83
CA HIS K 34 -8.74 19.13 -16.48
C HIS K 34 -9.66 20.32 -16.53
N TRP K 35 -10.66 20.30 -15.68
CA TRP K 35 -11.61 21.38 -15.54
C TRP K 35 -11.37 22.12 -14.22
N VAL K 36 -11.40 23.44 -14.27
CA VAL K 36 -11.11 24.29 -13.12
C VAL K 36 -12.15 25.39 -13.01
N LYS K 37 -12.60 25.65 -11.78
CA LYS K 37 -13.54 26.71 -11.47
C LYS K 37 -12.81 27.89 -10.87
N GLN K 38 -13.17 29.10 -11.30
CA GLN K 38 -12.70 30.33 -10.66
C GLN K 38 -13.88 31.27 -10.41
N SER K 39 -14.33 31.32 -9.16
CA SER K 39 -15.36 32.26 -8.76
C SER K 39 -14.76 33.67 -8.66
N HIS K 40 -15.51 34.65 -9.20
CA HIS K 40 -15.10 36.05 -9.28
C HIS K 40 -14.43 36.53 -8.00
N GLY K 41 -13.19 36.94 -8.10
CA GLY K 41 -12.35 37.29 -6.95
C GLY K 41 -11.61 36.11 -6.29
N LYS K 42 -12.31 34.98 -6.08
CA LYS K 42 -11.73 33.79 -5.48
C LYS K 42 -10.48 33.36 -6.25
N SER K 43 -9.76 32.41 -5.64
CA SER K 43 -8.69 31.72 -6.33
C SER K 43 -9.30 30.63 -7.20
N LEU K 44 -8.64 29.50 -7.29
CA LEU K 44 -8.97 28.48 -8.27
C LEU K 44 -9.35 27.20 -7.54
N GLU K 45 -10.31 26.47 -8.09
CA GLU K 45 -10.70 25.16 -7.58
C GLU K 45 -10.63 24.16 -8.71
N TRP K 46 -10.29 22.92 -8.38
CA TRP K 46 -10.22 21.84 -9.37
C TRP K 46 -11.52 21.04 -9.32
N ILE K 47 -12.09 20.79 -10.50
CA ILE K 47 -13.37 20.11 -10.63
C ILE K 47 -13.19 18.62 -10.88
N GLY K 48 -12.24 18.27 -11.73
CA GLY K 48 -12.10 16.91 -12.17
C GLY K 48 -11.43 16.88 -13.52
N SER K 49 -11.21 15.66 -14.01
CA SER K 49 -10.47 15.48 -15.24
C SER K 49 -10.98 14.24 -15.96
N ILE K 50 -10.71 14.19 -17.25
CA ILE K 50 -11.16 13.10 -18.08
C ILE K 50 -10.03 12.69 -18.99
N ASN K 51 -9.78 11.39 -19.07
CA ASN K 51 -8.89 10.84 -20.08
C ASN K 51 -9.70 10.61 -21.35
N PRO K 52 -9.43 11.32 -22.44
CA PRO K 52 -10.11 11.02 -23.71
C PRO K 52 -9.90 9.59 -24.19
N ASN K 53 -8.83 8.93 -23.75
CA ASN K 53 -8.47 7.65 -24.36
C ASN K 53 -9.45 6.56 -23.98
N ASN K 54 -9.88 6.53 -22.72
CA ASN K 54 -10.83 5.53 -22.27
C ASN K 54 -12.11 6.12 -21.71
N GLY K 55 -12.13 7.41 -21.39
CA GLY K 55 -13.28 8.01 -20.75
C GLY K 55 -13.22 8.00 -19.23
N ASP K 56 -12.23 7.33 -18.64
CA ASP K 56 -12.01 7.42 -17.20
C ASP K 56 -12.08 8.87 -16.76
N THR K 57 -12.81 9.12 -15.68
CA THR K 57 -12.99 10.45 -15.11
C THR K 57 -12.63 10.43 -13.63
N TYR K 58 -11.96 11.48 -13.19
CA TYR K 58 -11.48 11.63 -11.81
C TYR K 58 -12.03 12.93 -11.26
N TYR K 59 -13.03 12.84 -10.38
CA TYR K 59 -13.70 14.01 -9.82
C TYR K 59 -13.12 14.43 -8.47
N ASN K 60 -13.27 15.72 -8.17
CA ASN K 60 -13.10 16.23 -6.82
C ASN K 60 -14.41 16.03 -6.06
N GLN K 61 -14.33 15.42 -4.87
CA GLN K 61 -15.55 14.97 -4.20
C GLN K 61 -16.52 16.12 -4.04
N LYS K 62 -16.01 17.33 -3.84
CA LYS K 62 -16.85 18.53 -3.80
C LYS K 62 -17.77 18.66 -5.00
N PHE K 63 -17.39 18.11 -6.17
CA PHE K 63 -18.11 18.42 -7.38
C PHE K 63 -18.83 17.24 -7.99
N THR K 64 -18.69 16.04 -7.41
CA THR K 64 -19.58 14.94 -7.77
C THR K 64 -21.04 15.36 -7.62
N ASP K 65 -21.29 16.37 -6.77
CA ASP K 65 -22.60 17.02 -6.69
C ASP K 65 -23.10 17.52 -8.04
N LYS K 66 -22.22 18.15 -8.84
CA LYS K 66 -22.68 18.95 -9.96
C LYS K 66 -22.02 18.69 -11.30
N ALA K 67 -20.84 18.06 -11.34
CA ALA K 67 -20.05 17.99 -12.56
C ALA K 67 -20.11 16.61 -13.20
N THR K 68 -20.15 16.60 -14.53
CA THR K 68 -20.09 15.40 -15.35
C THR K 68 -19.27 15.69 -16.61
N LEU K 69 -18.19 14.92 -16.79
CA LEU K 69 -17.21 15.14 -17.86
C LEU K 69 -17.33 14.04 -18.90
N THR K 70 -17.38 14.44 -20.17
CA THR K 70 -17.46 13.51 -21.28
C THR K 70 -16.53 13.99 -22.39
N VAL K 71 -16.40 13.19 -23.44
CA VAL K 71 -15.65 13.59 -24.63
C VAL K 71 -16.44 13.19 -25.87
N ASP K 72 -16.31 13.99 -26.94
CA ASP K 72 -16.87 13.56 -28.21
C ASP K 72 -16.07 12.37 -28.76
N LYS K 73 -16.57 11.82 -29.87
CA LYS K 73 -16.11 10.50 -30.34
C LYS K 73 -14.65 10.53 -30.78
N SER K 74 -14.23 11.60 -31.43
CA SER K 74 -12.85 11.78 -31.88
C SER K 74 -11.91 12.25 -30.79
N SER K 75 -12.38 12.44 -29.55
CA SER K 75 -11.72 13.12 -28.43
C SER K 75 -11.42 14.59 -28.69
N THR K 76 -11.85 15.15 -29.83
CA THR K 76 -11.56 16.55 -30.17
C THR K 76 -12.27 17.51 -29.21
N THR K 77 -13.38 17.09 -28.62
CA THR K 77 -14.18 17.98 -27.78
C THR K 77 -14.47 17.31 -26.44
N ALA K 78 -14.18 18.04 -25.37
CA ALA K 78 -14.46 17.62 -24.01
C ALA K 78 -15.51 18.55 -23.42
N SER K 79 -16.55 17.98 -22.84
CA SER K 79 -17.71 18.73 -22.39
C SER K 79 -17.92 18.51 -20.91
N MET K 80 -18.39 19.54 -20.22
CA MET K 80 -18.66 19.43 -18.79
C MET K 80 -20.08 19.93 -18.50
N GLU K 81 -20.95 19.00 -18.14
CA GLU K 81 -22.32 19.35 -17.78
C GLU K 81 -22.37 19.69 -16.29
N LEU K 82 -23.12 20.74 -15.95
CA LEU K 82 -23.34 21.14 -14.56
C LEU K 82 -24.84 21.08 -14.30
N ARG K 83 -25.24 20.22 -13.38
CA ARG K 83 -26.66 19.94 -13.13
C ARG K 83 -27.17 20.74 -11.94
N SER K 84 -28.48 21.01 -11.97
CA SER K 84 -29.21 21.68 -10.87
C SER K 84 -28.48 22.92 -10.37
N LEU K 85 -28.32 23.88 -11.28
CA LEU K 85 -27.42 25.00 -11.03
C LEU K 85 -27.94 25.90 -9.92
N THR K 86 -27.01 26.53 -9.20
CA THR K 86 -27.35 27.45 -8.13
C THR K 86 -26.46 28.68 -8.24
N PHE K 87 -26.93 29.79 -7.64
CA PHE K 87 -26.20 31.04 -7.66
C PHE K 87 -24.75 30.87 -7.21
N GLU K 88 -24.42 29.83 -6.45
CA GLU K 88 -23.04 29.60 -6.06
C GLU K 88 -22.17 29.22 -7.27
N ASP K 89 -22.75 28.62 -8.30
CA ASP K 89 -21.96 28.15 -9.43
C ASP K 89 -21.69 29.23 -10.47
N SER K 90 -22.16 30.47 -10.27
CA SER K 90 -21.79 31.58 -11.14
C SER K 90 -20.28 31.79 -11.04
N ALA K 91 -19.53 31.30 -12.01
CA ALA K 91 -18.08 31.41 -11.98
C ALA K 91 -17.58 31.48 -13.42
N VAL K 92 -16.25 31.49 -13.57
CA VAL K 92 -15.60 31.20 -14.83
C VAL K 92 -15.04 29.79 -14.74
N TYR K 93 -15.25 29.00 -15.79
CA TYR K 93 -14.80 27.62 -15.84
C TYR K 93 -13.70 27.50 -16.87
N TYR K 94 -12.53 27.01 -16.45
CA TYR K 94 -11.42 26.77 -17.35
C TYR K 94 -11.28 25.29 -17.69
N CYS K 95 -10.70 25.07 -18.84
CA CYS K 95 -10.26 23.77 -19.30
C CYS K 95 -8.75 23.88 -19.48
N ALA K 96 -8.00 22.83 -19.16
CA ALA K 96 -6.56 22.90 -19.23
C ALA K 96 -5.98 21.53 -19.55
N MET K 97 -4.79 21.56 -20.12
CA MET K 97 -4.10 20.34 -20.55
C MET K 97 -3.50 19.58 -19.36
N GLY K 98 -3.43 18.25 -19.49
CA GLY K 98 -2.85 17.40 -18.48
C GLY K 98 -1.70 16.55 -18.99
N ASP K 99 -1.50 15.40 -18.36
CA ASP K 99 -0.45 14.40 -18.68
C ASP K 99 0.92 15.10 -18.62
N SER K 100 1.83 14.78 -19.54
CA SER K 100 3.14 15.39 -19.52
C SER K 100 3.09 16.86 -19.89
N ALA K 101 1.93 17.39 -20.26
CA ALA K 101 1.73 18.83 -20.37
C ALA K 101 0.64 19.30 -19.40
N TRP K 102 0.83 19.02 -18.11
CA TRP K 102 -0.17 19.38 -17.10
C TRP K 102 -0.15 20.88 -16.84
N PHE K 103 -1.32 21.50 -16.97
CA PHE K 103 -1.55 22.92 -16.81
C PHE K 103 -0.68 23.78 -17.71
N ALA K 104 -0.20 23.25 -18.83
CA ALA K 104 0.63 24.06 -19.72
C ALA K 104 -0.21 24.97 -20.60
N TYR K 105 -1.35 24.47 -21.10
CA TYR K 105 -2.27 25.24 -21.91
C TYR K 105 -3.64 25.23 -21.26
N TRP K 106 -4.29 26.37 -21.32
CA TRP K 106 -5.54 26.68 -20.65
C TRP K 106 -6.49 27.28 -21.68
N GLY K 107 -7.73 26.83 -21.66
CA GLY K 107 -8.77 27.52 -22.42
C GLY K 107 -8.92 28.95 -21.95
N GLN K 108 -9.86 29.69 -22.54
CA GLN K 108 -10.05 31.09 -22.19
C GLN K 108 -11.28 31.32 -21.33
N GLY K 109 -12.46 30.84 -21.77
CA GLY K 109 -13.73 31.11 -21.11
C GLY K 109 -13.76 30.24 -19.88
N THR K 110 -14.92 29.90 -19.32
CA THR K 110 -16.26 30.24 -19.79
C THR K 110 -17.01 30.84 -18.60
N LEU K 111 -17.69 31.97 -18.82
CA LEU K 111 -18.41 32.65 -17.75
C LEU K 111 -19.80 32.06 -17.66
N VAL K 112 -20.14 31.47 -16.52
CA VAL K 112 -21.49 30.98 -16.26
C VAL K 112 -22.13 31.92 -15.25
N THR K 113 -23.26 32.51 -15.62
CA THR K 113 -24.07 33.38 -14.77
C THR K 113 -25.37 32.64 -14.44
N VAL K 114 -25.56 32.26 -13.18
CA VAL K 114 -26.81 31.63 -12.77
C VAL K 114 -27.73 32.72 -12.22
N SER K 115 -28.85 32.96 -12.90
CA SER K 115 -29.81 33.98 -12.48
C SER K 115 -31.08 33.83 -13.31
N SER K 116 -32.22 34.18 -12.71
CA SER K 116 -33.46 34.16 -13.48
C SER K 116 -33.90 35.54 -13.97
N ALA K 117 -33.18 36.59 -13.58
CA ALA K 117 -33.46 37.91 -14.12
C ALA K 117 -33.31 37.89 -15.64
N LYS K 118 -34.16 38.65 -16.32
CA LYS K 118 -34.14 38.63 -17.78
C LYS K 118 -32.95 39.42 -18.31
N THR K 119 -32.53 39.07 -19.52
CA THR K 119 -31.54 39.89 -20.18
C THR K 119 -32.09 41.30 -20.35
N THR K 120 -31.19 42.27 -20.25
CA THR K 120 -31.47 43.67 -20.50
C THR K 120 -30.32 44.21 -21.33
N PRO K 121 -30.57 44.66 -22.56
CA PRO K 121 -29.49 45.19 -23.38
C PRO K 121 -29.04 46.57 -22.84
N PRO K 122 -27.81 46.94 -23.11
CA PRO K 122 -27.30 48.20 -22.53
C PRO K 122 -27.79 49.42 -23.28
N SER K 123 -27.64 50.58 -22.62
CA SER K 123 -27.79 51.88 -23.24
C SER K 123 -26.39 52.47 -23.42
N VAL K 124 -26.04 52.82 -24.66
CA VAL K 124 -24.69 53.27 -24.99
C VAL K 124 -24.71 54.75 -25.35
N TYR K 125 -24.03 55.58 -24.52
CA TYR K 125 -23.97 57.03 -24.66
C TYR K 125 -22.55 57.49 -24.98
N PRO K 126 -22.37 58.42 -25.92
CA PRO K 126 -21.01 58.89 -26.25
C PRO K 126 -20.52 59.87 -25.21
N LEU K 127 -19.20 59.87 -25.02
CA LEU K 127 -18.54 60.80 -24.08
C LEU K 127 -17.50 61.55 -24.89
N ALA K 128 -17.89 62.71 -25.39
CA ALA K 128 -17.14 63.75 -26.06
C ALA K 128 -16.83 64.87 -25.07
N PRO K 129 -15.68 65.51 -25.19
CA PRO K 129 -15.19 66.39 -24.13
C PRO K 129 -15.97 67.70 -24.04
N GLY K 130 -15.70 68.45 -22.97
CA GLY K 130 -16.29 69.76 -22.75
C GLY K 130 -17.80 69.67 -22.79
N SER K 131 -18.52 70.79 -22.91
CA SER K 131 -17.93 72.11 -23.05
C SER K 131 -17.74 72.78 -21.68
N ASN K 136 -3.93 68.56 -22.81
CA ASN K 136 -3.02 69.08 -23.82
C ASN K 136 -2.16 67.94 -24.38
N SER K 137 -1.89 68.02 -25.70
CA SER K 137 -1.12 67.07 -26.53
C SER K 137 -1.97 65.92 -27.06
N MET K 138 -2.86 65.35 -26.24
CA MET K 138 -3.73 64.26 -26.68
C MET K 138 -5.17 64.56 -26.23
N VAL K 139 -6.13 63.78 -26.78
CA VAL K 139 -7.54 63.89 -26.41
C VAL K 139 -8.03 62.54 -25.90
N THR K 140 -8.94 62.60 -24.93
CA THR K 140 -9.50 61.44 -24.26
C THR K 140 -11.00 61.39 -24.50
N LEU K 141 -11.49 60.22 -24.93
CA LEU K 141 -12.89 60.00 -25.30
C LEU K 141 -13.41 58.76 -24.59
N GLY K 142 -14.72 58.70 -24.37
CA GLY K 142 -15.28 57.62 -23.59
C GLY K 142 -16.56 57.09 -24.20
N CYS K 143 -16.91 55.87 -23.79
CA CYS K 143 -18.24 55.33 -23.98
C CYS K 143 -18.80 54.99 -22.61
N LEU K 144 -20.05 55.36 -22.38
CA LEU K 144 -20.77 54.94 -21.17
C LEU K 144 -21.81 53.90 -21.55
N VAL K 145 -21.70 52.70 -20.96
CA VAL K 145 -22.52 51.55 -21.33
C VAL K 145 -23.35 51.20 -20.11
N LYS K 146 -24.63 51.54 -20.14
CA LYS K 146 -25.42 51.68 -18.91
C LYS K 146 -26.59 50.71 -18.84
N GLY K 147 -26.72 50.05 -17.70
CA GLY K 147 -27.87 49.25 -17.39
C GLY K 147 -28.08 48.08 -18.31
N TYR K 148 -27.25 47.06 -18.16
CA TYR K 148 -27.48 45.81 -18.87
C TYR K 148 -27.43 44.64 -17.89
N PHE K 149 -27.86 43.48 -18.39
CA PHE K 149 -27.74 42.20 -17.71
C PHE K 149 -27.93 41.11 -18.74
N PRO K 150 -27.17 40.01 -18.68
CA PRO K 150 -26.08 39.82 -17.71
C PRO K 150 -24.74 40.25 -18.28
N GLU K 151 -23.68 39.99 -17.53
CA GLU K 151 -22.35 40.00 -18.09
C GLU K 151 -22.26 38.87 -19.11
N PRO K 152 -21.39 38.99 -20.12
CA PRO K 152 -20.45 40.09 -20.32
C PRO K 152 -20.84 41.07 -21.41
N VAL K 153 -20.04 42.11 -21.49
CA VAL K 153 -20.13 43.14 -22.52
C VAL K 153 -18.73 43.41 -23.01
N THR K 154 -18.57 43.56 -24.32
CA THR K 154 -17.27 43.86 -24.87
C THR K 154 -17.36 45.20 -25.59
N VAL K 155 -16.21 45.89 -25.61
CA VAL K 155 -16.06 47.25 -26.10
C VAL K 155 -14.81 47.27 -26.95
N THR K 156 -14.88 47.85 -28.13
CA THR K 156 -13.72 48.00 -28.99
C THR K 156 -13.75 49.41 -29.52
N TRP K 157 -12.57 49.89 -29.94
CA TRP K 157 -12.44 51.24 -30.48
C TRP K 157 -11.92 51.17 -31.91
N ASN K 158 -12.75 51.62 -32.85
CA ASN K 158 -12.54 51.45 -34.29
C ASN K 158 -12.28 49.98 -34.64
N SER K 159 -13.22 49.14 -34.23
CA SER K 159 -13.21 47.71 -34.47
C SER K 159 -11.95 47.04 -33.94
N GLY K 160 -11.13 47.76 -33.19
CA GLY K 160 -9.92 47.20 -32.63
C GLY K 160 -8.64 47.79 -33.16
N SER K 161 -8.73 48.76 -34.08
CA SER K 161 -7.56 49.47 -34.56
C SER K 161 -6.92 50.31 -33.48
N LEU K 162 -7.70 50.68 -32.45
CA LEU K 162 -7.20 51.40 -31.29
C LEU K 162 -7.19 50.47 -30.09
N SER K 163 -6.02 50.30 -29.49
CA SER K 163 -5.91 49.57 -28.22
C SER K 163 -4.86 50.14 -27.26
N SER K 164 -3.87 50.91 -27.72
CA SER K 164 -2.78 51.31 -26.84
C SER K 164 -3.19 52.36 -25.82
N GLY K 165 -4.30 53.05 -26.04
CA GLY K 165 -4.72 54.08 -25.11
C GLY K 165 -6.11 53.83 -24.52
N VAL K 166 -6.44 52.56 -24.35
CA VAL K 166 -7.77 52.15 -23.91
C VAL K 166 -7.70 51.71 -22.45
N HIS K 167 -8.63 52.24 -21.66
CA HIS K 167 -8.98 51.71 -20.35
C HIS K 167 -10.46 51.40 -20.39
N THR K 168 -10.81 50.12 -20.26
CA THR K 168 -12.19 49.66 -20.11
C THR K 168 -12.41 49.28 -18.66
N PHE K 169 -13.39 49.94 -17.97
CA PHE K 169 -13.40 49.75 -16.54
C PHE K 169 -14.32 48.59 -16.15
N PRO K 170 -14.00 47.92 -15.06
CA PRO K 170 -14.83 46.80 -14.61
C PRO K 170 -16.27 47.24 -14.43
N ALA K 171 -17.21 46.40 -14.86
CA ALA K 171 -18.60 46.72 -14.62
C ALA K 171 -18.89 46.71 -13.13
N VAL K 172 -19.85 47.54 -12.72
CA VAL K 172 -20.32 47.57 -11.34
C VAL K 172 -21.80 47.21 -11.36
N LEU K 173 -22.20 46.26 -10.50
CA LEU K 173 -23.60 45.82 -10.46
C LEU K 173 -24.35 46.72 -9.49
N GLN K 174 -25.02 47.70 -10.06
CA GLN K 174 -25.79 48.67 -9.32
C GLN K 174 -27.25 48.29 -9.47
N SER K 175 -27.84 47.73 -8.42
CA SER K 175 -29.29 47.57 -8.33
C SER K 175 -29.87 46.87 -9.56
N ASP K 176 -29.46 45.60 -9.70
CA ASP K 176 -30.00 44.64 -10.66
C ASP K 176 -29.52 44.88 -12.08
N LEU K 177 -28.62 45.83 -12.31
CA LEU K 177 -28.10 46.10 -13.64
C LEU K 177 -26.64 46.54 -13.55
N TYR K 178 -25.87 46.20 -14.57
CA TYR K 178 -24.47 46.57 -14.63
C TYR K 178 -24.27 47.87 -15.40
N THR K 179 -23.20 48.57 -15.05
CA THR K 179 -22.75 49.75 -15.78
C THR K 179 -21.24 49.66 -15.88
N LEU K 180 -20.69 49.99 -17.04
CA LEU K 180 -19.26 50.17 -17.13
C LEU K 180 -18.98 51.31 -18.08
N SER K 181 -17.71 51.67 -18.17
CA SER K 181 -17.28 52.75 -19.03
C SER K 181 -15.89 52.45 -19.55
N SER K 182 -15.67 52.82 -20.79
CA SER K 182 -14.41 52.68 -21.48
C SER K 182 -13.96 54.07 -21.86
N SER K 183 -12.67 54.37 -21.66
CA SER K 183 -12.11 55.60 -22.17
C SER K 183 -11.07 55.23 -23.22
N VAL K 184 -10.79 56.17 -24.11
CA VAL K 184 -9.75 55.99 -25.12
C VAL K 184 -8.97 57.29 -25.21
N THR K 185 -7.68 57.21 -25.47
CA THR K 185 -6.91 58.43 -25.62
C THR K 185 -6.20 58.41 -26.95
N VAL K 186 -6.53 59.38 -27.79
CA VAL K 186 -6.02 59.49 -29.15
C VAL K 186 -5.10 60.70 -29.24
N PRO K 187 -4.15 60.72 -30.18
CA PRO K 187 -3.40 61.95 -30.46
C PRO K 187 -4.35 63.06 -30.87
N SER K 188 -4.03 64.29 -30.47
CA SER K 188 -5.01 65.38 -30.54
C SER K 188 -5.41 65.72 -31.98
N SER K 189 -4.56 65.41 -32.96
CA SER K 189 -4.91 65.60 -34.35
C SER K 189 -5.89 64.54 -34.84
N THR K 190 -5.70 63.28 -34.40
CA THR K 190 -6.50 62.14 -34.85
C THR K 190 -8.00 62.43 -34.76
N TRP K 191 -8.42 63.17 -33.74
CA TRP K 191 -9.82 63.53 -33.53
C TRP K 191 -9.97 65.02 -33.30
N PRO K 192 -10.99 65.65 -33.90
CA PRO K 192 -12.04 65.03 -34.71
C PRO K 192 -11.73 64.86 -36.22
N SER K 193 -10.49 65.15 -36.62
CA SER K 193 -10.15 65.07 -38.04
C SER K 193 -10.54 63.71 -38.62
N GLU K 194 -10.13 62.63 -37.96
CA GLU K 194 -10.56 61.28 -38.30
C GLU K 194 -11.51 60.73 -37.23
N THR K 195 -12.30 59.74 -37.62
CA THR K 195 -13.49 59.33 -36.87
C THR K 195 -13.14 58.30 -35.79
N VAL K 196 -13.93 58.33 -34.71
CA VAL K 196 -13.68 57.54 -33.51
C VAL K 196 -15.00 56.94 -33.03
N THR K 197 -15.10 55.61 -33.08
CA THR K 197 -16.31 54.89 -32.70
C THR K 197 -15.96 53.86 -31.63
N CYS K 198 -16.84 53.68 -30.67
CA CYS K 198 -16.74 52.51 -29.83
C CYS K 198 -17.76 51.49 -30.31
N ASN K 199 -17.38 50.22 -30.28
CA ASN K 199 -18.24 49.14 -30.73
C ASN K 199 -18.58 48.32 -29.50
N VAL K 200 -19.84 48.37 -29.08
CA VAL K 200 -20.30 47.69 -27.88
C VAL K 200 -21.12 46.47 -28.33
N ALA K 201 -20.80 45.30 -27.78
CA ALA K 201 -21.51 44.07 -28.08
C ALA K 201 -21.95 43.42 -26.78
N HIS K 202 -23.21 42.96 -26.76
CA HIS K 202 -23.83 42.30 -25.61
C HIS K 202 -24.49 41.00 -26.04
N PRO K 203 -23.77 39.88 -26.04
CA PRO K 203 -24.29 38.64 -26.64
C PRO K 203 -25.61 38.12 -26.07
N ALA K 204 -25.82 38.17 -24.76
CA ALA K 204 -27.04 37.56 -24.22
C ALA K 204 -28.31 38.23 -24.74
N SER K 205 -28.22 39.50 -25.12
CA SER K 205 -29.35 40.21 -25.71
C SER K 205 -29.22 40.41 -27.23
N SER K 206 -28.25 39.74 -27.86
CA SER K 206 -27.97 39.90 -29.28
C SER K 206 -27.88 41.37 -29.68
N THR K 207 -27.26 42.18 -28.82
CA THR K 207 -27.13 43.62 -29.05
C THR K 207 -25.75 43.95 -29.56
N LYS K 208 -25.70 44.87 -30.53
CA LYS K 208 -24.44 45.41 -31.03
C LYS K 208 -24.68 46.88 -31.33
N VAL K 209 -23.93 47.76 -30.69
CA VAL K 209 -24.02 49.20 -30.91
C VAL K 209 -22.65 49.69 -31.35
N ASP K 210 -22.65 50.67 -32.26
CA ASP K 210 -21.44 51.33 -32.76
C ASP K 210 -21.73 52.83 -32.70
N LYS K 211 -21.48 53.43 -31.53
CA LYS K 211 -21.72 54.85 -31.31
C LYS K 211 -20.46 55.61 -31.72
N LYS K 212 -20.63 56.57 -32.63
CA LYS K 212 -19.55 57.42 -33.07
C LYS K 212 -19.47 58.62 -32.15
N ILE K 213 -18.26 59.06 -31.85
CA ILE K 213 -18.02 60.17 -30.93
C ILE K 213 -17.89 61.45 -31.74
N VAL K 214 -18.92 62.31 -31.65
CA VAL K 214 -18.95 63.61 -32.33
C VAL K 214 -18.61 64.72 -31.36
N PRO K 215 -17.83 65.72 -31.76
CA PRO K 215 -17.62 66.89 -30.89
C PRO K 215 -18.94 67.60 -30.58
N ARG K 216 -18.89 68.47 -29.58
CA ARG K 216 -20.10 68.87 -28.86
C ARG K 216 -20.77 70.10 -29.49
N ASP K 217 -21.98 70.36 -28.99
CA ASP K 217 -22.84 71.45 -29.45
C ASP K 217 -22.43 72.79 -28.86
N THR L 25 5.74 8.20 -14.79
CA THR L 25 4.70 7.33 -14.20
C THR L 25 3.60 8.16 -13.56
N SER L 26 3.12 9.21 -14.29
CA SER L 26 2.18 10.23 -13.81
C SER L 26 1.07 9.65 -12.93
N PRO L 27 0.58 10.41 -11.95
CA PRO L 27 -0.66 10.04 -11.29
C PRO L 27 -1.79 9.92 -12.30
N ARG L 28 -2.68 8.96 -12.07
CA ARG L 28 -3.71 8.65 -13.06
C ARG L 28 -4.64 9.84 -13.30
N HIS L 29 -5.00 10.57 -12.26
CA HIS L 29 -5.88 11.73 -12.43
C HIS L 29 -5.20 12.86 -13.18
N LEU L 30 -3.86 12.94 -13.10
CA LEU L 30 -3.12 14.09 -13.66
C LEU L 30 -3.12 14.04 -15.23
N NH2 L 31 -2.71 15.13 -15.91
P PO4 M . 18.52 -53.02 24.32
O1 PO4 M . 19.69 -52.84 23.36
O2 PO4 M . 18.53 -51.93 25.38
O3 PO4 M . 17.16 -52.92 23.66
O4 PO4 M . 18.67 -54.40 24.93
P PO4 N . -30.32 53.62 14.27
O1 PO4 N . -31.17 54.00 15.46
O2 PO4 N . -28.96 54.30 14.42
O3 PO4 N . -30.19 52.12 14.27
O4 PO4 N . -30.96 54.05 12.95
P PO4 O . 6.43 -13.75 -22.05
O1 PO4 O . 6.71 -12.99 -23.34
O2 PO4 O . 5.57 -12.86 -21.17
O3 PO4 O . 5.74 -15.07 -22.39
O4 PO4 O . 7.74 -14.06 -21.34
P PO4 P . 5.04 13.13 -16.40
O1 PO4 P . 6.27 13.91 -16.84
O2 PO4 P . 4.10 14.05 -15.67
O3 PO4 P . 4.32 12.67 -17.66
O4 PO4 P . 5.40 11.94 -15.49
#